data_3DVE
# 
_entry.id   3DVE 
# 
_audit_conform.dict_name       mmcif_pdbx.dic 
_audit_conform.dict_version    5.387 
_audit_conform.dict_location   http://mmcif.pdb.org/dictionaries/ascii/mmcif_pdbx.dic 
# 
loop_
_database_2.database_id 
_database_2.database_code 
_database_2.pdbx_database_accession 
_database_2.pdbx_DOI 
PDB   3DVE         pdb_00003dve 10.2210/pdb3dve/pdb 
RCSB  RCSB048536   ?            ?                   
WWPDB D_1000048536 ?            ?                   
# 
loop_
_pdbx_audit_revision_history.ordinal 
_pdbx_audit_revision_history.data_content_type 
_pdbx_audit_revision_history.major_revision 
_pdbx_audit_revision_history.minor_revision 
_pdbx_audit_revision_history.revision_date 
1 'Structure model' 1 0 2008-11-04 
2 'Structure model' 1 1 2011-07-13 
3 'Structure model' 1 2 2017-10-25 
4 'Structure model' 1 3 2024-02-21 
# 
_pdbx_audit_revision_details.ordinal             1 
_pdbx_audit_revision_details.revision_ordinal    1 
_pdbx_audit_revision_details.data_content_type   'Structure model' 
_pdbx_audit_revision_details.provider            repository 
_pdbx_audit_revision_details.type                'Initial release' 
_pdbx_audit_revision_details.description         ? 
_pdbx_audit_revision_details.details             ? 
# 
loop_
_pdbx_audit_revision_group.ordinal 
_pdbx_audit_revision_group.revision_ordinal 
_pdbx_audit_revision_group.data_content_type 
_pdbx_audit_revision_group.group 
1 2 'Structure model' Advisory                    
2 2 'Structure model' 'Version format compliance' 
3 3 'Structure model' 'Refinement description'    
4 4 'Structure model' 'Data collection'           
5 4 'Structure model' 'Database references'       
6 4 'Structure model' 'Derived calculations'      
# 
loop_
_pdbx_audit_revision_category.ordinal 
_pdbx_audit_revision_category.revision_ordinal 
_pdbx_audit_revision_category.data_content_type 
_pdbx_audit_revision_category.category 
1 3 'Structure model' software           
2 4 'Structure model' chem_comp_atom     
3 4 'Structure model' chem_comp_bond     
4 4 'Structure model' database_2         
5 4 'Structure model' struct_ref_seq_dif 
6 4 'Structure model' struct_site        
# 
loop_
_pdbx_audit_revision_item.ordinal 
_pdbx_audit_revision_item.revision_ordinal 
_pdbx_audit_revision_item.data_content_type 
_pdbx_audit_revision_item.item 
1 4 'Structure model' '_database_2.pdbx_DOI'                
2 4 'Structure model' '_database_2.pdbx_database_accession' 
3 4 'Structure model' '_struct_ref_seq_dif.details'         
4 4 'Structure model' '_struct_site.pdbx_auth_asym_id'      
5 4 'Structure model' '_struct_site.pdbx_auth_comp_id'      
6 4 'Structure model' '_struct_site.pdbx_auth_seq_id'       
# 
_pdbx_database_status.entry_id                        3DVE 
_pdbx_database_status.deposit_site                    RCSB 
_pdbx_database_status.process_site                    RCSB 
_pdbx_database_status.recvd_initial_deposition_date   2008-07-18 
_pdbx_database_status.status_code                     REL 
_pdbx_database_status.status_code_sf                  REL 
_pdbx_database_status.status_code_mr                  ? 
_pdbx_database_status.SG_entry                        ? 
_pdbx_database_status.pdb_format_compatible           Y 
_pdbx_database_status.status_code_cs                  ? 
_pdbx_database_status.methods_development_category    ? 
_pdbx_database_status.status_code_nmr_data            ? 
# 
loop_
_pdbx_database_related.db_name 
_pdbx_database_related.db_id 
_pdbx_database_related.details 
_pdbx_database_related.content_type 
PDB 3DVJ . unspecified 
PDB 3DVK . unspecified 
PDB 3DVM . unspecified 
# 
loop_
_audit_author.name 
_audit_author.pdbx_ordinal 
'Kim, E.Y.'       1 
'Rumpf, C.H.'     2 
'Fujiwara, Y.'    3 
'Cooley, E.S.'    4 
'Van Petegem, F.' 5 
'Minor, D.L.'     6 
# 
_citation.id                        primary 
_citation.title                     
;Structures of Ca(V)2 Ca(2+)/CaM-IQ Domain Complexes Reveal Binding Modes that Underlie Calcium-Dependent Inactivation and Facilitation.
;
_citation.journal_abbrev            Structure 
_citation.journal_volume            16 
_citation.page_first                1455 
_citation.page_last                 1467 
_citation.year                      2008 
_citation.journal_id_ASTM           STRUE6 
_citation.country                   UK 
_citation.journal_id_ISSN           0969-2126 
_citation.journal_id_CSD            2005 
_citation.book_publisher            ? 
_citation.pdbx_database_id_PubMed   18940602 
_citation.pdbx_database_id_DOI      10.1016/j.str.2008.07.010 
# 
loop_
_citation_author.citation_id 
_citation_author.name 
_citation_author.ordinal 
_citation_author.identifier_ORCID 
primary 'Kim, E.Y.'       1 ? 
primary 'Rumpf, C.H.'     2 ? 
primary 'Fujiwara, Y.'    3 ? 
primary 'Cooley, E.S.'    4 ? 
primary 'Van Petegem, F.' 5 ? 
primary 'Minor, D.L.'     6 ? 
# 
loop_
_entity.id 
_entity.type 
_entity.src_method 
_entity.pdbx_description 
_entity.formula_weight 
_entity.pdbx_number_of_molecules 
_entity.pdbx_ec 
_entity.pdbx_mutation 
_entity.pdbx_fragment 
_entity.details 
1 polymer     man Calmodulin                                                  16721.350 1  ? ? ?                        ? 
2 polymer     man 'Voltage-dependent N-type calcium channel subunit alpha-1B' 2769.225  1  ? ? 'UNP residues 1855-1875' ? 
3 non-polymer syn 'CALCIUM ION'                                               40.078    4  ? ? ?                        ? 
4 non-polymer syn 'NICKEL (II) ION'                                           58.693    1  ? ? ?                        ? 
5 water       nat water                                                       18.015    78 ? ? ?                        ? 
# 
loop_
_entity_name_com.entity_id 
_entity_name_com.name 
1 CaM 
2 
;Voltage-gated calcium channel subunit alpha Cav2.2, Calcium channel, L type, alpha-1 polypeptide isoform 5, Brain calcium channel III, BIII
;
# 
loop_
_entity_poly.entity_id 
_entity_poly.type 
_entity_poly.nstd_linkage 
_entity_poly.nstd_monomer 
_entity_poly.pdbx_seq_one_letter_code 
_entity_poly.pdbx_seq_one_letter_code_can 
_entity_poly.pdbx_strand_id 
_entity_poly.pdbx_target_identifier 
1 'polypeptide(L)' no no 
;ADQLTEEQIAEFKEAFSLFDKDGDGTITTKELGTVMRSLGQNPTEAELQDMINEVDADGNGTIDFPEFLTMMARKMKDTD
SEEEIREAFRVFDKDGNGYISAAELRHVMTNLGEKLTDEEVDEMIREADIDGDGQVNYEEFVQMMTAK
;
;ADQLTEEQIAEFKEAFSLFDKDGDGTITTKELGTVMRSLGQNPTEAELQDMINEVDADGNGTIDFPEFLTMMARKMKDTD
SEEEIREAFRVFDKDGNGYISAAELRHVMTNLGEKLTDEEVDEMIREADIDGDGQVNYEEFVQMMTAK
;
A ? 
2 'polypeptide(L)' no no HMGKVYAALMIFDFYKQNKTSRD HMGKVYAALMIFDFYKQNKTSRD B ? 
# 
loop_
_pdbx_entity_nonpoly.entity_id 
_pdbx_entity_nonpoly.name 
_pdbx_entity_nonpoly.comp_id 
3 'CALCIUM ION'     CA  
4 'NICKEL (II) ION' NI  
5 water             HOH 
# 
loop_
_entity_poly_seq.entity_id 
_entity_poly_seq.num 
_entity_poly_seq.mon_id 
_entity_poly_seq.hetero 
1 1   ALA n 
1 2   ASP n 
1 3   GLN n 
1 4   LEU n 
1 5   THR n 
1 6   GLU n 
1 7   GLU n 
1 8   GLN n 
1 9   ILE n 
1 10  ALA n 
1 11  GLU n 
1 12  PHE n 
1 13  LYS n 
1 14  GLU n 
1 15  ALA n 
1 16  PHE n 
1 17  SER n 
1 18  LEU n 
1 19  PHE n 
1 20  ASP n 
1 21  LYS n 
1 22  ASP n 
1 23  GLY n 
1 24  ASP n 
1 25  GLY n 
1 26  THR n 
1 27  ILE n 
1 28  THR n 
1 29  THR n 
1 30  LYS n 
1 31  GLU n 
1 32  LEU n 
1 33  GLY n 
1 34  THR n 
1 35  VAL n 
1 36  MET n 
1 37  ARG n 
1 38  SER n 
1 39  LEU n 
1 40  GLY n 
1 41  GLN n 
1 42  ASN n 
1 43  PRO n 
1 44  THR n 
1 45  GLU n 
1 46  ALA n 
1 47  GLU n 
1 48  LEU n 
1 49  GLN n 
1 50  ASP n 
1 51  MET n 
1 52  ILE n 
1 53  ASN n 
1 54  GLU n 
1 55  VAL n 
1 56  ASP n 
1 57  ALA n 
1 58  ASP n 
1 59  GLY n 
1 60  ASN n 
1 61  GLY n 
1 62  THR n 
1 63  ILE n 
1 64  ASP n 
1 65  PHE n 
1 66  PRO n 
1 67  GLU n 
1 68  PHE n 
1 69  LEU n 
1 70  THR n 
1 71  MET n 
1 72  MET n 
1 73  ALA n 
1 74  ARG n 
1 75  LYS n 
1 76  MET n 
1 77  LYS n 
1 78  ASP n 
1 79  THR n 
1 80  ASP n 
1 81  SER n 
1 82  GLU n 
1 83  GLU n 
1 84  GLU n 
1 85  ILE n 
1 86  ARG n 
1 87  GLU n 
1 88  ALA n 
1 89  PHE n 
1 90  ARG n 
1 91  VAL n 
1 92  PHE n 
1 93  ASP n 
1 94  LYS n 
1 95  ASP n 
1 96  GLY n 
1 97  ASN n 
1 98  GLY n 
1 99  TYR n 
1 100 ILE n 
1 101 SER n 
1 102 ALA n 
1 103 ALA n 
1 104 GLU n 
1 105 LEU n 
1 106 ARG n 
1 107 HIS n 
1 108 VAL n 
1 109 MET n 
1 110 THR n 
1 111 ASN n 
1 112 LEU n 
1 113 GLY n 
1 114 GLU n 
1 115 LYS n 
1 116 LEU n 
1 117 THR n 
1 118 ASP n 
1 119 GLU n 
1 120 GLU n 
1 121 VAL n 
1 122 ASP n 
1 123 GLU n 
1 124 MET n 
1 125 ILE n 
1 126 ARG n 
1 127 GLU n 
1 128 ALA n 
1 129 ASP n 
1 130 ILE n 
1 131 ASP n 
1 132 GLY n 
1 133 ASP n 
1 134 GLY n 
1 135 GLN n 
1 136 VAL n 
1 137 ASN n 
1 138 TYR n 
1 139 GLU n 
1 140 GLU n 
1 141 PHE n 
1 142 VAL n 
1 143 GLN n 
1 144 MET n 
1 145 MET n 
1 146 THR n 
1 147 ALA n 
1 148 LYS n 
2 1   HIS n 
2 2   MET n 
2 3   GLY n 
2 4   LYS n 
2 5   VAL n 
2 6   TYR n 
2 7   ALA n 
2 8   ALA n 
2 9   LEU n 
2 10  MET n 
2 11  ILE n 
2 12  PHE n 
2 13  ASP n 
2 14  PHE n 
2 15  TYR n 
2 16  LYS n 
2 17  GLN n 
2 18  ASN n 
2 19  LYS n 
2 20  THR n 
2 21  SER n 
2 22  ARG n 
2 23  ASP n 
# 
loop_
_entity_src_gen.entity_id 
_entity_src_gen.pdbx_src_id 
_entity_src_gen.pdbx_alt_source_flag 
_entity_src_gen.pdbx_seq_type 
_entity_src_gen.pdbx_beg_seq_num 
_entity_src_gen.pdbx_end_seq_num 
_entity_src_gen.gene_src_common_name 
_entity_src_gen.gene_src_genus 
_entity_src_gen.pdbx_gene_src_gene 
_entity_src_gen.gene_src_species 
_entity_src_gen.gene_src_strain 
_entity_src_gen.gene_src_tissue 
_entity_src_gen.gene_src_tissue_fraction 
_entity_src_gen.gene_src_details 
_entity_src_gen.pdbx_gene_src_fragment 
_entity_src_gen.pdbx_gene_src_scientific_name 
_entity_src_gen.pdbx_gene_src_ncbi_taxonomy_id 
_entity_src_gen.pdbx_gene_src_variant 
_entity_src_gen.pdbx_gene_src_cell_line 
_entity_src_gen.pdbx_gene_src_atcc 
_entity_src_gen.pdbx_gene_src_organ 
_entity_src_gen.pdbx_gene_src_organelle 
_entity_src_gen.pdbx_gene_src_cell 
_entity_src_gen.pdbx_gene_src_cellular_location 
_entity_src_gen.host_org_common_name 
_entity_src_gen.pdbx_host_org_scientific_name 
_entity_src_gen.pdbx_host_org_ncbi_taxonomy_id 
_entity_src_gen.host_org_genus 
_entity_src_gen.pdbx_host_org_gene 
_entity_src_gen.pdbx_host_org_organ 
_entity_src_gen.host_org_species 
_entity_src_gen.pdbx_host_org_tissue 
_entity_src_gen.pdbx_host_org_tissue_fraction 
_entity_src_gen.pdbx_host_org_strain 
_entity_src_gen.pdbx_host_org_variant 
_entity_src_gen.pdbx_host_org_cell_line 
_entity_src_gen.pdbx_host_org_atcc 
_entity_src_gen.pdbx_host_org_culture_collection 
_entity_src_gen.pdbx_host_org_cell 
_entity_src_gen.pdbx_host_org_organelle 
_entity_src_gen.pdbx_host_org_cellular_location 
_entity_src_gen.pdbx_host_org_vector_type 
_entity_src_gen.pdbx_host_org_vector 
_entity_src_gen.host_org_details 
_entity_src_gen.expression_system_id 
_entity_src_gen.plasmid_name 
_entity_src_gen.plasmid_details 
_entity_src_gen.pdbx_description 
1 1 sample ? ? ? human  ? 'CALM1, CALM, CAM, CAM1, CALM2, CAM2, CAMB, CALM3, CALML2, CAM3, CAMC, CAMIII' ? ? ? ? ? ? 
'Homo sapiens'          9606 ? ? ? ? ? ? ? ? 'Escherichia coli' 562 ? ? ? ? ? ? 'BL21(DE3)-pLysS' ? ? ? ? ? ? ? plasmid ? ? ? 
pEGST      ? ? 
2 1 sample ? ? ? rabbit ? 'CACNA1B, CACH5, CACNL1A5'                                                     ? ? ? ? ? ? 
'Oryctolagus cuniculus' 9986 ? ? ? ? ? ? ? ? 'Escherichia coli' 562 ? ? ? ? ? ? 'BL21(DE3)-pLysS' ? ? ? ? ? ? ? plasmid ? ? ? 
pET28b-HMT ? ? 
# 
loop_
_chem_comp.id 
_chem_comp.type 
_chem_comp.mon_nstd_flag 
_chem_comp.name 
_chem_comp.pdbx_synonyms 
_chem_comp.formula 
_chem_comp.formula_weight 
ALA 'L-peptide linking' y ALANINE           ? 'C3 H7 N O2'     89.093  
ARG 'L-peptide linking' y ARGININE          ? 'C6 H15 N4 O2 1' 175.209 
ASN 'L-peptide linking' y ASPARAGINE        ? 'C4 H8 N2 O3'    132.118 
ASP 'L-peptide linking' y 'ASPARTIC ACID'   ? 'C4 H7 N O4'     133.103 
CA  non-polymer         . 'CALCIUM ION'     ? 'Ca 2'           40.078  
GLN 'L-peptide linking' y GLUTAMINE         ? 'C5 H10 N2 O3'   146.144 
GLU 'L-peptide linking' y 'GLUTAMIC ACID'   ? 'C5 H9 N O4'     147.129 
GLY 'peptide linking'   y GLYCINE           ? 'C2 H5 N O2'     75.067  
HIS 'L-peptide linking' y HISTIDINE         ? 'C6 H10 N3 O2 1' 156.162 
HOH non-polymer         . WATER             ? 'H2 O'           18.015  
ILE 'L-peptide linking' y ISOLEUCINE        ? 'C6 H13 N O2'    131.173 
LEU 'L-peptide linking' y LEUCINE           ? 'C6 H13 N O2'    131.173 
LYS 'L-peptide linking' y LYSINE            ? 'C6 H15 N2 O2 1' 147.195 
MET 'L-peptide linking' y METHIONINE        ? 'C5 H11 N O2 S'  149.211 
NI  non-polymer         . 'NICKEL (II) ION' ? 'Ni 2'           58.693  
PHE 'L-peptide linking' y PHENYLALANINE     ? 'C9 H11 N O2'    165.189 
PRO 'L-peptide linking' y PROLINE           ? 'C5 H9 N O2'     115.130 
SER 'L-peptide linking' y SERINE            ? 'C3 H7 N O3'     105.093 
THR 'L-peptide linking' y THREONINE         ? 'C4 H9 N O3'     119.119 
TYR 'L-peptide linking' y TYROSINE          ? 'C9 H11 N O3'    181.189 
VAL 'L-peptide linking' y VALINE            ? 'C5 H11 N O2'    117.146 
# 
loop_
_pdbx_poly_seq_scheme.asym_id 
_pdbx_poly_seq_scheme.entity_id 
_pdbx_poly_seq_scheme.seq_id 
_pdbx_poly_seq_scheme.mon_id 
_pdbx_poly_seq_scheme.ndb_seq_num 
_pdbx_poly_seq_scheme.pdb_seq_num 
_pdbx_poly_seq_scheme.auth_seq_num 
_pdbx_poly_seq_scheme.pdb_mon_id 
_pdbx_poly_seq_scheme.auth_mon_id 
_pdbx_poly_seq_scheme.pdb_strand_id 
_pdbx_poly_seq_scheme.pdb_ins_code 
_pdbx_poly_seq_scheme.hetero 
A 1 1   ALA 1   1    ?    ?   ?   A . n 
A 1 2   ASP 2   2    ?    ?   ?   A . n 
A 1 3   GLN 3   3    ?    ?   ?   A . n 
A 1 4   LEU 4   4    4    LEU LEU A . n 
A 1 5   THR 5   5    5    THR THR A . n 
A 1 6   GLU 6   6    6    GLU GLU A . n 
A 1 7   GLU 7   7    7    GLU GLU A . n 
A 1 8   GLN 8   8    8    GLN GLN A . n 
A 1 9   ILE 9   9    9    ILE ILE A . n 
A 1 10  ALA 10  10   10   ALA ALA A . n 
A 1 11  GLU 11  11   11   GLU GLU A . n 
A 1 12  PHE 12  12   12   PHE PHE A . n 
A 1 13  LYS 13  13   13   LYS LYS A . n 
A 1 14  GLU 14  14   14   GLU GLU A . n 
A 1 15  ALA 15  15   15   ALA ALA A . n 
A 1 16  PHE 16  16   16   PHE PHE A . n 
A 1 17  SER 17  17   17   SER SER A . n 
A 1 18  LEU 18  18   18   LEU LEU A . n 
A 1 19  PHE 19  19   19   PHE PHE A . n 
A 1 20  ASP 20  20   20   ASP ASP A . n 
A 1 21  LYS 21  21   21   LYS LYS A . n 
A 1 22  ASP 22  22   22   ASP ASP A . n 
A 1 23  GLY 23  23   23   GLY GLY A . n 
A 1 24  ASP 24  24   24   ASP ASP A . n 
A 1 25  GLY 25  25   25   GLY GLY A . n 
A 1 26  THR 26  26   26   THR THR A . n 
A 1 27  ILE 27  27   27   ILE ILE A . n 
A 1 28  THR 28  28   28   THR THR A . n 
A 1 29  THR 29  29   29   THR THR A . n 
A 1 30  LYS 30  30   30   LYS LYS A . n 
A 1 31  GLU 31  31   31   GLU GLU A . n 
A 1 32  LEU 32  32   32   LEU LEU A . n 
A 1 33  GLY 33  33   33   GLY GLY A . n 
A 1 34  THR 34  34   34   THR THR A . n 
A 1 35  VAL 35  35   35   VAL VAL A . n 
A 1 36  MET 36  36   36   MET MET A . n 
A 1 37  ARG 37  37   37   ARG ARG A . n 
A 1 38  SER 38  38   38   SER SER A . n 
A 1 39  LEU 39  39   39   LEU LEU A . n 
A 1 40  GLY 40  40   40   GLY GLY A . n 
A 1 41  GLN 41  41   41   GLN GLN A . n 
A 1 42  ASN 42  42   42   ASN ASN A . n 
A 1 43  PRO 43  43   43   PRO PRO A . n 
A 1 44  THR 44  44   44   THR THR A . n 
A 1 45  GLU 45  45   45   GLU GLU A . n 
A 1 46  ALA 46  46   46   ALA ALA A . n 
A 1 47  GLU 47  47   47   GLU GLU A . n 
A 1 48  LEU 48  48   48   LEU LEU A . n 
A 1 49  GLN 49  49   49   GLN GLN A . n 
A 1 50  ASP 50  50   50   ASP ASP A . n 
A 1 51  MET 51  51   51   MET MET A . n 
A 1 52  ILE 52  52   52   ILE ILE A . n 
A 1 53  ASN 53  53   53   ASN ASN A . n 
A 1 54  GLU 54  54   54   GLU GLU A . n 
A 1 55  VAL 55  55   55   VAL VAL A . n 
A 1 56  ASP 56  56   56   ASP ASP A . n 
A 1 57  ALA 57  57   57   ALA ALA A . n 
A 1 58  ASP 58  58   58   ASP ASP A . n 
A 1 59  GLY 59  59   59   GLY GLY A . n 
A 1 60  ASN 60  60   60   ASN ASN A . n 
A 1 61  GLY 61  61   61   GLY GLY A . n 
A 1 62  THR 62  62   62   THR THR A . n 
A 1 63  ILE 63  63   63   ILE ILE A . n 
A 1 64  ASP 64  64   64   ASP ASP A . n 
A 1 65  PHE 65  65   65   PHE PHE A . n 
A 1 66  PRO 66  66   66   PRO PRO A . n 
A 1 67  GLU 67  67   67   GLU GLU A . n 
A 1 68  PHE 68  68   68   PHE PHE A . n 
A 1 69  LEU 69  69   69   LEU LEU A . n 
A 1 70  THR 70  70   70   THR THR A . n 
A 1 71  MET 71  71   71   MET MET A . n 
A 1 72  MET 72  72   72   MET MET A . n 
A 1 73  ALA 73  73   73   ALA ALA A . n 
A 1 74  ARG 74  74   74   ARG ARG A . n 
A 1 75  LYS 75  75   75   LYS LYS A . n 
A 1 76  MET 76  76   76   MET MET A . n 
A 1 77  LYS 77  77   77   LYS LYS A . n 
A 1 78  ASP 78  78   ?    ?   ?   A . n 
A 1 79  THR 79  79   ?    ?   ?   A . n 
A 1 80  ASP 80  80   ?    ?   ?   A . n 
A 1 81  SER 81  81   ?    ?   ?   A . n 
A 1 82  GLU 82  82   82   GLU GLU A . n 
A 1 83  GLU 83  83   83   GLU GLU A . n 
A 1 84  GLU 84  84   84   GLU GLU A . n 
A 1 85  ILE 85  85   85   ILE ILE A . n 
A 1 86  ARG 86  86   86   ARG ARG A . n 
A 1 87  GLU 87  87   87   GLU GLU A . n 
A 1 88  ALA 88  88   88   ALA ALA A . n 
A 1 89  PHE 89  89   89   PHE PHE A . n 
A 1 90  ARG 90  90   90   ARG ARG A . n 
A 1 91  VAL 91  91   91   VAL VAL A . n 
A 1 92  PHE 92  92   92   PHE PHE A . n 
A 1 93  ASP 93  93   93   ASP ASP A . n 
A 1 94  LYS 94  94   94   LYS LYS A . n 
A 1 95  ASP 95  95   95   ASP ASP A . n 
A 1 96  GLY 96  96   96   GLY GLY A . n 
A 1 97  ASN 97  97   97   ASN ASN A . n 
A 1 98  GLY 98  98   98   GLY GLY A . n 
A 1 99  TYR 99  99   99   TYR TYR A . n 
A 1 100 ILE 100 100  100  ILE ILE A . n 
A 1 101 SER 101 101  101  SER SER A . n 
A 1 102 ALA 102 102  102  ALA ALA A . n 
A 1 103 ALA 103 103  103  ALA ALA A . n 
A 1 104 GLU 104 104  104  GLU GLU A . n 
A 1 105 LEU 105 105  105  LEU LEU A . n 
A 1 106 ARG 106 106  106  ARG ARG A . n 
A 1 107 HIS 107 107  107  HIS HIS A . n 
A 1 108 VAL 108 108  108  VAL VAL A . n 
A 1 109 MET 109 109  109  MET MET A . n 
A 1 110 THR 110 110  110  THR THR A . n 
A 1 111 ASN 111 111  111  ASN ASN A . n 
A 1 112 LEU 112 112  112  LEU LEU A . n 
A 1 113 GLY 113 113  113  GLY GLY A . n 
A 1 114 GLU 114 114  114  GLU GLU A . n 
A 1 115 LYS 115 115  115  LYS LYS A . n 
A 1 116 LEU 116 116  116  LEU LEU A . n 
A 1 117 THR 117 117  117  THR THR A . n 
A 1 118 ASP 118 118  118  ASP ASP A . n 
A 1 119 GLU 119 119  119  GLU GLU A . n 
A 1 120 GLU 120 120  120  GLU GLU A . n 
A 1 121 VAL 121 121  121  VAL VAL A . n 
A 1 122 ASP 122 122  122  ASP ASP A . n 
A 1 123 GLU 123 123  123  GLU GLU A . n 
A 1 124 MET 124 124  124  MET MET A . n 
A 1 125 ILE 125 125  125  ILE ILE A . n 
A 1 126 ARG 126 126  126  ARG ARG A . n 
A 1 127 GLU 127 127  127  GLU GLU A . n 
A 1 128 ALA 128 128  128  ALA ALA A . n 
A 1 129 ASP 129 129  129  ASP ASP A . n 
A 1 130 ILE 130 130  130  ILE ILE A . n 
A 1 131 ASP 131 131  131  ASP ASP A . n 
A 1 132 GLY 132 132  132  GLY GLY A . n 
A 1 133 ASP 133 133  133  ASP ASP A . n 
A 1 134 GLY 134 134  134  GLY GLY A . n 
A 1 135 GLN 135 135  135  GLN GLN A . n 
A 1 136 VAL 136 136  136  VAL VAL A . n 
A 1 137 ASN 137 137  137  ASN ASN A . n 
A 1 138 TYR 138 138  138  TYR TYR A . n 
A 1 139 GLU 139 139  139  GLU GLU A . n 
A 1 140 GLU 140 140  140  GLU GLU A . n 
A 1 141 PHE 141 141  141  PHE PHE A . n 
A 1 142 VAL 142 142  142  VAL VAL A . n 
A 1 143 GLN 143 143  143  GLN GLN A . n 
A 1 144 MET 144 144  144  MET MET A . n 
A 1 145 MET 145 145  145  MET MET A . n 
A 1 146 THR 146 146  146  THR THR A . n 
A 1 147 ALA 147 147  ?    ?   ?   A . n 
A 1 148 LYS 148 148  ?    ?   ?   A . n 
B 2 1   HIS 1   1853 1853 HIS HIS B . n 
B 2 2   MET 2   1854 1854 MET MET B . n 
B 2 3   GLY 3   1855 1855 GLY GLY B . n 
B 2 4   LYS 4   1856 1856 LYS LYS B . n 
B 2 5   VAL 5   1857 1857 VAL VAL B . n 
B 2 6   TYR 6   1858 1858 TYR TYR B . n 
B 2 7   ALA 7   1859 1859 ALA ALA B . n 
B 2 8   ALA 8   1860 1860 ALA ALA B . n 
B 2 9   LEU 9   1861 1861 LEU LEU B . n 
B 2 10  MET 10  1862 1862 MET MET B . n 
B 2 11  ILE 11  1863 1863 ILE ILE B . n 
B 2 12  PHE 12  1864 1864 PHE PHE B . n 
B 2 13  ASP 13  1865 1865 ASP ASP B . n 
B 2 14  PHE 14  1866 1866 PHE PHE B . n 
B 2 15  TYR 15  1867 1867 TYR TYR B . n 
B 2 16  LYS 16  1868 1868 LYS LYS B . n 
B 2 17  GLN 17  1869 1869 GLN GLN B . n 
B 2 18  ASN 18  1870 1870 ASN ASN B . n 
B 2 19  LYS 19  1871 1871 LYS LYS B . n 
B 2 20  THR 20  1872 1872 THR THR B . n 
B 2 21  SER 21  1873 1873 SER SER B . n 
B 2 22  ARG 22  1874 1874 ARG ARG B . n 
B 2 23  ASP 23  1875 1875 ASP ASP B . n 
# 
loop_
_pdbx_nonpoly_scheme.asym_id 
_pdbx_nonpoly_scheme.entity_id 
_pdbx_nonpoly_scheme.mon_id 
_pdbx_nonpoly_scheme.ndb_seq_num 
_pdbx_nonpoly_scheme.pdb_seq_num 
_pdbx_nonpoly_scheme.auth_seq_num 
_pdbx_nonpoly_scheme.pdb_mon_id 
_pdbx_nonpoly_scheme.auth_mon_id 
_pdbx_nonpoly_scheme.pdb_strand_id 
_pdbx_nonpoly_scheme.pdb_ins_code 
C 3 CA  1  501 501 CA  CA  A . 
D 3 CA  1  502 502 CA  CA  A . 
E 3 CA  1  503 503 CA  CA  A . 
F 3 CA  1  504 504 CA  CA  A . 
G 4 NI  1  505 505 NI  NI  A . 
H 5 HOH 1  506 1   HOH HOH A . 
H 5 HOH 2  507 2   HOH HOH A . 
H 5 HOH 3  508 3   HOH HOH A . 
H 5 HOH 4  509 4   HOH HOH A . 
H 5 HOH 5  510 5   HOH HOH A . 
H 5 HOH 6  511 6   HOH HOH A . 
H 5 HOH 7  512 7   HOH HOH A . 
H 5 HOH 8  513 8   HOH HOH A . 
H 5 HOH 9  514 9   HOH HOH A . 
H 5 HOH 10 515 10  HOH HOH A . 
H 5 HOH 11 516 11  HOH HOH A . 
H 5 HOH 12 517 12  HOH HOH A . 
H 5 HOH 13 518 13  HOH HOH A . 
H 5 HOH 14 519 15  HOH HOH A . 
H 5 HOH 15 520 16  HOH HOH A . 
H 5 HOH 16 521 17  HOH HOH A . 
H 5 HOH 17 522 18  HOH HOH A . 
H 5 HOH 18 523 19  HOH HOH A . 
H 5 HOH 19 524 20  HOH HOH A . 
H 5 HOH 20 525 21  HOH HOH A . 
H 5 HOH 21 526 22  HOH HOH A . 
H 5 HOH 22 527 23  HOH HOH A . 
H 5 HOH 23 528 24  HOH HOH A . 
H 5 HOH 24 529 25  HOH HOH A . 
H 5 HOH 25 530 26  HOH HOH A . 
H 5 HOH 26 531 27  HOH HOH A . 
H 5 HOH 27 532 28  HOH HOH A . 
H 5 HOH 28 533 29  HOH HOH A . 
H 5 HOH 29 534 30  HOH HOH A . 
H 5 HOH 30 535 31  HOH HOH A . 
H 5 HOH 31 536 32  HOH HOH A . 
H 5 HOH 32 537 33  HOH HOH A . 
H 5 HOH 33 538 34  HOH HOH A . 
H 5 HOH 34 539 35  HOH HOH A . 
H 5 HOH 35 540 36  HOH HOH A . 
H 5 HOH 36 541 37  HOH HOH A . 
H 5 HOH 37 542 38  HOH HOH A . 
H 5 HOH 38 543 40  HOH HOH A . 
H 5 HOH 39 544 41  HOH HOH A . 
H 5 HOH 40 545 42  HOH HOH A . 
H 5 HOH 41 546 43  HOH HOH A . 
H 5 HOH 42 547 45  HOH HOH A . 
H 5 HOH 43 548 46  HOH HOH A . 
H 5 HOH 44 549 47  HOH HOH A . 
H 5 HOH 45 550 48  HOH HOH A . 
H 5 HOH 46 551 49  HOH HOH A . 
H 5 HOH 47 552 50  HOH HOH A . 
H 5 HOH 48 553 51  HOH HOH A . 
H 5 HOH 49 554 52  HOH HOH A . 
H 5 HOH 50 555 53  HOH HOH A . 
H 5 HOH 51 556 54  HOH HOH A . 
H 5 HOH 52 557 55  HOH HOH A . 
H 5 HOH 53 558 56  HOH HOH A . 
H 5 HOH 54 559 57  HOH HOH A . 
H 5 HOH 55 560 58  HOH HOH A . 
H 5 HOH 56 561 59  HOH HOH A . 
H 5 HOH 57 562 60  HOH HOH A . 
H 5 HOH 58 563 62  HOH HOH A . 
H 5 HOH 59 564 63  HOH HOH A . 
H 5 HOH 60 565 64  HOH HOH A . 
H 5 HOH 61 566 65  HOH HOH A . 
H 5 HOH 62 567 66  HOH HOH A . 
H 5 HOH 63 568 67  HOH HOH A . 
H 5 HOH 64 569 68  HOH HOH A . 
H 5 HOH 65 570 69  HOH HOH A . 
H 5 HOH 66 571 70  HOH HOH A . 
H 5 HOH 67 572 71  HOH HOH A . 
H 5 HOH 68 573 72  HOH HOH A . 
H 5 HOH 69 574 73  HOH HOH A . 
H 5 HOH 70 575 74  HOH HOH A . 
H 5 HOH 71 576 75  HOH HOH A . 
H 5 HOH 72 577 76  HOH HOH A . 
H 5 HOH 73 578 77  HOH HOH A . 
H 5 HOH 74 579 78  HOH HOH A . 
I 5 HOH 1  14  14  HOH HOH B . 
I 5 HOH 2  39  39  HOH HOH B . 
I 5 HOH 3  44  44  HOH HOH B . 
I 5 HOH 4  61  61  HOH HOH B . 
# 
loop_
_pdbx_unobs_or_zero_occ_atoms.id 
_pdbx_unobs_or_zero_occ_atoms.PDB_model_num 
_pdbx_unobs_or_zero_occ_atoms.polymer_flag 
_pdbx_unobs_or_zero_occ_atoms.occupancy_flag 
_pdbx_unobs_or_zero_occ_atoms.auth_asym_id 
_pdbx_unobs_or_zero_occ_atoms.auth_comp_id 
_pdbx_unobs_or_zero_occ_atoms.auth_seq_id 
_pdbx_unobs_or_zero_occ_atoms.PDB_ins_code 
_pdbx_unobs_or_zero_occ_atoms.auth_atom_id 
_pdbx_unobs_or_zero_occ_atoms.label_alt_id 
_pdbx_unobs_or_zero_occ_atoms.label_asym_id 
_pdbx_unobs_or_zero_occ_atoms.label_comp_id 
_pdbx_unobs_or_zero_occ_atoms.label_seq_id 
_pdbx_unobs_or_zero_occ_atoms.label_atom_id 
1  1 Y 1 A LEU 4    ? CG  ? A LEU 4   CG  
2  1 Y 1 A LEU 4    ? CD1 ? A LEU 4   CD1 
3  1 Y 1 A LEU 4    ? CD2 ? A LEU 4   CD2 
4  1 Y 1 A GLU 45   ? CG  ? A GLU 45  CG  
5  1 Y 1 A GLU 45   ? CD  ? A GLU 45  CD  
6  1 Y 1 A GLU 45   ? OE1 ? A GLU 45  OE1 
7  1 Y 1 A GLU 45   ? OE2 ? A GLU 45  OE2 
8  1 Y 1 A LYS 77   ? CG  ? A LYS 77  CG  
9  1 Y 1 A LYS 77   ? CD  ? A LYS 77  CD  
10 1 Y 1 A LYS 77   ? CE  ? A LYS 77  CE  
11 1 Y 1 A LYS 77   ? NZ  ? A LYS 77  NZ  
12 1 Y 1 A GLU 82   ? CG  ? A GLU 82  CG  
13 1 Y 1 A GLU 82   ? CD  ? A GLU 82  CD  
14 1 Y 1 A GLU 82   ? OE1 ? A GLU 82  OE1 
15 1 Y 1 A GLU 82   ? OE2 ? A GLU 82  OE2 
16 1 Y 1 A LYS 115  ? CB  ? A LYS 115 CB  
17 1 Y 1 A LYS 115  ? CG  ? A LYS 115 CG  
18 1 Y 1 A LYS 115  ? CD  ? A LYS 115 CD  
19 1 Y 1 A LYS 115  ? CE  ? A LYS 115 CE  
20 1 Y 1 A LYS 115  ? NZ  ? A LYS 115 NZ  
21 1 Y 1 A GLU 119  ? CG  ? A GLU 119 CG  
22 1 Y 1 A GLU 119  ? CD  ? A GLU 119 CD  
23 1 Y 1 A GLU 119  ? OE1 ? A GLU 119 OE1 
24 1 Y 1 A GLU 119  ? OE2 ? A GLU 119 OE2 
25 1 Y 1 B HIS 1853 ? CG  ? B HIS 1   CG  
26 1 Y 1 B HIS 1853 ? ND1 ? B HIS 1   ND1 
27 1 Y 1 B HIS 1853 ? CD2 ? B HIS 1   CD2 
28 1 Y 1 B HIS 1853 ? CE1 ? B HIS 1   CE1 
29 1 Y 1 B HIS 1853 ? NE2 ? B HIS 1   NE2 
30 1 Y 1 B SER 1873 ? OG  ? B SER 21  OG  
31 1 Y 1 B ARG 1874 ? CG  ? B ARG 22  CG  
32 1 Y 1 B ARG 1874 ? CD  ? B ARG 22  CD  
33 1 Y 1 B ARG 1874 ? NE  ? B ARG 22  NE  
34 1 Y 1 B ARG 1874 ? CZ  ? B ARG 22  CZ  
35 1 Y 1 B ARG 1874 ? NH1 ? B ARG 22  NH1 
36 1 Y 1 B ARG 1874 ? NH2 ? B ARG 22  NH2 
37 1 Y 1 B ASP 1875 ? CG  ? B ASP 23  CG  
38 1 Y 1 B ASP 1875 ? OD1 ? B ASP 23  OD1 
39 1 Y 1 B ASP 1875 ? OD2 ? B ASP 23  OD2 
# 
loop_
_software.name 
_software.version 
_software.date 
_software.type 
_software.contact_author 
_software.contact_author_email 
_software.classification 
_software.location 
_software.language 
_software.citation_id 
_software.pdbx_ordinal 
DENZO       .     ?               package 'Zbyszek Otwinowski' hkl@hkl-xray.com            'data reduction'  
http://www.hkl-xray.com/                     ?          ? 1 
SCALEPACK   .     ?               package 'Zbyszek Otwinowski' hkl@hkl-xray.com            'data scaling'    
http://www.hkl-xray.com/                     ?          ? 2 
PHASER      .     ?               program 'Randy J. Read'      cimr-phaser@lists.cam.ac.uk phasing           
http://www-structmed.cimr.cam.ac.uk/phaser/  ?          ? 3 
REFMAC      .     ?               program 'Garib N. Murshudov' garib@ysbl.york.ac.uk       refinement        
http://www.ccp4.ac.uk/dist/html/refmac5.html Fortran_77 ? 4 
PDB_EXTRACT 3.006 'June 11, 2008' package PDB                  help@deposit.rcsb.org       'data extraction' 
http://sw-tools.pdb.org/apps/PDB_EXTRACT/    C++        ? 5 
HKL-2000    .     ?               ?       ?                    ?                           'data collection' ? ?          ? 6 
HKL-2000    .     ?               ?       ?                    ?                           'data reduction'  ? ?          ? 7 
HKL-2000    .     ?               ?       ?                    ?                           'data scaling'    ? ?          ? 8 
# 
_cell.length_a           40.303 
_cell.length_b           40.303 
_cell.length_c           344.652 
_cell.angle_alpha        90.000 
_cell.angle_beta         90.000 
_cell.angle_gamma        120.000 
_cell.entry_id           3DVE 
_cell.pdbx_unique_axis   ? 
_cell.Z_PDB              12 
_cell.length_a_esd       ? 
_cell.length_b_esd       ? 
_cell.length_c_esd       ? 
_cell.angle_alpha_esd    ? 
_cell.angle_beta_esd     ? 
_cell.angle_gamma_esd    ? 
# 
_symmetry.space_group_name_H-M             'P 61 2 2' 
_symmetry.entry_id                         3DVE 
_symmetry.Int_Tables_number                178 
_symmetry.pdbx_full_space_group_name_H-M   ? 
_symmetry.cell_setting                     ? 
_symmetry.space_group_name_Hall            ? 
# 
_exptl.crystals_number   1 
_exptl.entry_id          3DVE 
_exptl.method            'X-RAY DIFFRACTION' 
# 
_exptl_crystal.id                    1 
_exptl_crystal.density_Matthews      2.03 
_exptl_crystal.density_meas          ? 
_exptl_crystal.density_percent_sol   39.50 
_exptl_crystal.description           ? 
_exptl_crystal.F_000                 ? 
_exptl_crystal.preparation           ? 
# 
_exptl_crystal_grow.crystal_id      1 
_exptl_crystal_grow.method          'VAPOR DIFFUSION, HANGING DROP' 
_exptl_crystal_grow.pH              6.5 
_exptl_crystal_grow.temp            292 
_exptl_crystal_grow.pdbx_details    '0.1 M Bis-Tris, 25-30 % PEG 2000 MME, pH 6.5, VAPOR DIFFUSION, HANGING DROP, temperature 292K' 
_exptl_crystal_grow.temp_details    ? 
_exptl_crystal_grow.pdbx_pH_range   . 
# 
_diffrn.id                     1 
_diffrn.ambient_temp           100 
_diffrn.ambient_temp_details   ? 
_diffrn.crystal_id             1 
# 
_diffrn_detector.diffrn_id              1 
_diffrn_detector.detector               CCD 
_diffrn_detector.type                   'ADSC QUANTUM 315' 
_diffrn_detector.pdbx_collection_date   2007-11-03 
_diffrn_detector.details                ? 
# 
_diffrn_radiation.diffrn_id                        1 
_diffrn_radiation.pdbx_diffrn_protocol             'SINGLE WAVELENGTH' 
_diffrn_radiation.monochromator                    'Double flat crystal, Si(111)' 
_diffrn_radiation.wavelength_id                    1 
_diffrn_radiation.pdbx_monochromatic_or_laue_m_l   M 
_diffrn_radiation.pdbx_scattering_type             x-ray 
# 
_diffrn_radiation_wavelength.id           1 
_diffrn_radiation_wavelength.wavelength   1.11587 
_diffrn_radiation_wavelength.wt           1.0 
# 
_diffrn_source.diffrn_id                   1 
_diffrn_source.source                      SYNCHROTRON 
_diffrn_source.type                        'ALS BEAMLINE 8.3.1' 
_diffrn_source.pdbx_wavelength_list        1.11587 
_diffrn_source.pdbx_wavelength             ? 
_diffrn_source.pdbx_synchrotron_site       ALS 
_diffrn_source.pdbx_synchrotron_beamline   8.3.1 
# 
_reflns.entry_id                     3DVE 
_reflns.d_resolution_high            2.350 
_reflns.d_resolution_low             20.000 
_reflns.number_obs                   7844 
_reflns.pdbx_Rmerge_I_obs            0.134 
_reflns.pdbx_netI_over_sigmaI        3.800 
_reflns.pdbx_chi_squared             0.646 
_reflns.pdbx_redundancy              15.000 
_reflns.percent_possible_obs         99.300 
_reflns.observed_criterion_sigma_F   ? 
_reflns.observed_criterion_sigma_I   ? 
_reflns.number_all                   ? 
_reflns.pdbx_Rsym_value              ? 
_reflns.B_iso_Wilson_estimate        ? 
_reflns.R_free_details               ? 
_reflns.limit_h_max                  ? 
_reflns.limit_h_min                  ? 
_reflns.limit_k_max                  ? 
_reflns.limit_k_min                  ? 
_reflns.limit_l_max                  ? 
_reflns.limit_l_min                  ? 
_reflns.observed_criterion_F_max     ? 
_reflns.observed_criterion_F_min     ? 
_reflns.pdbx_scaling_rejects         ? 
_reflns.pdbx_ordinal                 1 
_reflns.pdbx_diffrn_id               1 
# 
_reflns_shell.d_res_high             2.35 
_reflns_shell.d_res_low              2.43 
_reflns_shell.number_measured_obs    ? 
_reflns_shell.number_measured_all    ? 
_reflns_shell.number_unique_obs      ? 
_reflns_shell.Rmerge_I_obs           0.425 
_reflns_shell.meanI_over_sigI_obs    ? 
_reflns_shell.pdbx_Rsym_value        ? 
_reflns_shell.pdbx_chi_squared       0.358 
_reflns_shell.pdbx_redundancy        5.50 
_reflns_shell.percent_possible_obs   ? 
_reflns_shell.number_unique_all      700 
_reflns_shell.percent_possible_all   97.00 
_reflns_shell.pdbx_ordinal           1 
_reflns_shell.pdbx_diffrn_id         1 
# 
_refine.entry_id                                 3DVE 
_refine.ls_d_res_high                            2.350 
_refine.ls_d_res_low                             20.000 
_refine.pdbx_ls_sigma_F                          0.00 
_refine.ls_percent_reflns_obs                    99.350 
_refine.ls_number_reflns_obs                     7757 
_refine.pdbx_ls_cross_valid_method               THROUGHOUT 
_refine.pdbx_R_Free_selection_details            RANDOM 
_refine.details                                  'HYDROGENS HAVE BEEN ADDED IN THE RIDING POSITIONS' 
_refine.ls_R_factor_obs                          0.210 
_refine.ls_R_factor_R_work                       0.207 
_refine.ls_R_factor_R_free                       0.271 
_refine.ls_percent_reflns_R_free                 4.600 
_refine.ls_number_reflns_R_free                  358 
_refine.B_iso_mean                               30.339 
_refine.aniso_B[1][1]                            -0.540 
_refine.aniso_B[2][2]                            -0.540 
_refine.aniso_B[3][3]                            0.810 
_refine.aniso_B[1][2]                            -0.270 
_refine.aniso_B[1][3]                            0.000 
_refine.aniso_B[2][3]                            0.000 
_refine.correlation_coeff_Fo_to_Fc               0.940 
_refine.correlation_coeff_Fo_to_Fc_free          0.903 
_refine.pdbx_overall_ESU_R                       0.419 
_refine.pdbx_overall_ESU_R_Free                  0.279 
_refine.overall_SU_ML                            0.179 
_refine.overall_SU_B                             13.012 
_refine.solvent_model_details                    'BABINET MODEL WITH MASK' 
_refine.pdbx_solvent_vdw_probe_radii             1.200 
_refine.pdbx_solvent_ion_probe_radii             0.800 
_refine.pdbx_solvent_shrinkage_radii             0.800 
_refine.pdbx_method_to_determine_struct          'MOLECULAR REPLACEMENT' 
_refine.pdbx_stereochemistry_target_values       'MAXIMUM LIKELIHOOD' 
_refine.overall_FOM_work_R_set                   0.808 
_refine.B_iso_max                                81.58 
_refine.B_iso_min                                8.45 
_refine.occupancy_max                            1.00 
_refine.occupancy_min                            0.20 
_refine.pdbx_ls_sigma_I                          ? 
_refine.ls_number_reflns_all                     ? 
_refine.ls_R_factor_all                          ? 
_refine.ls_redundancy_reflns_obs                 ? 
_refine.pdbx_data_cutoff_high_absF               ? 
_refine.pdbx_data_cutoff_low_absF                ? 
_refine.ls_number_parameters                     ? 
_refine.ls_number_restraints                     ? 
_refine.ls_R_factor_R_free_error                 ? 
_refine.ls_R_factor_R_free_error_details         ? 
_refine.pdbx_starting_model                      ? 
_refine.pdbx_stereochem_target_val_spec_case     ? 
_refine.solvent_model_param_bsol                 ? 
_refine.solvent_model_param_ksol                 ? 
_refine.pdbx_isotropic_thermal_model             ? 
_refine.overall_SU_R_Cruickshank_DPI             ? 
_refine.overall_SU_R_free                        ? 
_refine.pdbx_data_cutoff_high_rms_absF           ? 
_refine.ls_wR_factor_R_free                      ? 
_refine.ls_wR_factor_R_work                      ? 
_refine.overall_FOM_free_R_set                   ? 
_refine.pdbx_overall_phase_error                 ? 
_refine.pdbx_refine_id                           'X-RAY DIFFRACTION' 
_refine.pdbx_TLS_residual_ADP_flag               'LIKELY RESIDUAL' 
_refine.pdbx_diffrn_id                           1 
_refine.pdbx_overall_SU_R_free_Cruickshank_DPI   ? 
_refine.pdbx_overall_SU_R_Blow_DPI               ? 
_refine.pdbx_overall_SU_R_free_Blow_DPI          ? 
# 
_refine_hist.pdbx_refine_id                   'X-RAY DIFFRACTION' 
_refine_hist.cycle_id                         LAST 
_refine_hist.pdbx_number_atoms_protein        1254 
_refine_hist.pdbx_number_atoms_nucleic_acid   0 
_refine_hist.pdbx_number_atoms_ligand         5 
_refine_hist.number_atoms_solvent             78 
_refine_hist.number_atoms_total               1337 
_refine_hist.d_res_high                       2.350 
_refine_hist.d_res_low                        20.000 
# 
loop_
_refine_ls_restr.type 
_refine_ls_restr.number 
_refine_ls_restr.dev_ideal 
_refine_ls_restr.dev_ideal_target 
_refine_ls_restr.weight 
_refine_ls_restr.pdbx_refine_id 
_refine_ls_restr.pdbx_restraint_function 
r_bond_refined_d       1308 0.015  0.022  ? 'X-RAY DIFFRACTION' ? 
r_angle_refined_deg    1764 1.379  1.960  ? 'X-RAY DIFFRACTION' ? 
r_dihedral_angle_1_deg 171  5.544  5.000  ? 'X-RAY DIFFRACTION' ? 
r_dihedral_angle_2_deg 71   30.037 25.915 ? 'X-RAY DIFFRACTION' ? 
r_dihedral_angle_3_deg 239  15.972 15.000 ? 'X-RAY DIFFRACTION' ? 
r_dihedral_angle_4_deg 7    19.382 15.000 ? 'X-RAY DIFFRACTION' ? 
r_chiral_restr         194  0.086  0.200  ? 'X-RAY DIFFRACTION' ? 
r_gen_planes_refined   1007 0.006  0.020  ? 'X-RAY DIFFRACTION' ? 
r_mcbond_it            814  0.746  1.500  ? 'X-RAY DIFFRACTION' ? 
r_mcangle_it           1300 1.482  2.000  ? 'X-RAY DIFFRACTION' ? 
r_scbond_it            494  2.455  3.000  ? 'X-RAY DIFFRACTION' ? 
r_scangle_it           458  4.176  4.500  ? 'X-RAY DIFFRACTION' ? 
# 
_refine_ls_shell.d_res_high                       2.350 
_refine_ls_shell.d_res_low                        2.413 
_refine_ls_shell.pdbx_total_number_of_bins_used   20 
_refine_ls_shell.percent_reflns_obs               93.050 
_refine_ls_shell.number_reflns_R_work             483 
_refine_ls_shell.R_factor_all                     ? 
_refine_ls_shell.R_factor_R_work                  0.204 
_refine_ls_shell.R_factor_R_free                  0.324 
_refine_ls_shell.percent_reflns_R_free            ? 
_refine_ls_shell.number_reflns_R_free             26 
_refine_ls_shell.R_factor_R_free_error            ? 
_refine_ls_shell.number_reflns_all                509 
_refine_ls_shell.number_reflns_obs                ? 
_refine_ls_shell.redundancy_reflns_obs            ? 
_refine_ls_shell.pdbx_refine_id                   'X-RAY DIFFRACTION' 
# 
_struct.entry_id                  3DVE 
_struct.title                     'Crystal Structure of Ca2+/CaM-CaV2.2 IQ domain complex' 
_struct.pdbx_model_details        ? 
_struct.pdbx_CASP_flag            ? 
_struct.pdbx_model_type_details   ? 
# 
_struct_keywords.entry_id        3DVE 
_struct_keywords.text            
'Calmodulin, calcium channel, IQ domain, inactivation, facilitation, calcium-dependent, voltage-gated, MEMBRANE PROTEIN' 
_struct_keywords.pdbx_keywords   'MEMBRANE PROTEIN' 
# 
loop_
_struct_asym.id 
_struct_asym.pdbx_blank_PDB_chainid_flag 
_struct_asym.pdbx_modified 
_struct_asym.entity_id 
_struct_asym.details 
A N N 1 ? 
B N N 2 ? 
C N N 3 ? 
D N N 3 ? 
E N N 3 ? 
F N N 3 ? 
G N N 4 ? 
H N N 5 ? 
I N N 5 ? 
# 
loop_
_struct_ref.id 
_struct_ref.db_name 
_struct_ref.db_code 
_struct_ref.pdbx_db_accession 
_struct_ref.entity_id 
_struct_ref.pdbx_seq_one_letter_code 
_struct_ref.pdbx_align_begin 
_struct_ref.pdbx_db_isoform 
1 UNP CALM_HUMAN  P62158 1 
;ADQLTEEQIAEFKEAFSLFDKDGDGTITTKELGTVMRSLGQNPTEAELQDMINEVDADGNGTIDFPEFLTMMARKMKDTD
SEEEIREAFRVFDKDGNGYISAAELRHVMTNLGEKLTDEEVDEMIREADIDGDGQVNYEEFVQMMTAK
;
2    ? 
2 UNP CAC1B_RABIT Q05152 2 GKVYAALMIFDFYKQNKTSRD 1855 ? 
# 
loop_
_struct_ref_seq.align_id 
_struct_ref_seq.ref_id 
_struct_ref_seq.pdbx_PDB_id_code 
_struct_ref_seq.pdbx_strand_id 
_struct_ref_seq.seq_align_beg 
_struct_ref_seq.pdbx_seq_align_beg_ins_code 
_struct_ref_seq.seq_align_end 
_struct_ref_seq.pdbx_seq_align_end_ins_code 
_struct_ref_seq.pdbx_db_accession 
_struct_ref_seq.db_align_beg 
_struct_ref_seq.pdbx_db_align_beg_ins_code 
_struct_ref_seq.db_align_end 
_struct_ref_seq.pdbx_db_align_end_ins_code 
_struct_ref_seq.pdbx_auth_seq_align_beg 
_struct_ref_seq.pdbx_auth_seq_align_end 
1 1 3DVE A 1 ? 148 ? P62158 2    ? 149  ? 1    148  
2 2 3DVE B 3 ? 23  ? Q05152 1855 ? 1875 ? 1855 1875 
# 
loop_
_struct_ref_seq_dif.align_id 
_struct_ref_seq_dif.pdbx_pdb_id_code 
_struct_ref_seq_dif.mon_id 
_struct_ref_seq_dif.pdbx_pdb_strand_id 
_struct_ref_seq_dif.seq_num 
_struct_ref_seq_dif.pdbx_pdb_ins_code 
_struct_ref_seq_dif.pdbx_seq_db_name 
_struct_ref_seq_dif.pdbx_seq_db_accession_code 
_struct_ref_seq_dif.db_mon_id 
_struct_ref_seq_dif.pdbx_seq_db_seq_num 
_struct_ref_seq_dif.details 
_struct_ref_seq_dif.pdbx_auth_seq_num 
_struct_ref_seq_dif.pdbx_ordinal 
2 3DVE HIS B 1 ? UNP Q05152 ? ? 'expression tag' 1853 1 
2 3DVE MET B 2 ? UNP Q05152 ? ? 'expression tag' 1854 2 
# 
_pdbx_struct_assembly.id                   1 
_pdbx_struct_assembly.details              author_and_software_defined_assembly 
_pdbx_struct_assembly.method_details       PISA 
_pdbx_struct_assembly.oligomeric_details   dimeric 
_pdbx_struct_assembly.oligomeric_count     2 
# 
loop_
_pdbx_struct_assembly_prop.biol_id 
_pdbx_struct_assembly_prop.type 
_pdbx_struct_assembly_prop.value 
_pdbx_struct_assembly_prop.details 
1 'ABSA (A^2)' 3430 ? 
1 MORE         -85  ? 
1 'SSA (A^2)'  8430 ? 
# 
_pdbx_struct_assembly_gen.assembly_id       1 
_pdbx_struct_assembly_gen.oper_expression   1 
_pdbx_struct_assembly_gen.asym_id_list      A,B,C,D,E,F,G,H,I 
# 
_pdbx_struct_oper_list.id                   1 
_pdbx_struct_oper_list.type                 'identity operation' 
_pdbx_struct_oper_list.name                 1_555 
_pdbx_struct_oper_list.symmetry_operation   x,y,z 
_pdbx_struct_oper_list.matrix[1][1]         1.0000000000 
_pdbx_struct_oper_list.matrix[1][2]         0.0000000000 
_pdbx_struct_oper_list.matrix[1][3]         0.0000000000 
_pdbx_struct_oper_list.vector[1]            0.0000000000 
_pdbx_struct_oper_list.matrix[2][1]         0.0000000000 
_pdbx_struct_oper_list.matrix[2][2]         1.0000000000 
_pdbx_struct_oper_list.matrix[2][3]         0.0000000000 
_pdbx_struct_oper_list.vector[2]            0.0000000000 
_pdbx_struct_oper_list.matrix[3][1]         0.0000000000 
_pdbx_struct_oper_list.matrix[3][2]         0.0000000000 
_pdbx_struct_oper_list.matrix[3][3]         1.0000000000 
_pdbx_struct_oper_list.vector[3]            0.0000000000 
# 
_struct_biol.id        1 
_struct_biol.details   ? 
# 
loop_
_struct_conf.conf_type_id 
_struct_conf.id 
_struct_conf.pdbx_PDB_helix_id 
_struct_conf.beg_label_comp_id 
_struct_conf.beg_label_asym_id 
_struct_conf.beg_label_seq_id 
_struct_conf.pdbx_beg_PDB_ins_code 
_struct_conf.end_label_comp_id 
_struct_conf.end_label_asym_id 
_struct_conf.end_label_seq_id 
_struct_conf.pdbx_end_PDB_ins_code 
_struct_conf.beg_auth_comp_id 
_struct_conf.beg_auth_asym_id 
_struct_conf.beg_auth_seq_id 
_struct_conf.end_auth_comp_id 
_struct_conf.end_auth_asym_id 
_struct_conf.end_auth_seq_id 
_struct_conf.pdbx_PDB_helix_class 
_struct_conf.details 
_struct_conf.pdbx_PDB_helix_length 
HELX_P HELX_P1 1 THR A 5   ? ASP A 20  ? THR A 5    ASP A 20   1 ? 16 
HELX_P HELX_P2 2 THR A 28  ? LEU A 39  ? THR A 28   LEU A 39   1 ? 12 
HELX_P HELX_P3 3 THR A 44  ? ASP A 56  ? THR A 44   ASP A 56   1 ? 13 
HELX_P HELX_P4 4 ASP A 64  ? LYS A 77  ? ASP A 64   LYS A 77   1 ? 14 
HELX_P HELX_P5 5 GLU A 82  ? ASP A 93  ? GLU A 82   ASP A 93   1 ? 12 
HELX_P HELX_P6 6 SER A 101 ? LEU A 112 ? SER A 101  LEU A 112  1 ? 12 
HELX_P HELX_P7 7 THR A 117 ? ASP A 129 ? THR A 117  ASP A 129  1 ? 13 
HELX_P HELX_P8 8 TYR A 138 ? MET A 145 ? TYR A 138  MET A 145  1 ? 8  
HELX_P HELX_P9 9 MET B 2   ? ASN B 18  ? MET B 1854 ASN B 1870 1 ? 17 
# 
_struct_conf_type.id          HELX_P 
_struct_conf_type.criteria    ? 
_struct_conf_type.reference   ? 
# 
loop_
_struct_conn.id 
_struct_conn.conn_type_id 
_struct_conn.pdbx_leaving_atom_flag 
_struct_conn.pdbx_PDB_id 
_struct_conn.ptnr1_label_asym_id 
_struct_conn.ptnr1_label_comp_id 
_struct_conn.ptnr1_label_seq_id 
_struct_conn.ptnr1_label_atom_id 
_struct_conn.pdbx_ptnr1_label_alt_id 
_struct_conn.pdbx_ptnr1_PDB_ins_code 
_struct_conn.pdbx_ptnr1_standard_comp_id 
_struct_conn.ptnr1_symmetry 
_struct_conn.ptnr2_label_asym_id 
_struct_conn.ptnr2_label_comp_id 
_struct_conn.ptnr2_label_seq_id 
_struct_conn.ptnr2_label_atom_id 
_struct_conn.pdbx_ptnr2_label_alt_id 
_struct_conn.pdbx_ptnr2_PDB_ins_code 
_struct_conn.ptnr1_auth_asym_id 
_struct_conn.ptnr1_auth_comp_id 
_struct_conn.ptnr1_auth_seq_id 
_struct_conn.ptnr2_auth_asym_id 
_struct_conn.ptnr2_auth_comp_id 
_struct_conn.ptnr2_auth_seq_id 
_struct_conn.ptnr2_symmetry 
_struct_conn.pdbx_ptnr3_label_atom_id 
_struct_conn.pdbx_ptnr3_label_seq_id 
_struct_conn.pdbx_ptnr3_label_comp_id 
_struct_conn.pdbx_ptnr3_label_asym_id 
_struct_conn.pdbx_ptnr3_label_alt_id 
_struct_conn.pdbx_ptnr3_PDB_ins_code 
_struct_conn.details 
_struct_conn.pdbx_dist_value 
_struct_conn.pdbx_value_order 
_struct_conn.pdbx_role 
metalc1  metalc ? ? A ASP 20  OD1 ? ? ? 1_555 C CA  . CA ? ? A ASP 20  A CA  501 1_555 ? ? ? ? ? ? ? 2.221 ? ? 
metalc2  metalc ? ? A ASP 22  OD1 ? ? ? 1_555 C CA  . CA ? ? A ASP 22  A CA  501 1_555 ? ? ? ? ? ? ? 2.418 ? ? 
metalc3  metalc ? ? A ASP 24  OD2 ? ? ? 1_555 C CA  . CA ? ? A ASP 24  A CA  501 1_555 ? ? ? ? ? ? ? 2.443 ? ? 
metalc4  metalc ? ? A THR 26  O   ? ? ? 1_555 C CA  . CA ? ? A THR 26  A CA  501 1_555 ? ? ? ? ? ? ? 2.264 ? ? 
metalc5  metalc ? ? A GLU 31  OE1 ? ? ? 1_555 C CA  . CA ? ? A GLU 31  A CA  501 1_555 ? ? ? ? ? ? ? 2.594 ? ? 
metalc6  metalc ? ? A GLU 31  OE2 ? ? ? 1_555 C CA  . CA ? ? A GLU 31  A CA  501 1_555 ? ? ? ? ? ? ? 2.493 ? ? 
metalc7  metalc ? ? A ASP 56  OD2 ? ? ? 1_555 D CA  . CA ? ? A ASP 56  A CA  502 1_555 ? ? ? ? ? ? ? 2.231 ? ? 
metalc8  metalc ? ? A ASP 58  OD2 ? ? ? 1_555 D CA  . CA ? ? A ASP 58  A CA  502 1_555 ? ? ? ? ? ? ? 2.423 ? ? 
metalc9  metalc ? ? A ASN 60  OD1 ? ? ? 1_555 D CA  . CA ? ? A ASN 60  A CA  502 1_555 ? ? ? ? ? ? ? 2.329 ? ? 
metalc10 metalc ? ? A THR 62  O   ? ? ? 1_555 D CA  . CA ? ? A THR 62  A CA  502 1_555 ? ? ? ? ? ? ? 2.518 ? ? 
metalc11 metalc ? ? A GLU 67  OE1 ? ? ? 1_555 D CA  . CA ? ? A GLU 67  A CA  502 1_555 ? ? ? ? ? ? ? 2.461 ? ? 
metalc12 metalc ? ? A GLU 67  OE2 ? ? ? 1_555 D CA  . CA ? ? A GLU 67  A CA  502 1_555 ? ? ? ? ? ? ? 2.550 ? ? 
metalc13 metalc ? ? A ASP 93  OD2 ? ? ? 1_555 E CA  . CA ? ? A ASP 93  A CA  503 1_555 ? ? ? ? ? ? ? 2.112 ? ? 
metalc14 metalc ? ? A ASP 95  OD1 ? ? ? 1_555 E CA  . CA ? ? A ASP 95  A CA  503 1_555 ? ? ? ? ? ? ? 2.353 ? ? 
metalc15 metalc ? ? A ASN 97  OD1 ? ? ? 1_555 E CA  . CA ? ? A ASN 97  A CA  503 1_555 ? ? ? ? ? ? ? 2.392 ? ? 
metalc16 metalc ? ? A TYR 99  O   ? ? ? 1_555 E CA  . CA ? ? A TYR 99  A CA  503 1_555 ? ? ? ? ? ? ? 2.321 ? ? 
metalc17 metalc ? ? A GLU 104 OE1 ? ? ? 1_555 E CA  . CA ? ? A GLU 104 A CA  503 1_555 ? ? ? ? ? ? ? 2.438 ? ? 
metalc18 metalc ? ? A GLU 104 OE2 ? ? ? 1_555 E CA  . CA ? ? A GLU 104 A CA  503 1_555 ? ? ? ? ? ? ? 2.687 ? ? 
metalc19 metalc ? ? A ASP 129 OD2 ? ? ? 1_555 F CA  . CA ? ? A ASP 129 A CA  504 1_555 ? ? ? ? ? ? ? 2.392 ? ? 
metalc20 metalc ? ? A ASP 131 OD1 ? ? ? 1_555 F CA  . CA ? ? A ASP 131 A CA  504 1_555 ? ? ? ? ? ? ? 2.379 ? ? 
metalc21 metalc ? ? A ASP 133 OD2 ? ? ? 1_555 F CA  . CA ? ? A ASP 133 A CA  504 1_555 ? ? ? ? ? ? ? 2.367 ? ? 
metalc22 metalc ? ? A GLN 135 O   ? ? ? 1_555 F CA  . CA ? ? A GLN 135 A CA  504 1_555 ? ? ? ? ? ? ? 2.440 ? ? 
metalc23 metalc ? ? A GLU 140 OE1 ? ? ? 1_555 F CA  . CA ? ? A GLU 140 A CA  504 1_555 ? ? ? ? ? ? ? 2.500 ? ? 
metalc24 metalc ? ? A GLU 140 OE2 ? ? ? 1_555 F CA  . CA ? ? A GLU 140 A CA  504 1_555 ? ? ? ? ? ? ? 2.467 ? ? 
metalc25 metalc ? ? C CA  .   CA  ? ? ? 1_555 H HOH . O  ? ? A CA  501 A HOH 524 1_555 ? ? ? ? ? ? ? 2.403 ? ? 
metalc26 metalc ? ? D CA  .   CA  ? ? ? 1_555 H HOH . O  ? ? A CA  502 A HOH 543 1_555 ? ? ? ? ? ? ? 2.247 ? ? 
metalc27 metalc ? ? E CA  .   CA  ? ? ? 1_555 H HOH . O  ? ? A CA  503 A HOH 535 1_555 ? ? ? ? ? ? ? 2.511 ? ? 
metalc28 metalc ? ? F CA  .   CA  ? ? ? 1_555 H HOH . O  ? ? A CA  504 A HOH 509 1_555 ? ? ? ? ? ? ? 2.406 ? ? 
# 
_struct_conn_type.id          metalc 
_struct_conn_type.criteria    ? 
_struct_conn_type.reference   ? 
# 
loop_
_pdbx_struct_conn_angle.id 
_pdbx_struct_conn_angle.ptnr1_label_atom_id 
_pdbx_struct_conn_angle.ptnr1_label_alt_id 
_pdbx_struct_conn_angle.ptnr1_label_asym_id 
_pdbx_struct_conn_angle.ptnr1_label_comp_id 
_pdbx_struct_conn_angle.ptnr1_label_seq_id 
_pdbx_struct_conn_angle.ptnr1_auth_atom_id 
_pdbx_struct_conn_angle.ptnr1_auth_asym_id 
_pdbx_struct_conn_angle.ptnr1_auth_comp_id 
_pdbx_struct_conn_angle.ptnr1_auth_seq_id 
_pdbx_struct_conn_angle.ptnr1_PDB_ins_code 
_pdbx_struct_conn_angle.ptnr1_symmetry 
_pdbx_struct_conn_angle.ptnr2_label_atom_id 
_pdbx_struct_conn_angle.ptnr2_label_alt_id 
_pdbx_struct_conn_angle.ptnr2_label_asym_id 
_pdbx_struct_conn_angle.ptnr2_label_comp_id 
_pdbx_struct_conn_angle.ptnr2_label_seq_id 
_pdbx_struct_conn_angle.ptnr2_auth_atom_id 
_pdbx_struct_conn_angle.ptnr2_auth_asym_id 
_pdbx_struct_conn_angle.ptnr2_auth_comp_id 
_pdbx_struct_conn_angle.ptnr2_auth_seq_id 
_pdbx_struct_conn_angle.ptnr2_PDB_ins_code 
_pdbx_struct_conn_angle.ptnr2_symmetry 
_pdbx_struct_conn_angle.ptnr3_label_atom_id 
_pdbx_struct_conn_angle.ptnr3_label_alt_id 
_pdbx_struct_conn_angle.ptnr3_label_asym_id 
_pdbx_struct_conn_angle.ptnr3_label_comp_id 
_pdbx_struct_conn_angle.ptnr3_label_seq_id 
_pdbx_struct_conn_angle.ptnr3_auth_atom_id 
_pdbx_struct_conn_angle.ptnr3_auth_asym_id 
_pdbx_struct_conn_angle.ptnr3_auth_comp_id 
_pdbx_struct_conn_angle.ptnr3_auth_seq_id 
_pdbx_struct_conn_angle.ptnr3_PDB_ins_code 
_pdbx_struct_conn_angle.ptnr3_symmetry 
_pdbx_struct_conn_angle.value 
_pdbx_struct_conn_angle.value_esd 
1  OD1 ? A ASP 20  ? A ASP 20  ? 1_555 CA ? C CA . ? A CA 501 ? 1_555 OD1 ? A ASP 22  ? A ASP 22  ? 1_555 83.1  ? 
2  OD1 ? A ASP 20  ? A ASP 20  ? 1_555 CA ? C CA . ? A CA 501 ? 1_555 OD2 ? A ASP 24  ? A ASP 24  ? 1_555 89.4  ? 
3  OD1 ? A ASP 22  ? A ASP 22  ? 1_555 CA ? C CA . ? A CA 501 ? 1_555 OD2 ? A ASP 24  ? A ASP 24  ? 1_555 76.8  ? 
4  OD1 ? A ASP 20  ? A ASP 20  ? 1_555 CA ? C CA . ? A CA 501 ? 1_555 O   ? A THR 26  ? A THR 26  ? 1_555 91.0  ? 
5  OD1 ? A ASP 22  ? A ASP 22  ? 1_555 CA ? C CA . ? A CA 501 ? 1_555 O   ? A THR 26  ? A THR 26  ? 1_555 152.3 ? 
6  OD2 ? A ASP 24  ? A ASP 24  ? 1_555 CA ? C CA . ? A CA 501 ? 1_555 O   ? A THR 26  ? A THR 26  ? 1_555 76.1  ? 
7  OD1 ? A ASP 20  ? A ASP 20  ? 1_555 CA ? C CA . ? A CA 501 ? 1_555 OE1 ? A GLU 31  ? A GLU 31  ? 1_555 105.2 ? 
8  OD1 ? A ASP 22  ? A ASP 22  ? 1_555 CA ? C CA . ? A CA 501 ? 1_555 OE1 ? A GLU 31  ? A GLU 31  ? 1_555 129.3 ? 
9  OD2 ? A ASP 24  ? A ASP 24  ? 1_555 CA ? C CA . ? A CA 501 ? 1_555 OE1 ? A GLU 31  ? A GLU 31  ? 1_555 150.7 ? 
10 O   ? A THR 26  ? A THR 26  ? 1_555 CA ? C CA . ? A CA 501 ? 1_555 OE1 ? A GLU 31  ? A GLU 31  ? 1_555 78.3  ? 
11 OD1 ? A ASP 20  ? A ASP 20  ? 1_555 CA ? C CA . ? A CA 501 ? 1_555 OE2 ? A GLU 31  ? A GLU 31  ? 1_555 93.8  ? 
12 OD1 ? A ASP 22  ? A ASP 22  ? 1_555 CA ? C CA . ? A CA 501 ? 1_555 OE2 ? A GLU 31  ? A GLU 31  ? 1_555 79.2  ? 
13 OD2 ? A ASP 24  ? A ASP 24  ? 1_555 CA ? C CA . ? A CA 501 ? 1_555 OE2 ? A GLU 31  ? A GLU 31  ? 1_555 155.1 ? 
14 O   ? A THR 26  ? A THR 26  ? 1_555 CA ? C CA . ? A CA 501 ? 1_555 OE2 ? A GLU 31  ? A GLU 31  ? 1_555 128.3 ? 
15 OE1 ? A GLU 31  ? A GLU 31  ? 1_555 CA ? C CA . ? A CA 501 ? 1_555 OE2 ? A GLU 31  ? A GLU 31  ? 1_555 50.8  ? 
16 OD1 ? A ASP 20  ? A ASP 20  ? 1_555 CA ? C CA . ? A CA 501 ? 1_555 O   ? H HOH .   ? A HOH 524 ? 1_555 166.2 ? 
17 OD1 ? A ASP 22  ? A ASP 22  ? 1_555 CA ? C CA . ? A CA 501 ? 1_555 O   ? H HOH .   ? A HOH 524 ? 1_555 83.1  ? 
18 OD2 ? A ASP 24  ? A ASP 24  ? 1_555 CA ? C CA . ? A CA 501 ? 1_555 O   ? H HOH .   ? A HOH 524 ? 1_555 86.7  ? 
19 O   ? A THR 26  ? A THR 26  ? 1_555 CA ? C CA . ? A CA 501 ? 1_555 O   ? H HOH .   ? A HOH 524 ? 1_555 100.9 ? 
20 OE1 ? A GLU 31  ? A GLU 31  ? 1_555 CA ? C CA . ? A CA 501 ? 1_555 O   ? H HOH .   ? A HOH 524 ? 1_555 84.3  ? 
21 OE2 ? A GLU 31  ? A GLU 31  ? 1_555 CA ? C CA . ? A CA 501 ? 1_555 O   ? H HOH .   ? A HOH 524 ? 1_555 84.3  ? 
22 OD2 ? A ASP 56  ? A ASP 56  ? 1_555 CA ? D CA . ? A CA 502 ? 1_555 OD2 ? A ASP 58  ? A ASP 58  ? 1_555 76.9  ? 
23 OD2 ? A ASP 56  ? A ASP 56  ? 1_555 CA ? D CA . ? A CA 502 ? 1_555 OD1 ? A ASN 60  ? A ASN 60  ? 1_555 91.3  ? 
24 OD2 ? A ASP 58  ? A ASP 58  ? 1_555 CA ? D CA . ? A CA 502 ? 1_555 OD1 ? A ASN 60  ? A ASN 60  ? 1_555 79.3  ? 
25 OD2 ? A ASP 56  ? A ASP 56  ? 1_555 CA ? D CA . ? A CA 502 ? 1_555 O   ? A THR 62  ? A THR 62  ? 1_555 92.8  ? 
26 OD2 ? A ASP 58  ? A ASP 58  ? 1_555 CA ? D CA . ? A CA 502 ? 1_555 O   ? A THR 62  ? A THR 62  ? 1_555 157.3 ? 
27 OD1 ? A ASN 60  ? A ASN 60  ? 1_555 CA ? D CA . ? A CA 502 ? 1_555 O   ? A THR 62  ? A THR 62  ? 1_555 80.8  ? 
28 OD2 ? A ASP 56  ? A ASP 56  ? 1_555 CA ? D CA . ? A CA 502 ? 1_555 OE1 ? A GLU 67  ? A GLU 67  ? 1_555 109.9 ? 
29 OD2 ? A ASP 58  ? A ASP 58  ? 1_555 CA ? D CA . ? A CA 502 ? 1_555 OE1 ? A GLU 67  ? A GLU 67  ? 1_555 127.3 ? 
30 OD1 ? A ASN 60  ? A ASN 60  ? 1_555 CA ? D CA . ? A CA 502 ? 1_555 OE1 ? A GLU 67  ? A GLU 67  ? 1_555 148.4 ? 
31 O   ? A THR 62  ? A THR 62  ? 1_555 CA ? D CA . ? A CA 502 ? 1_555 OE1 ? A GLU 67  ? A GLU 67  ? 1_555 75.1  ? 
32 OD2 ? A ASP 56  ? A ASP 56  ? 1_555 CA ? D CA . ? A CA 502 ? 1_555 OE2 ? A GLU 67  ? A GLU 67  ? 1_555 86.7  ? 
33 OD2 ? A ASP 58  ? A ASP 58  ? 1_555 CA ? D CA . ? A CA 502 ? 1_555 OE2 ? A GLU 67  ? A GLU 67  ? 1_555 78.5  ? 
34 OD1 ? A ASN 60  ? A ASN 60  ? 1_555 CA ? D CA . ? A CA 502 ? 1_555 OE2 ? A GLU 67  ? A GLU 67  ? 1_555 157.6 ? 
35 O   ? A THR 62  ? A THR 62  ? 1_555 CA ? D CA . ? A CA 502 ? 1_555 OE2 ? A GLU 67  ? A GLU 67  ? 1_555 121.5 ? 
36 OE1 ? A GLU 67  ? A GLU 67  ? 1_555 CA ? D CA . ? A CA 502 ? 1_555 OE2 ? A GLU 67  ? A GLU 67  ? 1_555 51.0  ? 
37 OD2 ? A ASP 56  ? A ASP 56  ? 1_555 CA ? D CA . ? A CA 502 ? 1_555 O   ? H HOH .   ? A HOH 543 ? 1_555 162.0 ? 
38 OD2 ? A ASP 58  ? A ASP 58  ? 1_555 CA ? D CA . ? A CA 502 ? 1_555 O   ? H HOH .   ? A HOH 543 ? 1_555 85.5  ? 
39 OD1 ? A ASN 60  ? A ASN 60  ? 1_555 CA ? D CA . ? A CA 502 ? 1_555 O   ? H HOH .   ? A HOH 543 ? 1_555 81.9  ? 
40 O   ? A THR 62  ? A THR 62  ? 1_555 CA ? D CA . ? A CA 502 ? 1_555 O   ? H HOH .   ? A HOH 543 ? 1_555 102.4 ? 
41 OE1 ? A GLU 67  ? A GLU 67  ? 1_555 CA ? D CA . ? A CA 502 ? 1_555 O   ? H HOH .   ? A HOH 543 ? 1_555 83.6  ? 
42 OE2 ? A GLU 67  ? A GLU 67  ? 1_555 CA ? D CA . ? A CA 502 ? 1_555 O   ? H HOH .   ? A HOH 543 ? 1_555 93.3  ? 
43 OD2 ? A ASP 93  ? A ASP 93  ? 1_555 CA ? E CA . ? A CA 503 ? 1_555 OD1 ? A ASP 95  ? A ASP 95  ? 1_555 87.4  ? 
44 OD2 ? A ASP 93  ? A ASP 93  ? 1_555 CA ? E CA . ? A CA 503 ? 1_555 OD1 ? A ASN 97  ? A ASN 97  ? 1_555 88.8  ? 
45 OD1 ? A ASP 95  ? A ASP 95  ? 1_555 CA ? E CA . ? A CA 503 ? 1_555 OD1 ? A ASN 97  ? A ASN 97  ? 1_555 83.7  ? 
46 OD2 ? A ASP 93  ? A ASP 93  ? 1_555 CA ? E CA . ? A CA 503 ? 1_555 O   ? A TYR 99  ? A TYR 99  ? 1_555 86.7  ? 
47 OD1 ? A ASP 95  ? A ASP 95  ? 1_555 CA ? E CA . ? A CA 503 ? 1_555 O   ? A TYR 99  ? A TYR 99  ? 1_555 161.3 ? 
48 OD1 ? A ASN 97  ? A ASN 97  ? 1_555 CA ? E CA . ? A CA 503 ? 1_555 O   ? A TYR 99  ? A TYR 99  ? 1_555 78.5  ? 
49 OD2 ? A ASP 93  ? A ASP 93  ? 1_555 CA ? E CA . ? A CA 503 ? 1_555 OE1 ? A GLU 104 ? A GLU 104 ? 1_555 97.7  ? 
50 OD1 ? A ASP 95  ? A ASP 95  ? 1_555 CA ? E CA . ? A CA 503 ? 1_555 OE1 ? A GLU 104 ? A GLU 104 ? 1_555 80.5  ? 
51 OD1 ? A ASN 97  ? A ASN 97  ? 1_555 CA ? E CA . ? A CA 503 ? 1_555 OE1 ? A GLU 104 ? A GLU 104 ? 1_555 162.6 ? 
52 O   ? A TYR 99  ? A TYR 99  ? 1_555 CA ? E CA . ? A CA 503 ? 1_555 OE1 ? A GLU 104 ? A GLU 104 ? 1_555 117.9 ? 
53 OD2 ? A ASP 93  ? A ASP 93  ? 1_555 CA ? E CA . ? A CA 503 ? 1_555 OE2 ? A GLU 104 ? A GLU 104 ? 1_555 101.8 ? 
54 OD1 ? A ASP 95  ? A ASP 95  ? 1_555 CA ? E CA . ? A CA 503 ? 1_555 OE2 ? A GLU 104 ? A GLU 104 ? 1_555 130.2 ? 
55 OD1 ? A ASN 97  ? A ASN 97  ? 1_555 CA ? E CA . ? A CA 503 ? 1_555 OE2 ? A GLU 104 ? A GLU 104 ? 1_555 144.2 ? 
56 O   ? A TYR 99  ? A TYR 99  ? 1_555 CA ? E CA . ? A CA 503 ? 1_555 OE2 ? A GLU 104 ? A GLU 104 ? 1_555 68.4  ? 
57 OE1 ? A GLU 104 ? A GLU 104 ? 1_555 CA ? E CA . ? A CA 503 ? 1_555 OE2 ? A GLU 104 ? A GLU 104 ? 1_555 50.0  ? 
58 OD2 ? A ASP 93  ? A ASP 93  ? 1_555 CA ? E CA . ? A CA 503 ? 1_555 O   ? H HOH .   ? A HOH 535 ? 1_555 170.1 ? 
59 OD1 ? A ASP 95  ? A ASP 95  ? 1_555 CA ? E CA . ? A CA 503 ? 1_555 O   ? H HOH .   ? A HOH 535 ? 1_555 85.9  ? 
60 OD1 ? A ASN 97  ? A ASN 97  ? 1_555 CA ? E CA . ? A CA 503 ? 1_555 O   ? H HOH .   ? A HOH 535 ? 1_555 83.2  ? 
61 O   ? A TYR 99  ? A TYR 99  ? 1_555 CA ? E CA . ? A CA 503 ? 1_555 O   ? H HOH .   ? A HOH 535 ? 1_555 97.4  ? 
62 OE1 ? A GLU 104 ? A GLU 104 ? 1_555 CA ? E CA . ? A CA 503 ? 1_555 O   ? H HOH .   ? A HOH 535 ? 1_555 88.5  ? 
63 OE2 ? A GLU 104 ? A GLU 104 ? 1_555 CA ? E CA . ? A CA 503 ? 1_555 O   ? H HOH .   ? A HOH 535 ? 1_555 88.1  ? 
64 OD2 ? A ASP 129 ? A ASP 129 ? 1_555 CA ? F CA . ? A CA 504 ? 1_555 OD1 ? A ASP 131 ? A ASP 131 ? 1_555 80.2  ? 
65 OD2 ? A ASP 129 ? A ASP 129 ? 1_555 CA ? F CA . ? A CA 504 ? 1_555 OD2 ? A ASP 133 ? A ASP 133 ? 1_555 96.7  ? 
66 OD1 ? A ASP 131 ? A ASP 131 ? 1_555 CA ? F CA . ? A CA 504 ? 1_555 OD2 ? A ASP 133 ? A ASP 133 ? 1_555 80.4  ? 
67 OD2 ? A ASP 129 ? A ASP 129 ? 1_555 CA ? F CA . ? A CA 504 ? 1_555 O   ? A GLN 135 ? A GLN 135 ? 1_555 90.4  ? 
68 OD1 ? A ASP 131 ? A ASP 131 ? 1_555 CA ? F CA . ? A CA 504 ? 1_555 O   ? A GLN 135 ? A GLN 135 ? 1_555 158.8 ? 
69 OD2 ? A ASP 133 ? A ASP 133 ? 1_555 CA ? F CA . ? A CA 504 ? 1_555 O   ? A GLN 135 ? A GLN 135 ? 1_555 81.9  ? 
70 OD2 ? A ASP 129 ? A ASP 129 ? 1_555 CA ? F CA . ? A CA 504 ? 1_555 OE1 ? A GLU 140 ? A GLU 140 ? 1_555 112.7 ? 
71 OD1 ? A ASP 131 ? A ASP 131 ? 1_555 CA ? F CA . ? A CA 504 ? 1_555 OE1 ? A GLU 140 ? A GLU 140 ? 1_555 123.2 ? 
72 OD2 ? A ASP 133 ? A ASP 133 ? 1_555 CA ? F CA . ? A CA 504 ? 1_555 OE1 ? A GLU 140 ? A GLU 140 ? 1_555 144.1 ? 
73 O   ? A GLN 135 ? A GLN 135 ? 1_555 CA ? F CA . ? A CA 504 ? 1_555 OE1 ? A GLU 140 ? A GLU 140 ? 1_555 77.9  ? 
74 OD2 ? A ASP 129 ? A ASP 129 ? 1_555 CA ? F CA . ? A CA 504 ? 1_555 OE2 ? A GLU 140 ? A GLU 140 ? 1_555 82.9  ? 
75 OD1 ? A ASP 131 ? A ASP 131 ? 1_555 CA ? F CA . ? A CA 504 ? 1_555 OE2 ? A GLU 140 ? A GLU 140 ? 1_555 76.7  ? 
76 OD2 ? A ASP 133 ? A ASP 133 ? 1_555 CA ? F CA . ? A CA 504 ? 1_555 OE2 ? A GLU 140 ? A GLU 140 ? 1_555 156.8 ? 
77 O   ? A GLN 135 ? A GLN 135 ? 1_555 CA ? F CA . ? A CA 504 ? 1_555 OE2 ? A GLU 140 ? A GLU 140 ? 1_555 121.2 ? 
78 OE1 ? A GLU 140 ? A GLU 140 ? 1_555 CA ? F CA . ? A CA 504 ? 1_555 OE2 ? A GLU 140 ? A GLU 140 ? 1_555 52.6  ? 
79 OD2 ? A ASP 129 ? A ASP 129 ? 1_555 CA ? F CA . ? A CA 504 ? 1_555 O   ? H HOH .   ? A HOH 509 ? 1_555 167.7 ? 
80 OD1 ? A ASP 131 ? A ASP 131 ? 1_555 CA ? F CA . ? A CA 504 ? 1_555 O   ? H HOH .   ? A HOH 509 ? 1_555 87.5  ? 
81 OD2 ? A ASP 133 ? A ASP 133 ? 1_555 CA ? F CA . ? A CA 504 ? 1_555 O   ? H HOH .   ? A HOH 509 ? 1_555 80.5  ? 
82 O   ? A GLN 135 ? A GLN 135 ? 1_555 CA ? F CA . ? A CA 504 ? 1_555 O   ? H HOH .   ? A HOH 509 ? 1_555 101.0 ? 
83 OE1 ? A GLU 140 ? A GLU 140 ? 1_555 CA ? F CA . ? A CA 504 ? 1_555 O   ? H HOH .   ? A HOH 509 ? 1_555 74.6  ? 
84 OE2 ? A GLU 140 ? A GLU 140 ? 1_555 CA ? F CA . ? A CA 504 ? 1_555 O   ? H HOH .   ? A HOH 509 ? 1_555 94.9  ? 
# 
_struct_sheet.id               A 
_struct_sheet.type             ? 
_struct_sheet.number_strands   2 
_struct_sheet.details          ? 
# 
_struct_sheet_order.sheet_id     A 
_struct_sheet_order.range_id_1   1 
_struct_sheet_order.range_id_2   2 
_struct_sheet_order.offset       ? 
_struct_sheet_order.sense        anti-parallel 
# 
loop_
_struct_sheet_range.sheet_id 
_struct_sheet_range.id 
_struct_sheet_range.beg_label_comp_id 
_struct_sheet_range.beg_label_asym_id 
_struct_sheet_range.beg_label_seq_id 
_struct_sheet_range.pdbx_beg_PDB_ins_code 
_struct_sheet_range.end_label_comp_id 
_struct_sheet_range.end_label_asym_id 
_struct_sheet_range.end_label_seq_id 
_struct_sheet_range.pdbx_end_PDB_ins_code 
_struct_sheet_range.beg_auth_comp_id 
_struct_sheet_range.beg_auth_asym_id 
_struct_sheet_range.beg_auth_seq_id 
_struct_sheet_range.end_auth_comp_id 
_struct_sheet_range.end_auth_asym_id 
_struct_sheet_range.end_auth_seq_id 
A 1 TYR A 99  ? ILE A 100 ? TYR A 99  ILE A 100 
A 2 VAL A 136 ? ASN A 137 ? VAL A 136 ASN A 137 
# 
_pdbx_struct_sheet_hbond.sheet_id                A 
_pdbx_struct_sheet_hbond.range_id_1              1 
_pdbx_struct_sheet_hbond.range_id_2              2 
_pdbx_struct_sheet_hbond.range_1_label_atom_id   N 
_pdbx_struct_sheet_hbond.range_1_label_comp_id   ILE 
_pdbx_struct_sheet_hbond.range_1_label_asym_id   A 
_pdbx_struct_sheet_hbond.range_1_label_seq_id    100 
_pdbx_struct_sheet_hbond.range_1_PDB_ins_code    ? 
_pdbx_struct_sheet_hbond.range_1_auth_atom_id    N 
_pdbx_struct_sheet_hbond.range_1_auth_comp_id    ILE 
_pdbx_struct_sheet_hbond.range_1_auth_asym_id    A 
_pdbx_struct_sheet_hbond.range_1_auth_seq_id     100 
_pdbx_struct_sheet_hbond.range_2_label_atom_id   O 
_pdbx_struct_sheet_hbond.range_2_label_comp_id   VAL 
_pdbx_struct_sheet_hbond.range_2_label_asym_id   A 
_pdbx_struct_sheet_hbond.range_2_label_seq_id    136 
_pdbx_struct_sheet_hbond.range_2_PDB_ins_code    ? 
_pdbx_struct_sheet_hbond.range_2_auth_atom_id    O 
_pdbx_struct_sheet_hbond.range_2_auth_comp_id    VAL 
_pdbx_struct_sheet_hbond.range_2_auth_asym_id    A 
_pdbx_struct_sheet_hbond.range_2_auth_seq_id     136 
# 
loop_
_struct_site.id 
_struct_site.pdbx_evidence_code 
_struct_site.pdbx_auth_asym_id 
_struct_site.pdbx_auth_comp_id 
_struct_site.pdbx_auth_seq_id 
_struct_site.pdbx_auth_ins_code 
_struct_site.pdbx_num_residues 
_struct_site.details 
AC1 Software A CA 501 ? 6 'BINDING SITE FOR RESIDUE CA A 501' 
AC2 Software A CA 502 ? 6 'BINDING SITE FOR RESIDUE CA A 502' 
AC3 Software A CA 503 ? 6 'BINDING SITE FOR RESIDUE CA A 503' 
AC4 Software A CA 504 ? 6 'BINDING SITE FOR RESIDUE CA A 504' 
# 
loop_
_struct_site_gen.id 
_struct_site_gen.site_id 
_struct_site_gen.pdbx_num_res 
_struct_site_gen.label_comp_id 
_struct_site_gen.label_asym_id 
_struct_site_gen.label_seq_id 
_struct_site_gen.pdbx_auth_ins_code 
_struct_site_gen.auth_comp_id 
_struct_site_gen.auth_asym_id 
_struct_site_gen.auth_seq_id 
_struct_site_gen.label_atom_id 
_struct_site_gen.label_alt_id 
_struct_site_gen.symmetry 
_struct_site_gen.details 
1  AC1 6 ASP A 20  ? ASP A 20  . ? 1_555 ? 
2  AC1 6 ASP A 22  ? ASP A 22  . ? 1_555 ? 
3  AC1 6 ASP A 24  ? ASP A 24  . ? 1_555 ? 
4  AC1 6 THR A 26  ? THR A 26  . ? 1_555 ? 
5  AC1 6 GLU A 31  ? GLU A 31  . ? 1_555 ? 
6  AC1 6 HOH H .   ? HOH A 524 . ? 1_555 ? 
7  AC2 6 ASP A 56  ? ASP A 56  . ? 1_555 ? 
8  AC2 6 ASP A 58  ? ASP A 58  . ? 1_555 ? 
9  AC2 6 ASN A 60  ? ASN A 60  . ? 1_555 ? 
10 AC2 6 THR A 62  ? THR A 62  . ? 1_555 ? 
11 AC2 6 GLU A 67  ? GLU A 67  . ? 1_555 ? 
12 AC2 6 HOH H .   ? HOH A 543 . ? 1_555 ? 
13 AC3 6 ASP A 93  ? ASP A 93  . ? 1_555 ? 
14 AC3 6 ASP A 95  ? ASP A 95  . ? 1_555 ? 
15 AC3 6 ASN A 97  ? ASN A 97  . ? 1_555 ? 
16 AC3 6 TYR A 99  ? TYR A 99  . ? 1_555 ? 
17 AC3 6 GLU A 104 ? GLU A 104 . ? 1_555 ? 
18 AC3 6 HOH H .   ? HOH A 535 . ? 1_555 ? 
19 AC4 6 ASP A 129 ? ASP A 129 . ? 1_555 ? 
20 AC4 6 ASP A 131 ? ASP A 131 . ? 1_555 ? 
21 AC4 6 ASP A 133 ? ASP A 133 . ? 1_555 ? 
22 AC4 6 GLN A 135 ? GLN A 135 . ? 1_555 ? 
23 AC4 6 GLU A 140 ? GLU A 140 . ? 1_555 ? 
24 AC4 6 HOH H .   ? HOH A 509 . ? 1_555 ? 
# 
loop_
_pdbx_validate_torsion.id 
_pdbx_validate_torsion.PDB_model_num 
_pdbx_validate_torsion.auth_comp_id 
_pdbx_validate_torsion.auth_asym_id 
_pdbx_validate_torsion.auth_seq_id 
_pdbx_validate_torsion.PDB_ins_code 
_pdbx_validate_torsion.label_alt_id 
_pdbx_validate_torsion.phi 
_pdbx_validate_torsion.psi 
1 1 ASP A 56 ? ? -69.21 74.92  
2 1 GLU A 83 ? ? -38.84 -33.58 
# 
loop_
_pdbx_refine_tls.id 
_pdbx_refine_tls.details 
_pdbx_refine_tls.method 
_pdbx_refine_tls.origin_x 
_pdbx_refine_tls.origin_y 
_pdbx_refine_tls.origin_z 
_pdbx_refine_tls.T[1][1] 
_pdbx_refine_tls.T[2][2] 
_pdbx_refine_tls.T[3][3] 
_pdbx_refine_tls.T[1][2] 
_pdbx_refine_tls.T[1][3] 
_pdbx_refine_tls.T[2][3] 
_pdbx_refine_tls.L[1][1] 
_pdbx_refine_tls.L[2][2] 
_pdbx_refine_tls.L[3][3] 
_pdbx_refine_tls.L[1][2] 
_pdbx_refine_tls.L[1][3] 
_pdbx_refine_tls.L[2][3] 
_pdbx_refine_tls.S[1][1] 
_pdbx_refine_tls.S[2][2] 
_pdbx_refine_tls.S[3][3] 
_pdbx_refine_tls.S[1][2] 
_pdbx_refine_tls.S[1][3] 
_pdbx_refine_tls.S[2][3] 
_pdbx_refine_tls.S[2][1] 
_pdbx_refine_tls.S[3][1] 
_pdbx_refine_tls.S[3][2] 
_pdbx_refine_tls.pdbx_refine_id 
1 ? refined -1.0029 -8.0661 3.4038  -0.0022 0.0185  -0.0014 0.0014  0.0236  0.0054  0.5346 1.2185 5.8523 -0.7206 -0.7623 -0.0581 -0.0307 0.0979  -0.0672 -0.0410 -0.1675 0.1372  0.0453  -0.2467 -0.2194 'X-RAY DIFFRACTION' 
2 ? refined 10.6362 -7.8585 5.5862  0.0000  0.0503  -0.0226 -0.0332 -0.0193 -0.0348 0.0439 0.5376 4.6262 0.1468  -0.1980 -0.2463 0.0302  0.0823  -0.1126 -0.1496 0.0494  -0.1515 0.0978  -0.1215 0.4516  'X-RAY DIFFRACTION' 
3 ? refined -4.2417 6.6840  -8.1171 -0.0505 -0.0299 0.0084  0.0127  0.0170  -0.0049 2.5750 4.4992 2.9733 0.8204  -0.7132 0.7346  -0.0943 0.0256  0.0687  0.0308  -0.1742 -0.3480 -0.2483 0.0359  0.1291  'X-RAY DIFFRACTION' 
4 ? refined -8.7868 11.4957 0.4576  -0.0294 0.0004  -0.0044 0.0042  0.0106  0.0123  0.4128 3.3628 3.0399 0.7301  -0.7699 -0.2688 -0.0940 -0.0124 0.1065  -0.1328 -0.0850 -0.0321 0.1475  0.0320  0.0846  'X-RAY DIFFRACTION' 
5 ? refined 6.1985  0.4531  -1.2492 -0.0130 -0.0364 -0.0054 -0.0191 -0.0095 -0.0166 8.5057 1.1724 1.9933 -2.1072 -3.8140 0.5542  -0.0723 0.0684  0.0039  0.0646  -0.0537 -0.0491 0.0056  -0.0222 -0.0428 'X-RAY DIFFRACTION' 
# 
loop_
_pdbx_refine_tls_group.id 
_pdbx_refine_tls_group.refine_tls_id 
_pdbx_refine_tls_group.beg_auth_asym_id 
_pdbx_refine_tls_group.beg_auth_seq_id 
_pdbx_refine_tls_group.end_auth_asym_id 
_pdbx_refine_tls_group.end_auth_seq_id 
_pdbx_refine_tls_group.selection 
_pdbx_refine_tls_group.beg_label_asym_id 
_pdbx_refine_tls_group.beg_label_seq_id 
_pdbx_refine_tls_group.end_label_asym_id 
_pdbx_refine_tls_group.end_label_seq_id 
_pdbx_refine_tls_group.pdbx_refine_id 
_pdbx_refine_tls_group.selection_details 
1 1 A 5    A 39   ? A 5   A 39  'X-RAY DIFFRACTION' ? 
2 2 A 45   A 75   ? A 45  A 75  'X-RAY DIFFRACTION' ? 
3 3 A 82   A 112  ? A 82  A 112 'X-RAY DIFFRACTION' ? 
4 4 A 118  A 146  ? A 118 A 146 'X-RAY DIFFRACTION' ? 
5 5 B 1853 B 1875 ? B 1   B 23  'X-RAY DIFFRACTION' ? 
# 
_pdbx_phasing_MR.entry_id                     3DVE 
_pdbx_phasing_MR.method_rotation              ? 
_pdbx_phasing_MR.method_translation           ? 
_pdbx_phasing_MR.model_details                'Phaser MODE: MR_AUTO' 
_pdbx_phasing_MR.R_factor                     ? 
_pdbx_phasing_MR.R_rigid_body                 ? 
_pdbx_phasing_MR.correlation_coeff_Fo_to_Fc   ? 
_pdbx_phasing_MR.correlation_coeff_Io_to_Ic   ? 
_pdbx_phasing_MR.d_res_high_rotation          2.500 
_pdbx_phasing_MR.d_res_low_rotation           20.020 
_pdbx_phasing_MR.d_res_high_translation       2.500 
_pdbx_phasing_MR.d_res_low_translation        20.020 
_pdbx_phasing_MR.packing                      ? 
_pdbx_phasing_MR.reflns_percent_rotation      ? 
_pdbx_phasing_MR.reflns_percent_translation   ? 
_pdbx_phasing_MR.sigma_F_rotation             ? 
_pdbx_phasing_MR.sigma_F_translation          ? 
_pdbx_phasing_MR.sigma_I_rotation             ? 
_pdbx_phasing_MR.sigma_I_translation          ? 
# 
_phasing.method   MR 
# 
loop_
_pdbx_unobs_or_zero_occ_residues.id 
_pdbx_unobs_or_zero_occ_residues.PDB_model_num 
_pdbx_unobs_or_zero_occ_residues.polymer_flag 
_pdbx_unobs_or_zero_occ_residues.occupancy_flag 
_pdbx_unobs_or_zero_occ_residues.auth_asym_id 
_pdbx_unobs_or_zero_occ_residues.auth_comp_id 
_pdbx_unobs_or_zero_occ_residues.auth_seq_id 
_pdbx_unobs_or_zero_occ_residues.PDB_ins_code 
_pdbx_unobs_or_zero_occ_residues.label_asym_id 
_pdbx_unobs_or_zero_occ_residues.label_comp_id 
_pdbx_unobs_or_zero_occ_residues.label_seq_id 
1 1 Y 1 A ALA 1   ? A ALA 1   
2 1 Y 1 A ASP 2   ? A ASP 2   
3 1 Y 1 A GLN 3   ? A GLN 3   
4 1 Y 1 A ASP 78  ? A ASP 78  
5 1 Y 1 A THR 79  ? A THR 79  
6 1 Y 1 A ASP 80  ? A ASP 80  
7 1 Y 1 A SER 81  ? A SER 81  
8 1 Y 1 A ALA 147 ? A ALA 147 
9 1 Y 1 A LYS 148 ? A LYS 148 
# 
loop_
_chem_comp_atom.comp_id 
_chem_comp_atom.atom_id 
_chem_comp_atom.type_symbol 
_chem_comp_atom.pdbx_aromatic_flag 
_chem_comp_atom.pdbx_stereo_config 
_chem_comp_atom.pdbx_ordinal 
ALA N    N  N N 1   
ALA CA   C  N S 2   
ALA C    C  N N 3   
ALA O    O  N N 4   
ALA CB   C  N N 5   
ALA OXT  O  N N 6   
ALA H    H  N N 7   
ALA H2   H  N N 8   
ALA HA   H  N N 9   
ALA HB1  H  N N 10  
ALA HB2  H  N N 11  
ALA HB3  H  N N 12  
ALA HXT  H  N N 13  
ARG N    N  N N 14  
ARG CA   C  N S 15  
ARG C    C  N N 16  
ARG O    O  N N 17  
ARG CB   C  N N 18  
ARG CG   C  N N 19  
ARG CD   C  N N 20  
ARG NE   N  N N 21  
ARG CZ   C  N N 22  
ARG NH1  N  N N 23  
ARG NH2  N  N N 24  
ARG OXT  O  N N 25  
ARG H    H  N N 26  
ARG H2   H  N N 27  
ARG HA   H  N N 28  
ARG HB2  H  N N 29  
ARG HB3  H  N N 30  
ARG HG2  H  N N 31  
ARG HG3  H  N N 32  
ARG HD2  H  N N 33  
ARG HD3  H  N N 34  
ARG HE   H  N N 35  
ARG HH11 H  N N 36  
ARG HH12 H  N N 37  
ARG HH21 H  N N 38  
ARG HH22 H  N N 39  
ARG HXT  H  N N 40  
ASN N    N  N N 41  
ASN CA   C  N S 42  
ASN C    C  N N 43  
ASN O    O  N N 44  
ASN CB   C  N N 45  
ASN CG   C  N N 46  
ASN OD1  O  N N 47  
ASN ND2  N  N N 48  
ASN OXT  O  N N 49  
ASN H    H  N N 50  
ASN H2   H  N N 51  
ASN HA   H  N N 52  
ASN HB2  H  N N 53  
ASN HB3  H  N N 54  
ASN HD21 H  N N 55  
ASN HD22 H  N N 56  
ASN HXT  H  N N 57  
ASP N    N  N N 58  
ASP CA   C  N S 59  
ASP C    C  N N 60  
ASP O    O  N N 61  
ASP CB   C  N N 62  
ASP CG   C  N N 63  
ASP OD1  O  N N 64  
ASP OD2  O  N N 65  
ASP OXT  O  N N 66  
ASP H    H  N N 67  
ASP H2   H  N N 68  
ASP HA   H  N N 69  
ASP HB2  H  N N 70  
ASP HB3  H  N N 71  
ASP HD2  H  N N 72  
ASP HXT  H  N N 73  
CA  CA   CA N N 74  
GLN N    N  N N 75  
GLN CA   C  N S 76  
GLN C    C  N N 77  
GLN O    O  N N 78  
GLN CB   C  N N 79  
GLN CG   C  N N 80  
GLN CD   C  N N 81  
GLN OE1  O  N N 82  
GLN NE2  N  N N 83  
GLN OXT  O  N N 84  
GLN H    H  N N 85  
GLN H2   H  N N 86  
GLN HA   H  N N 87  
GLN HB2  H  N N 88  
GLN HB3  H  N N 89  
GLN HG2  H  N N 90  
GLN HG3  H  N N 91  
GLN HE21 H  N N 92  
GLN HE22 H  N N 93  
GLN HXT  H  N N 94  
GLU N    N  N N 95  
GLU CA   C  N S 96  
GLU C    C  N N 97  
GLU O    O  N N 98  
GLU CB   C  N N 99  
GLU CG   C  N N 100 
GLU CD   C  N N 101 
GLU OE1  O  N N 102 
GLU OE2  O  N N 103 
GLU OXT  O  N N 104 
GLU H    H  N N 105 
GLU H2   H  N N 106 
GLU HA   H  N N 107 
GLU HB2  H  N N 108 
GLU HB3  H  N N 109 
GLU HG2  H  N N 110 
GLU HG3  H  N N 111 
GLU HE2  H  N N 112 
GLU HXT  H  N N 113 
GLY N    N  N N 114 
GLY CA   C  N N 115 
GLY C    C  N N 116 
GLY O    O  N N 117 
GLY OXT  O  N N 118 
GLY H    H  N N 119 
GLY H2   H  N N 120 
GLY HA2  H  N N 121 
GLY HA3  H  N N 122 
GLY HXT  H  N N 123 
HIS N    N  N N 124 
HIS CA   C  N S 125 
HIS C    C  N N 126 
HIS O    O  N N 127 
HIS CB   C  N N 128 
HIS CG   C  Y N 129 
HIS ND1  N  Y N 130 
HIS CD2  C  Y N 131 
HIS CE1  C  Y N 132 
HIS NE2  N  Y N 133 
HIS OXT  O  N N 134 
HIS H    H  N N 135 
HIS H2   H  N N 136 
HIS HA   H  N N 137 
HIS HB2  H  N N 138 
HIS HB3  H  N N 139 
HIS HD1  H  N N 140 
HIS HD2  H  N N 141 
HIS HE1  H  N N 142 
HIS HE2  H  N N 143 
HIS HXT  H  N N 144 
HOH O    O  N N 145 
HOH H1   H  N N 146 
HOH H2   H  N N 147 
ILE N    N  N N 148 
ILE CA   C  N S 149 
ILE C    C  N N 150 
ILE O    O  N N 151 
ILE CB   C  N S 152 
ILE CG1  C  N N 153 
ILE CG2  C  N N 154 
ILE CD1  C  N N 155 
ILE OXT  O  N N 156 
ILE H    H  N N 157 
ILE H2   H  N N 158 
ILE HA   H  N N 159 
ILE HB   H  N N 160 
ILE HG12 H  N N 161 
ILE HG13 H  N N 162 
ILE HG21 H  N N 163 
ILE HG22 H  N N 164 
ILE HG23 H  N N 165 
ILE HD11 H  N N 166 
ILE HD12 H  N N 167 
ILE HD13 H  N N 168 
ILE HXT  H  N N 169 
LEU N    N  N N 170 
LEU CA   C  N S 171 
LEU C    C  N N 172 
LEU O    O  N N 173 
LEU CB   C  N N 174 
LEU CG   C  N N 175 
LEU CD1  C  N N 176 
LEU CD2  C  N N 177 
LEU OXT  O  N N 178 
LEU H    H  N N 179 
LEU H2   H  N N 180 
LEU HA   H  N N 181 
LEU HB2  H  N N 182 
LEU HB3  H  N N 183 
LEU HG   H  N N 184 
LEU HD11 H  N N 185 
LEU HD12 H  N N 186 
LEU HD13 H  N N 187 
LEU HD21 H  N N 188 
LEU HD22 H  N N 189 
LEU HD23 H  N N 190 
LEU HXT  H  N N 191 
LYS N    N  N N 192 
LYS CA   C  N S 193 
LYS C    C  N N 194 
LYS O    O  N N 195 
LYS CB   C  N N 196 
LYS CG   C  N N 197 
LYS CD   C  N N 198 
LYS CE   C  N N 199 
LYS NZ   N  N N 200 
LYS OXT  O  N N 201 
LYS H    H  N N 202 
LYS H2   H  N N 203 
LYS HA   H  N N 204 
LYS HB2  H  N N 205 
LYS HB3  H  N N 206 
LYS HG2  H  N N 207 
LYS HG3  H  N N 208 
LYS HD2  H  N N 209 
LYS HD3  H  N N 210 
LYS HE2  H  N N 211 
LYS HE3  H  N N 212 
LYS HZ1  H  N N 213 
LYS HZ2  H  N N 214 
LYS HZ3  H  N N 215 
LYS HXT  H  N N 216 
MET N    N  N N 217 
MET CA   C  N S 218 
MET C    C  N N 219 
MET O    O  N N 220 
MET CB   C  N N 221 
MET CG   C  N N 222 
MET SD   S  N N 223 
MET CE   C  N N 224 
MET OXT  O  N N 225 
MET H    H  N N 226 
MET H2   H  N N 227 
MET HA   H  N N 228 
MET HB2  H  N N 229 
MET HB3  H  N N 230 
MET HG2  H  N N 231 
MET HG3  H  N N 232 
MET HE1  H  N N 233 
MET HE2  H  N N 234 
MET HE3  H  N N 235 
MET HXT  H  N N 236 
NI  NI   NI N N 237 
PHE N    N  N N 238 
PHE CA   C  N S 239 
PHE C    C  N N 240 
PHE O    O  N N 241 
PHE CB   C  N N 242 
PHE CG   C  Y N 243 
PHE CD1  C  Y N 244 
PHE CD2  C  Y N 245 
PHE CE1  C  Y N 246 
PHE CE2  C  Y N 247 
PHE CZ   C  Y N 248 
PHE OXT  O  N N 249 
PHE H    H  N N 250 
PHE H2   H  N N 251 
PHE HA   H  N N 252 
PHE HB2  H  N N 253 
PHE HB3  H  N N 254 
PHE HD1  H  N N 255 
PHE HD2  H  N N 256 
PHE HE1  H  N N 257 
PHE HE2  H  N N 258 
PHE HZ   H  N N 259 
PHE HXT  H  N N 260 
PRO N    N  N N 261 
PRO CA   C  N S 262 
PRO C    C  N N 263 
PRO O    O  N N 264 
PRO CB   C  N N 265 
PRO CG   C  N N 266 
PRO CD   C  N N 267 
PRO OXT  O  N N 268 
PRO H    H  N N 269 
PRO HA   H  N N 270 
PRO HB2  H  N N 271 
PRO HB3  H  N N 272 
PRO HG2  H  N N 273 
PRO HG3  H  N N 274 
PRO HD2  H  N N 275 
PRO HD3  H  N N 276 
PRO HXT  H  N N 277 
SER N    N  N N 278 
SER CA   C  N S 279 
SER C    C  N N 280 
SER O    O  N N 281 
SER CB   C  N N 282 
SER OG   O  N N 283 
SER OXT  O  N N 284 
SER H    H  N N 285 
SER H2   H  N N 286 
SER HA   H  N N 287 
SER HB2  H  N N 288 
SER HB3  H  N N 289 
SER HG   H  N N 290 
SER HXT  H  N N 291 
THR N    N  N N 292 
THR CA   C  N S 293 
THR C    C  N N 294 
THR O    O  N N 295 
THR CB   C  N R 296 
THR OG1  O  N N 297 
THR CG2  C  N N 298 
THR OXT  O  N N 299 
THR H    H  N N 300 
THR H2   H  N N 301 
THR HA   H  N N 302 
THR HB   H  N N 303 
THR HG1  H  N N 304 
THR HG21 H  N N 305 
THR HG22 H  N N 306 
THR HG23 H  N N 307 
THR HXT  H  N N 308 
TYR N    N  N N 309 
TYR CA   C  N S 310 
TYR C    C  N N 311 
TYR O    O  N N 312 
TYR CB   C  N N 313 
TYR CG   C  Y N 314 
TYR CD1  C  Y N 315 
TYR CD2  C  Y N 316 
TYR CE1  C  Y N 317 
TYR CE2  C  Y N 318 
TYR CZ   C  Y N 319 
TYR OH   O  N N 320 
TYR OXT  O  N N 321 
TYR H    H  N N 322 
TYR H2   H  N N 323 
TYR HA   H  N N 324 
TYR HB2  H  N N 325 
TYR HB3  H  N N 326 
TYR HD1  H  N N 327 
TYR HD2  H  N N 328 
TYR HE1  H  N N 329 
TYR HE2  H  N N 330 
TYR HH   H  N N 331 
TYR HXT  H  N N 332 
VAL N    N  N N 333 
VAL CA   C  N S 334 
VAL C    C  N N 335 
VAL O    O  N N 336 
VAL CB   C  N N 337 
VAL CG1  C  N N 338 
VAL CG2  C  N N 339 
VAL OXT  O  N N 340 
VAL H    H  N N 341 
VAL H2   H  N N 342 
VAL HA   H  N N 343 
VAL HB   H  N N 344 
VAL HG11 H  N N 345 
VAL HG12 H  N N 346 
VAL HG13 H  N N 347 
VAL HG21 H  N N 348 
VAL HG22 H  N N 349 
VAL HG23 H  N N 350 
VAL HXT  H  N N 351 
# 
loop_
_chem_comp_bond.comp_id 
_chem_comp_bond.atom_id_1 
_chem_comp_bond.atom_id_2 
_chem_comp_bond.value_order 
_chem_comp_bond.pdbx_aromatic_flag 
_chem_comp_bond.pdbx_stereo_config 
_chem_comp_bond.pdbx_ordinal 
ALA N   CA   sing N N 1   
ALA N   H    sing N N 2   
ALA N   H2   sing N N 3   
ALA CA  C    sing N N 4   
ALA CA  CB   sing N N 5   
ALA CA  HA   sing N N 6   
ALA C   O    doub N N 7   
ALA C   OXT  sing N N 8   
ALA CB  HB1  sing N N 9   
ALA CB  HB2  sing N N 10  
ALA CB  HB3  sing N N 11  
ALA OXT HXT  sing N N 12  
ARG N   CA   sing N N 13  
ARG N   H    sing N N 14  
ARG N   H2   sing N N 15  
ARG CA  C    sing N N 16  
ARG CA  CB   sing N N 17  
ARG CA  HA   sing N N 18  
ARG C   O    doub N N 19  
ARG C   OXT  sing N N 20  
ARG CB  CG   sing N N 21  
ARG CB  HB2  sing N N 22  
ARG CB  HB3  sing N N 23  
ARG CG  CD   sing N N 24  
ARG CG  HG2  sing N N 25  
ARG CG  HG3  sing N N 26  
ARG CD  NE   sing N N 27  
ARG CD  HD2  sing N N 28  
ARG CD  HD3  sing N N 29  
ARG NE  CZ   sing N N 30  
ARG NE  HE   sing N N 31  
ARG CZ  NH1  sing N N 32  
ARG CZ  NH2  doub N N 33  
ARG NH1 HH11 sing N N 34  
ARG NH1 HH12 sing N N 35  
ARG NH2 HH21 sing N N 36  
ARG NH2 HH22 sing N N 37  
ARG OXT HXT  sing N N 38  
ASN N   CA   sing N N 39  
ASN N   H    sing N N 40  
ASN N   H2   sing N N 41  
ASN CA  C    sing N N 42  
ASN CA  CB   sing N N 43  
ASN CA  HA   sing N N 44  
ASN C   O    doub N N 45  
ASN C   OXT  sing N N 46  
ASN CB  CG   sing N N 47  
ASN CB  HB2  sing N N 48  
ASN CB  HB3  sing N N 49  
ASN CG  OD1  doub N N 50  
ASN CG  ND2  sing N N 51  
ASN ND2 HD21 sing N N 52  
ASN ND2 HD22 sing N N 53  
ASN OXT HXT  sing N N 54  
ASP N   CA   sing N N 55  
ASP N   H    sing N N 56  
ASP N   H2   sing N N 57  
ASP CA  C    sing N N 58  
ASP CA  CB   sing N N 59  
ASP CA  HA   sing N N 60  
ASP C   O    doub N N 61  
ASP C   OXT  sing N N 62  
ASP CB  CG   sing N N 63  
ASP CB  HB2  sing N N 64  
ASP CB  HB3  sing N N 65  
ASP CG  OD1  doub N N 66  
ASP CG  OD2  sing N N 67  
ASP OD2 HD2  sing N N 68  
ASP OXT HXT  sing N N 69  
GLN N   CA   sing N N 70  
GLN N   H    sing N N 71  
GLN N   H2   sing N N 72  
GLN CA  C    sing N N 73  
GLN CA  CB   sing N N 74  
GLN CA  HA   sing N N 75  
GLN C   O    doub N N 76  
GLN C   OXT  sing N N 77  
GLN CB  CG   sing N N 78  
GLN CB  HB2  sing N N 79  
GLN CB  HB3  sing N N 80  
GLN CG  CD   sing N N 81  
GLN CG  HG2  sing N N 82  
GLN CG  HG3  sing N N 83  
GLN CD  OE1  doub N N 84  
GLN CD  NE2  sing N N 85  
GLN NE2 HE21 sing N N 86  
GLN NE2 HE22 sing N N 87  
GLN OXT HXT  sing N N 88  
GLU N   CA   sing N N 89  
GLU N   H    sing N N 90  
GLU N   H2   sing N N 91  
GLU CA  C    sing N N 92  
GLU CA  CB   sing N N 93  
GLU CA  HA   sing N N 94  
GLU C   O    doub N N 95  
GLU C   OXT  sing N N 96  
GLU CB  CG   sing N N 97  
GLU CB  HB2  sing N N 98  
GLU CB  HB3  sing N N 99  
GLU CG  CD   sing N N 100 
GLU CG  HG2  sing N N 101 
GLU CG  HG3  sing N N 102 
GLU CD  OE1  doub N N 103 
GLU CD  OE2  sing N N 104 
GLU OE2 HE2  sing N N 105 
GLU OXT HXT  sing N N 106 
GLY N   CA   sing N N 107 
GLY N   H    sing N N 108 
GLY N   H2   sing N N 109 
GLY CA  C    sing N N 110 
GLY CA  HA2  sing N N 111 
GLY CA  HA3  sing N N 112 
GLY C   O    doub N N 113 
GLY C   OXT  sing N N 114 
GLY OXT HXT  sing N N 115 
HIS N   CA   sing N N 116 
HIS N   H    sing N N 117 
HIS N   H2   sing N N 118 
HIS CA  C    sing N N 119 
HIS CA  CB   sing N N 120 
HIS CA  HA   sing N N 121 
HIS C   O    doub N N 122 
HIS C   OXT  sing N N 123 
HIS CB  CG   sing N N 124 
HIS CB  HB2  sing N N 125 
HIS CB  HB3  sing N N 126 
HIS CG  ND1  sing Y N 127 
HIS CG  CD2  doub Y N 128 
HIS ND1 CE1  doub Y N 129 
HIS ND1 HD1  sing N N 130 
HIS CD2 NE2  sing Y N 131 
HIS CD2 HD2  sing N N 132 
HIS CE1 NE2  sing Y N 133 
HIS CE1 HE1  sing N N 134 
HIS NE2 HE2  sing N N 135 
HIS OXT HXT  sing N N 136 
HOH O   H1   sing N N 137 
HOH O   H2   sing N N 138 
ILE N   CA   sing N N 139 
ILE N   H    sing N N 140 
ILE N   H2   sing N N 141 
ILE CA  C    sing N N 142 
ILE CA  CB   sing N N 143 
ILE CA  HA   sing N N 144 
ILE C   O    doub N N 145 
ILE C   OXT  sing N N 146 
ILE CB  CG1  sing N N 147 
ILE CB  CG2  sing N N 148 
ILE CB  HB   sing N N 149 
ILE CG1 CD1  sing N N 150 
ILE CG1 HG12 sing N N 151 
ILE CG1 HG13 sing N N 152 
ILE CG2 HG21 sing N N 153 
ILE CG2 HG22 sing N N 154 
ILE CG2 HG23 sing N N 155 
ILE CD1 HD11 sing N N 156 
ILE CD1 HD12 sing N N 157 
ILE CD1 HD13 sing N N 158 
ILE OXT HXT  sing N N 159 
LEU N   CA   sing N N 160 
LEU N   H    sing N N 161 
LEU N   H2   sing N N 162 
LEU CA  C    sing N N 163 
LEU CA  CB   sing N N 164 
LEU CA  HA   sing N N 165 
LEU C   O    doub N N 166 
LEU C   OXT  sing N N 167 
LEU CB  CG   sing N N 168 
LEU CB  HB2  sing N N 169 
LEU CB  HB3  sing N N 170 
LEU CG  CD1  sing N N 171 
LEU CG  CD2  sing N N 172 
LEU CG  HG   sing N N 173 
LEU CD1 HD11 sing N N 174 
LEU CD1 HD12 sing N N 175 
LEU CD1 HD13 sing N N 176 
LEU CD2 HD21 sing N N 177 
LEU CD2 HD22 sing N N 178 
LEU CD2 HD23 sing N N 179 
LEU OXT HXT  sing N N 180 
LYS N   CA   sing N N 181 
LYS N   H    sing N N 182 
LYS N   H2   sing N N 183 
LYS CA  C    sing N N 184 
LYS CA  CB   sing N N 185 
LYS CA  HA   sing N N 186 
LYS C   O    doub N N 187 
LYS C   OXT  sing N N 188 
LYS CB  CG   sing N N 189 
LYS CB  HB2  sing N N 190 
LYS CB  HB3  sing N N 191 
LYS CG  CD   sing N N 192 
LYS CG  HG2  sing N N 193 
LYS CG  HG3  sing N N 194 
LYS CD  CE   sing N N 195 
LYS CD  HD2  sing N N 196 
LYS CD  HD3  sing N N 197 
LYS CE  NZ   sing N N 198 
LYS CE  HE2  sing N N 199 
LYS CE  HE3  sing N N 200 
LYS NZ  HZ1  sing N N 201 
LYS NZ  HZ2  sing N N 202 
LYS NZ  HZ3  sing N N 203 
LYS OXT HXT  sing N N 204 
MET N   CA   sing N N 205 
MET N   H    sing N N 206 
MET N   H2   sing N N 207 
MET CA  C    sing N N 208 
MET CA  CB   sing N N 209 
MET CA  HA   sing N N 210 
MET C   O    doub N N 211 
MET C   OXT  sing N N 212 
MET CB  CG   sing N N 213 
MET CB  HB2  sing N N 214 
MET CB  HB3  sing N N 215 
MET CG  SD   sing N N 216 
MET CG  HG2  sing N N 217 
MET CG  HG3  sing N N 218 
MET SD  CE   sing N N 219 
MET CE  HE1  sing N N 220 
MET CE  HE2  sing N N 221 
MET CE  HE3  sing N N 222 
MET OXT HXT  sing N N 223 
PHE N   CA   sing N N 224 
PHE N   H    sing N N 225 
PHE N   H2   sing N N 226 
PHE CA  C    sing N N 227 
PHE CA  CB   sing N N 228 
PHE CA  HA   sing N N 229 
PHE C   O    doub N N 230 
PHE C   OXT  sing N N 231 
PHE CB  CG   sing N N 232 
PHE CB  HB2  sing N N 233 
PHE CB  HB3  sing N N 234 
PHE CG  CD1  doub Y N 235 
PHE CG  CD2  sing Y N 236 
PHE CD1 CE1  sing Y N 237 
PHE CD1 HD1  sing N N 238 
PHE CD2 CE2  doub Y N 239 
PHE CD2 HD2  sing N N 240 
PHE CE1 CZ   doub Y N 241 
PHE CE1 HE1  sing N N 242 
PHE CE2 CZ   sing Y N 243 
PHE CE2 HE2  sing N N 244 
PHE CZ  HZ   sing N N 245 
PHE OXT HXT  sing N N 246 
PRO N   CA   sing N N 247 
PRO N   CD   sing N N 248 
PRO N   H    sing N N 249 
PRO CA  C    sing N N 250 
PRO CA  CB   sing N N 251 
PRO CA  HA   sing N N 252 
PRO C   O    doub N N 253 
PRO C   OXT  sing N N 254 
PRO CB  CG   sing N N 255 
PRO CB  HB2  sing N N 256 
PRO CB  HB3  sing N N 257 
PRO CG  CD   sing N N 258 
PRO CG  HG2  sing N N 259 
PRO CG  HG3  sing N N 260 
PRO CD  HD2  sing N N 261 
PRO CD  HD3  sing N N 262 
PRO OXT HXT  sing N N 263 
SER N   CA   sing N N 264 
SER N   H    sing N N 265 
SER N   H2   sing N N 266 
SER CA  C    sing N N 267 
SER CA  CB   sing N N 268 
SER CA  HA   sing N N 269 
SER C   O    doub N N 270 
SER C   OXT  sing N N 271 
SER CB  OG   sing N N 272 
SER CB  HB2  sing N N 273 
SER CB  HB3  sing N N 274 
SER OG  HG   sing N N 275 
SER OXT HXT  sing N N 276 
THR N   CA   sing N N 277 
THR N   H    sing N N 278 
THR N   H2   sing N N 279 
THR CA  C    sing N N 280 
THR CA  CB   sing N N 281 
THR CA  HA   sing N N 282 
THR C   O    doub N N 283 
THR C   OXT  sing N N 284 
THR CB  OG1  sing N N 285 
THR CB  CG2  sing N N 286 
THR CB  HB   sing N N 287 
THR OG1 HG1  sing N N 288 
THR CG2 HG21 sing N N 289 
THR CG2 HG22 sing N N 290 
THR CG2 HG23 sing N N 291 
THR OXT HXT  sing N N 292 
TYR N   CA   sing N N 293 
TYR N   H    sing N N 294 
TYR N   H2   sing N N 295 
TYR CA  C    sing N N 296 
TYR CA  CB   sing N N 297 
TYR CA  HA   sing N N 298 
TYR C   O    doub N N 299 
TYR C   OXT  sing N N 300 
TYR CB  CG   sing N N 301 
TYR CB  HB2  sing N N 302 
TYR CB  HB3  sing N N 303 
TYR CG  CD1  doub Y N 304 
TYR CG  CD2  sing Y N 305 
TYR CD1 CE1  sing Y N 306 
TYR CD1 HD1  sing N N 307 
TYR CD2 CE2  doub Y N 308 
TYR CD2 HD2  sing N N 309 
TYR CE1 CZ   doub Y N 310 
TYR CE1 HE1  sing N N 311 
TYR CE2 CZ   sing Y N 312 
TYR CE2 HE2  sing N N 313 
TYR CZ  OH   sing N N 314 
TYR OH  HH   sing N N 315 
TYR OXT HXT  sing N N 316 
VAL N   CA   sing N N 317 
VAL N   H    sing N N 318 
VAL N   H2   sing N N 319 
VAL CA  C    sing N N 320 
VAL CA  CB   sing N N 321 
VAL CA  HA   sing N N 322 
VAL C   O    doub N N 323 
VAL C   OXT  sing N N 324 
VAL CB  CG1  sing N N 325 
VAL CB  CG2  sing N N 326 
VAL CB  HB   sing N N 327 
VAL CG1 HG11 sing N N 328 
VAL CG1 HG12 sing N N 329 
VAL CG1 HG13 sing N N 330 
VAL CG2 HG21 sing N N 331 
VAL CG2 HG22 sing N N 332 
VAL CG2 HG23 sing N N 333 
VAL OXT HXT  sing N N 334 
# 
_atom_sites.entry_id                    3DVE 
_atom_sites.fract_transf_matrix[1][1]   -0.00029859 
_atom_sites.fract_transf_matrix[1][2]   -0.02797343 
_atom_sites.fract_transf_matrix[1][3]   -0.00618376 
_atom_sites.fract_transf_matrix[2][1]   0.02453111 
_atom_sites.fract_transf_matrix[2][2]   -0.01369011 
_atom_sites.fract_transf_matrix[2][3]   -0.00562388 
_atom_sites.fract_transf_matrix[3][1]   0.00029653 
_atom_sites.fract_transf_matrix[3][2]   -0.00062591 
_atom_sites.fract_transf_matrix[3][3]   0.00281711 
_atom_sites.fract_transf_vector[1]      0.048139 
_atom_sites.fract_transf_vector[2]      0.524704 
_atom_sites.fract_transf_vector[3]      0.035966 
# 
loop_
_atom_type.symbol 
C  
CA 
N  
NI 
O  
S  
# 
loop_
_atom_site.group_PDB 
_atom_site.id 
_atom_site.type_symbol 
_atom_site.label_atom_id 
_atom_site.label_alt_id 
_atom_site.label_comp_id 
_atom_site.label_asym_id 
_atom_site.label_entity_id 
_atom_site.label_seq_id 
_atom_site.pdbx_PDB_ins_code 
_atom_site.Cartn_x 
_atom_site.Cartn_y 
_atom_site.Cartn_z 
_atom_site.occupancy 
_atom_site.B_iso_or_equiv 
_atom_site.pdbx_formal_charge 
_atom_site.auth_seq_id 
_atom_site.auth_comp_id 
_atom_site.auth_asym_id 
_atom_site.auth_atom_id 
_atom_site.pdbx_PDB_model_num 
ATOM   1    N  N   . LEU A 1 4   ? -0.458  2.985   20.036  1.00 46.63 ? 4    LEU A N   1 
ATOM   2    C  CA  . LEU A 1 4   ? -1.266  2.246   18.998  1.00 46.83 ? 4    LEU A CA  1 
ATOM   3    C  C   . LEU A 1 4   ? -2.746  2.113   19.393  1.00 46.48 ? 4    LEU A C   1 
ATOM   4    O  O   . LEU A 1 4   ? -3.062  1.885   20.574  1.00 47.19 ? 4    LEU A O   1 
ATOM   5    C  CB  . LEU A 1 4   ? -0.674  0.848   18.738  1.00 47.30 ? 4    LEU A CB  1 
ATOM   6    N  N   . THR A 1 5   ? -3.661  2.269   18.433  1.00 45.01 ? 5    THR A N   1 
ATOM   7    C  CA  . THR A 1 5   ? -5.084  2.032   18.740  1.00 43.57 ? 5    THR A CA  1 
ATOM   8    C  C   . THR A 1 5   ? -5.652  0.757   18.094  1.00 42.92 ? 5    THR A C   1 
ATOM   9    O  O   . THR A 1 5   ? -5.156  0.261   17.079  1.00 42.37 ? 5    THR A O   1 
ATOM   10   C  CB  . THR A 1 5   ? -6.011  3.229   18.379  1.00 43.40 ? 5    THR A CB  1 
ATOM   11   O  OG1 . THR A 1 5   ? -6.375  3.156   16.993  1.00 43.64 ? 5    THR A OG1 1 
ATOM   12   C  CG2 . THR A 1 5   ? -5.341  4.560   18.683  1.00 42.04 ? 5    THR A CG2 1 
ATOM   13   N  N   . GLU A 1 6   ? -6.719  0.242   18.690  1.00 42.13 ? 6    GLU A N   1 
ATOM   14   C  CA  . GLU A 1 6   ? -7.438  -0.895  18.127  1.00 41.26 ? 6    GLU A CA  1 
ATOM   15   C  C   . GLU A 1 6   ? -7.713  -0.759  16.605  1.00 40.61 ? 6    GLU A C   1 
ATOM   16   O  O   . GLU A 1 6   ? -7.413  -1.653  15.818  1.00 40.03 ? 6    GLU A O   1 
ATOM   17   C  CB  . GLU A 1 6   ? -8.736  -1.071  18.906  1.00 40.92 ? 6    GLU A CB  1 
ATOM   18   C  CG  . GLU A 1 6   ? -9.540  -2.258  18.497  1.00 41.62 ? 6    GLU A CG  1 
ATOM   19   C  CD  . GLU A 1 6   ? -10.379 -2.770  19.632  1.00 43.75 ? 6    GLU A CD  1 
ATOM   20   O  OE1 . GLU A 1 6   ? -10.280 -2.197  20.757  1.00 44.20 ? 6    GLU A OE1 1 
ATOM   21   O  OE2 . GLU A 1 6   ? -11.130 -3.749  19.393  1.00 43.90 ? 6    GLU A OE2 1 
ATOM   22   N  N   . GLU A 1 7   ? -8.310  0.355   16.212  1.00 39.92 ? 7    GLU A N   1 
ATOM   23   C  CA  . GLU A 1 7   ? -8.675  0.567   14.825  1.00 39.89 ? 7    GLU A CA  1 
ATOM   24   C  C   . GLU A 1 7   ? -7.480  0.413   13.889  1.00 38.89 ? 7    GLU A C   1 
ATOM   25   O  O   . GLU A 1 7   ? -7.585  -0.221  12.822  1.00 38.33 ? 7    GLU A O   1 
ATOM   26   C  CB  . GLU A 1 7   ? -9.290  1.961   14.652  1.00 39.89 ? 7    GLU A CB  1 
ATOM   27   C  CG  . GLU A 1 7   ? -9.796  2.245   13.265  1.00 43.23 ? 7    GLU A CG  1 
ATOM   28   C  CD  . GLU A 1 7   ? -10.851 3.352   13.253  1.00 48.20 ? 7    GLU A CD  1 
ATOM   29   O  OE1 . GLU A 1 7   ? -11.261 3.820   14.344  1.00 51.13 ? 7    GLU A OE1 1 
ATOM   30   O  OE2 . GLU A 1 7   ? -11.284 3.758   12.151  1.00 50.32 ? 7    GLU A OE2 1 
ATOM   31   N  N   . GLN A 1 8   ? -6.356  1.014   14.278  1.00 37.50 ? 8    GLN A N   1 
ATOM   32   C  CA  . GLN A 1 8   ? -5.213  1.053   13.396  1.00 36.56 ? 8    GLN A CA  1 
ATOM   33   C  C   . GLN A 1 8   ? -4.442  -0.258  13.416  1.00 35.78 ? 8    GLN A C   1 
ATOM   34   O  O   . GLN A 1 8   ? -3.643  -0.505  12.507  1.00 36.09 ? 8    GLN A O   1 
ATOM   35   C  CB  . GLN A 1 8   ? -4.316  2.259   13.668  1.00 37.03 ? 8    GLN A CB  1 
ATOM   36   C  CG  . GLN A 1 8   ? -3.566  2.245   14.988  1.00 38.50 ? 8    GLN A CG  1 
ATOM   37   C  CD  . GLN A 1 8   ? -2.959  3.630   15.347  1.00 40.64 ? 8    GLN A CD  1 
ATOM   38   O  OE1 . GLN A 1 8   ? -2.807  3.976   16.526  1.00 40.37 ? 8    GLN A OE1 1 
ATOM   39   N  NE2 . GLN A 1 8   ? -2.619  4.410   14.325  1.00 39.30 ? 8    GLN A NE2 1 
ATOM   40   N  N   . ILE A 1 9   ? -4.700  -1.105  14.422  1.00 34.23 ? 9    ILE A N   1 
ATOM   41   C  CA  . ILE A 1 9   ? -4.211  -2.499  14.430  1.00 32.66 ? 9    ILE A CA  1 
ATOM   42   C  C   . ILE A 1 9   ? -4.986  -3.291  13.384  1.00 31.75 ? 9    ILE A C   1 
ATOM   43   O  O   . ILE A 1 9   ? -4.423  -4.078  12.621  1.00 30.38 ? 9    ILE A O   1 
ATOM   44   C  CB  . ILE A 1 9   ? -4.380  -3.176  15.827  1.00 32.27 ? 9    ILE A CB  1 
ATOM   45   C  CG1 . ILE A 1 9   ? -3.474  -2.496  16.855  1.00 32.21 ? 9    ILE A CG1 1 
ATOM   46   C  CG2 . ILE A 1 9   ? -4.011  -4.655  15.774  1.00 31.66 ? 9    ILE A CG2 1 
ATOM   47   C  CD1 . ILE A 1 9   ? -3.995  -2.585  18.291  1.00 29.41 ? 9    ILE A CD1 1 
ATOM   48   N  N   . ALA A 1 10  ? -6.286  -3.030  13.352  1.00 31.37 ? 10   ALA A N   1 
ATOM   49   C  CA  . ALA A 1 10  ? -7.186  -3.673  12.432  1.00 31.46 ? 10   ALA A CA  1 
ATOM   50   C  C   . ALA A 1 10  ? -6.834  -3.284  11.003  1.00 31.63 ? 10   ALA A C   1 
ATOM   51   O  O   . ALA A 1 10  ? -6.812  -4.131  10.114  1.00 31.70 ? 10   ALA A O   1 
ATOM   52   C  CB  . ALA A 1 10  ? -8.617  -3.298  12.753  1.00 31.71 ? 10   ALA A CB  1 
ATOM   53   N  N   . GLU A 1 11  ? -6.560  -2.004  10.769  1.00 31.27 ? 11   GLU A N   1 
ATOM   54   C  CA  A GLU A 1 11  ? -6.169  -1.588  9.433   0.50 31.57 ? 11   GLU A CA  1 
ATOM   55   C  CA  B GLU A 1 11  ? -6.162  -1.564  9.443   0.50 31.53 ? 11   GLU A CA  1 
ATOM   56   C  C   . GLU A 1 11  ? -4.865  -2.281  9.003   1.00 31.97 ? 11   GLU A C   1 
ATOM   57   O  O   . GLU A 1 11  ? -4.777  -2.808  7.896   1.00 32.19 ? 11   GLU A O   1 
ATOM   58   C  CB  A GLU A 1 11  ? -6.061  -0.062  9.326   0.50 31.26 ? 11   GLU A CB  1 
ATOM   59   C  CB  B GLU A 1 11  ? -6.063  -0.018  9.370   0.50 31.15 ? 11   GLU A CB  1 
ATOM   60   C  CG  A GLU A 1 11  ? -7.395  0.678   9.376   0.50 30.30 ? 11   GLU A CG  1 
ATOM   61   C  CG  B GLU A 1 11  ? -4.961  0.625   10.226  0.50 30.12 ? 11   GLU A CG  1 
ATOM   62   C  CD  A GLU A 1 11  ? -8.462  0.065   8.472   0.50 29.84 ? 11   GLU A CD  1 
ATOM   63   C  CD  B GLU A 1 11  ? -5.089  2.171   10.397  0.50 28.57 ? 11   GLU A CD  1 
ATOM   64   O  OE1 A GLU A 1 11  ? -8.192  -0.190  7.266   0.50 26.81 ? 11   GLU A OE1 1 
ATOM   65   O  OE1 B GLU A 1 11  ? -6.156  2.767   10.112  0.50 24.00 ? 11   GLU A OE1 1 
ATOM   66   O  OE2 A GLU A 1 11  ? -9.581  -0.162  8.987   0.50 29.31 ? 11   GLU A OE2 1 
ATOM   67   O  OE2 B GLU A 1 11  ? -4.093  2.789   10.836  0.50 28.42 ? 11   GLU A OE2 1 
ATOM   68   N  N   . PHE A 1 12  ? -3.861  -2.320  9.879   1.00 32.55 ? 12   PHE A N   1 
ATOM   69   C  CA  . PHE A 1 12  ? -2.612  -3.021  9.557   1.00 33.03 ? 12   PHE A CA  1 
ATOM   70   C  C   . PHE A 1 12  ? -2.918  -4.481  9.195   1.00 32.60 ? 12   PHE A C   1 
ATOM   71   O  O   . PHE A 1 12  ? -2.364  -5.053  8.241   1.00 32.52 ? 12   PHE A O   1 
ATOM   72   C  CB  . PHE A 1 12  ? -1.617  -2.977  10.742  1.00 33.47 ? 12   PHE A CB  1 
ATOM   73   C  CG  . PHE A 1 12  ? -1.095  -1.595  11.063  1.00 34.95 ? 12   PHE A CG  1 
ATOM   74   C  CD1 . PHE A 1 12  ? -0.916  -1.200  12.385  1.00 38.03 ? 12   PHE A CD1 1 
ATOM   75   C  CD2 . PHE A 1 12  ? -0.795  -0.695  10.051  1.00 37.29 ? 12   PHE A CD2 1 
ATOM   76   C  CE1 . PHE A 1 12  ? -0.446  0.061   12.689  1.00 37.80 ? 12   PHE A CE1 1 
ATOM   77   C  CE2 . PHE A 1 12  ? -0.320  0.568   10.338  1.00 38.64 ? 12   PHE A CE2 1 
ATOM   78   C  CZ  . PHE A 1 12  ? -0.136  0.947   11.651  1.00 38.70 ? 12   PHE A CZ  1 
ATOM   79   N  N   . LYS A 1 13  ? -3.806  -5.071  9.979   1.00 31.85 ? 13   LYS A N   1 
ATOM   80   C  CA  . LYS A 1 13  ? -4.180  -6.454  9.813   1.00 31.35 ? 13   LYS A CA  1 
ATOM   81   C  C   . LYS A 1 13  ? -4.860  -6.659  8.462   1.00 30.51 ? 13   LYS A C   1 
ATOM   82   O  O   . LYS A 1 13  ? -4.547  -7.616  7.782   1.00 30.36 ? 13   LYS A O   1 
ATOM   83   C  CB  . LYS A 1 13  ? -5.091  -6.882  10.962  1.00 31.77 ? 13   LYS A CB  1 
ATOM   84   C  CG  . LYS A 1 13  ? -5.437  -8.343  10.994  1.00 34.95 ? 13   LYS A CG  1 
ATOM   85   C  CD  . LYS A 1 13  ? -5.991  -8.688  12.388  1.00 40.48 ? 13   LYS A CD  1 
ATOM   86   C  CE  . LYS A 1 13  ? -6.936  -9.908  12.375  1.00 43.43 ? 13   LYS A CE  1 
ATOM   87   N  NZ  . LYS A 1 13  ? -7.457  -10.266 13.755  1.00 46.76 ? 13   LYS A NZ  1 
ATOM   88   N  N   . GLU A 1 14  ? -5.774  -5.766  8.070   1.00 29.69 ? 14   GLU A N   1 
ATOM   89   C  CA  . GLU A 1 14  ? -6.385  -5.822  6.743   1.00 29.44 ? 14   GLU A CA  1 
ATOM   90   C  C   . GLU A 1 14  ? -5.278  -5.751  5.678   1.00 28.65 ? 14   GLU A C   1 
ATOM   91   O  O   . GLU A 1 14  ? -5.296  -6.518  4.725   1.00 28.42 ? 14   GLU A O   1 
ATOM   92   C  CB  . GLU A 1 14  ? -7.444  -4.698  6.537   1.00 29.67 ? 14   GLU A CB  1 
ATOM   93   C  CG  . GLU A 1 14  ? -8.595  -4.733  7.579   1.00 33.30 ? 14   GLU A CG  1 
ATOM   94   C  CD  . GLU A 1 14  ? -9.738  -3.658  7.446   1.00 38.76 ? 14   GLU A CD  1 
ATOM   95   O  OE1 . GLU A 1 14  ? -10.699 -3.741  8.274   1.00 40.44 ? 14   GLU A OE1 1 
ATOM   96   O  OE2 . GLU A 1 14  ? -9.695  -2.738  6.569   1.00 41.64 ? 14   GLU A OE2 1 
ATOM   97   N  N   . ALA A 1 15  ? -4.303  -4.861  5.861   1.00 27.59 ? 15   ALA A N   1 
ATOM   98   C  CA  . ALA A 1 15  ? -3.259  -4.673  4.852   1.00 27.05 ? 15   ALA A CA  1 
ATOM   99   C  C   . ALA A 1 15  ? -2.412  -5.935  4.727   1.00 26.19 ? 15   ALA A C   1 
ATOM   100  O  O   . ALA A 1 15  ? -2.071  -6.377  3.612   1.00 26.24 ? 15   ALA A O   1 
ATOM   101  C  CB  . ALA A 1 15  ? -2.382  -3.471  5.187   1.00 27.03 ? 15   ALA A CB  1 
ATOM   102  N  N   . PHE A 1 16  ? -2.074  -6.504  5.870   1.00 24.91 ? 16   PHE A N   1 
ATOM   103  C  CA  . PHE A 1 16  ? -1.296  -7.723  5.882   1.00 24.83 ? 16   PHE A CA  1 
ATOM   104  C  C   . PHE A 1 16  ? -2.031  -8.770  5.043   1.00 25.37 ? 16   PHE A C   1 
ATOM   105  O  O   . PHE A 1 16  ? -1.440  -9.488  4.231   1.00 25.48 ? 16   PHE A O   1 
ATOM   106  C  CB  . PHE A 1 16  ? -1.123  -8.214  7.309   1.00 24.12 ? 16   PHE A CB  1 
ATOM   107  C  CG  . PHE A 1 16  ? -0.284  -9.435  7.420   1.00 21.98 ? 16   PHE A CG  1 
ATOM   108  C  CD1 . PHE A 1 16  ? 1.085   -9.340  7.695   1.00 19.84 ? 16   PHE A CD1 1 
ATOM   109  C  CD2 . PHE A 1 16  ? -0.858  -10.695 7.257   1.00 20.28 ? 16   PHE A CD2 1 
ATOM   110  C  CE1 . PHE A 1 16  ? 1.876   -10.491 7.770   1.00 20.34 ? 16   PHE A CE1 1 
ATOM   111  C  CE2 . PHE A 1 16  ? -0.077  -11.855 7.353   1.00 19.60 ? 16   PHE A CE2 1 
ATOM   112  C  CZ  . PHE A 1 16  ? 1.291   -11.760 7.618   1.00 19.16 ? 16   PHE A CZ  1 
ATOM   113  N  N   . SER A 1 17  ? -3.345  -8.808  5.212   1.00 25.01 ? 17   SER A N   1 
ATOM   114  C  CA  A SER A 1 17  ? -4.183  -9.786  4.541   0.50 25.17 ? 17   SER A CA  1 
ATOM   115  C  CA  B SER A 1 17  ? -4.159  -9.792  4.533   0.50 24.90 ? 17   SER A CA  1 
ATOM   116  C  C   . SER A 1 17  ? -4.290  -9.566  3.024   1.00 25.24 ? 17   SER A C   1 
ATOM   117  O  O   . SER A 1 17  ? -4.516  -10.507 2.274   1.00 25.46 ? 17   SER A O   1 
ATOM   118  C  CB  A SER A 1 17  ? -5.572  -9.812  5.167   0.50 24.94 ? 17   SER A CB  1 
ATOM   119  C  CB  B SER A 1 17  ? -5.516  -9.874  5.200   0.50 24.58 ? 17   SER A CB  1 
ATOM   120  O  OG  A SER A 1 17  ? -6.431  -10.649 4.412   0.50 25.46 ? 17   SER A OG  1 
ATOM   121  O  OG  B SER A 1 17  ? -5.342  -10.405 6.491   0.50 23.48 ? 17   SER A OG  1 
ATOM   122  N  N   . LEU A 1 18  ? -4.147  -8.324  2.580   1.00 25.73 ? 18   LEU A N   1 
ATOM   123  C  CA  . LEU A 1 18  ? -4.104  -8.014  1.144   1.00 26.54 ? 18   LEU A CA  1 
ATOM   124  C  C   . LEU A 1 18  ? -2.917  -8.686  0.493   1.00 25.25 ? 18   LEU A C   1 
ATOM   125  O  O   . LEU A 1 18  ? -3.027  -9.156  -0.625  1.00 25.34 ? 18   LEU A O   1 
ATOM   126  C  CB  . LEU A 1 18  ? -3.912  -6.520  0.895   1.00 27.36 ? 18   LEU A CB  1 
ATOM   127  C  CG  . LEU A 1 18  ? -5.199  -5.750  0.584   1.00 33.07 ? 18   LEU A CG  1 
ATOM   128  C  CD1 . LEU A 1 18  ? -6.130  -5.749  1.781   1.00 37.06 ? 18   LEU A CD1 1 
ATOM   129  C  CD2 . LEU A 1 18  ? -4.855  -4.315  0.224   1.00 36.32 ? 18   LEU A CD2 1 
ATOM   130  N  N   . PHE A 1 19  ? -1.773  -8.665  1.176   1.00 24.39 ? 19   PHE A N   1 
ATOM   131  C  CA  . PHE A 1 19  ? -0.551  -9.311  0.693   1.00 23.36 ? 19   PHE A CA  1 
ATOM   132  C  C   . PHE A 1 19  ? -0.614  -10.852 0.817   1.00 23.94 ? 19   PHE A C   1 
ATOM   133  O  O   . PHE A 1 19  ? -0.123  -11.608 -0.032  1.00 23.09 ? 19   PHE A O   1 
ATOM   134  C  CB  . PHE A 1 19  ? 0.659   -8.756  1.457   1.00 22.27 ? 19   PHE A CB  1 
ATOM   135  C  CG  . PHE A 1 19  ? 1.017   -7.364  1.063   1.00 21.63 ? 19   PHE A CG  1 
ATOM   136  C  CD1 . PHE A 1 19  ? 1.803   -7.122  -0.039  1.00 20.11 ? 19   PHE A CD1 1 
ATOM   137  C  CD2 . PHE A 1 19  ? 0.547   -6.281  1.779   1.00 22.60 ? 19   PHE A CD2 1 
ATOM   138  C  CE1 . PHE A 1 19  ? 2.129   -5.787  -0.423  1.00 20.41 ? 19   PHE A CE1 1 
ATOM   139  C  CE2 . PHE A 1 19  ? 0.863   -4.959  1.408   1.00 20.72 ? 19   PHE A CE2 1 
ATOM   140  C  CZ  . PHE A 1 19  ? 1.655   -4.717  0.293   1.00 19.69 ? 19   PHE A CZ  1 
ATOM   141  N  N   . ASP A 1 20  ? -1.233  -11.311 1.890   1.00 24.69 ? 20   ASP A N   1 
ATOM   142  C  CA  . ASP A 1 20  ? -1.197  -12.730 2.237   1.00 25.71 ? 20   ASP A CA  1 
ATOM   143  C  C   . ASP A 1 20  ? -2.323  -13.519 1.522   1.00 26.20 ? 20   ASP A C   1 
ATOM   144  O  O   . ASP A 1 20  ? -3.225  -14.046 2.151   1.00 26.51 ? 20   ASP A O   1 
ATOM   145  C  CB  . ASP A 1 20  ? -1.278  -12.849 3.770   1.00 24.63 ? 20   ASP A CB  1 
ATOM   146  C  CG  . ASP A 1 20  ? -1.230  -14.269 4.246   1.00 25.94 ? 20   ASP A CG  1 
ATOM   147  O  OD1 . ASP A 1 20  ? -0.745  -15.148 3.481   1.00 23.16 ? 20   ASP A OD1 1 
ATOM   148  O  OD2 . ASP A 1 20  ? -1.647  -14.509 5.406   1.00 26.43 ? 20   ASP A OD2 1 
ATOM   149  N  N   . LYS A 1 21  ? -2.244  -13.609 0.196   1.00 27.35 ? 21   LYS A N   1 
ATOM   150  C  CA  . LYS A 1 21  ? -3.343  -14.109 -0.621  1.00 27.82 ? 21   LYS A CA  1 
ATOM   151  C  C   . LYS A 1 21  ? -3.821  -15.476 -0.222  1.00 28.35 ? 21   LYS A C   1 
ATOM   152  O  O   . LYS A 1 21  ? -4.998  -15.794 -0.418  1.00 29.42 ? 21   LYS A O   1 
ATOM   153  C  CB  . LYS A 1 21  ? -2.936  -14.184 -2.098  1.00 28.54 ? 21   LYS A CB  1 
ATOM   154  C  CG  . LYS A 1 21  ? -2.351  -12.907 -2.725  1.00 30.24 ? 21   LYS A CG  1 
ATOM   155  C  CD  . LYS A 1 21  ? -3.390  -11.770 -2.752  1.00 28.56 ? 21   LYS A CD  1 
ATOM   156  C  CE  . LYS A 1 21  ? -2.819  -10.511 -3.375  1.00 26.62 ? 21   LYS A CE  1 
ATOM   157  N  NZ  . LYS A 1 21  ? -3.832  -9.397  -3.303  1.00 25.57 ? 21   LYS A NZ  1 
ATOM   158  N  N   . ASP A 1 22  ? -2.932  -16.327 0.280   1.00 28.17 ? 22   ASP A N   1 
ATOM   159  C  CA  . ASP A 1 22  ? -3.349  -17.706 0.600   1.00 28.40 ? 22   ASP A CA  1 
ATOM   160  C  C   . ASP A 1 22  ? -3.715  -17.850 2.071   1.00 28.38 ? 22   ASP A C   1 
ATOM   161  O  O   . ASP A 1 22  ? -4.008  -18.932 2.538   1.00 29.11 ? 22   ASP A O   1 
ATOM   162  C  CB  . ASP A 1 22  ? -2.287  -18.748 0.194   1.00 27.82 ? 22   ASP A CB  1 
ATOM   163  C  CG  . ASP A 1 22  ? -0.991  -18.617 0.997   1.00 28.91 ? 22   ASP A CG  1 
ATOM   164  O  OD1 . ASP A 1 22  ? -0.930  -17.822 1.962   1.00 27.35 ? 22   ASP A OD1 1 
ATOM   165  O  OD2 . ASP A 1 22  ? -0.020  -19.318 0.660   1.00 28.92 ? 22   ASP A OD2 1 
ATOM   166  N  N   . GLY A 1 23  ? -3.698  -16.739 2.795   1.00 28.36 ? 23   GLY A N   1 
ATOM   167  C  CA  . GLY A 1 23  ? -4.157  -16.724 4.175   1.00 28.02 ? 23   GLY A CA  1 
ATOM   168  C  C   . GLY A 1 23  ? -3.330  -17.527 5.167   1.00 27.94 ? 23   GLY A C   1 
ATOM   169  O  O   . GLY A 1 23  ? -3.823  -17.833 6.248   1.00 29.00 ? 23   GLY A O   1 
ATOM   170  N  N   . ASP A 1 24  ? -2.078  -17.860 4.862   1.00 26.57 ? 24   ASP A N   1 
ATOM   171  C  CA  . ASP A 1 24  ? -1.377  -18.791 5.752   1.00 25.83 ? 24   ASP A CA  1 
ATOM   172  C  C   . ASP A 1 24  ? -0.610  -18.074 6.871   1.00 25.91 ? 24   ASP A C   1 
ATOM   173  O  O   . ASP A 1 24  ? 0.157   -18.688 7.603   1.00 25.87 ? 24   ASP A O   1 
ATOM   174  C  CB  . ASP A 1 24  ? -0.477  -19.768 4.967   1.00 24.73 ? 24   ASP A CB  1 
ATOM   175  C  CG  . ASP A 1 24  ? 0.807   -19.117 4.462   1.00 24.35 ? 24   ASP A CG  1 
ATOM   176  O  OD1 . ASP A 1 24  ? 1.767   -19.847 4.147   1.00 20.80 ? 24   ASP A OD1 1 
ATOM   177  O  OD2 . ASP A 1 24  ? 0.863   -17.865 4.389   1.00 22.47 ? 24   ASP A OD2 1 
ATOM   178  N  N   . GLY A 1 25  ? -0.800  -16.766 6.974   1.00 25.77 ? 25   GLY A N   1 
ATOM   179  C  CA  . GLY A 1 25  ? -0.166  -16.008 8.030   1.00 26.28 ? 25   GLY A CA  1 
ATOM   180  C  C   . GLY A 1 25  ? 1.265   -15.577 7.727   1.00 26.86 ? 25   GLY A C   1 
ATOM   181  O  O   . GLY A 1 25  ? 1.941   -14.968 8.572   1.00 27.14 ? 25   GLY A O   1 
ATOM   182  N  N   . THR A 1 26  ? 1.765   -15.881 6.533   1.00 26.47 ? 26   THR A N   1 
ATOM   183  C  CA  . THR A 1 26  ? 3.091   -15.391 6.208   1.00 25.85 ? 26   THR A CA  1 
ATOM   184  C  C   . THR A 1 26  ? 3.087   -14.875 4.778   1.00 24.92 ? 26   THR A C   1 
ATOM   185  O  O   . THR A 1 26  ? 2.407   -15.446 3.932   1.00 25.16 ? 26   THR A O   1 
ATOM   186  C  CB  . THR A 1 26  ? 4.176   -16.465 6.380   1.00 25.75 ? 26   THR A CB  1 
ATOM   187  O  OG1 . THR A 1 26  ? 4.230   -17.264 5.206   1.00 29.79 ? 26   THR A OG1 1 
ATOM   188  C  CG2 . THR A 1 26  ? 3.869   -17.388 7.523   1.00 25.69 ? 26   THR A CG2 1 
ATOM   189  N  N   . ILE A 1 27  ? 3.852   -13.808 4.517   1.00 23.31 ? 27   ILE A N   1 
ATOM   190  C  CA  . ILE A 1 27  ? 3.917   -13.194 3.202   1.00 21.25 ? 27   ILE A CA  1 
ATOM   191  C  C   . ILE A 1 27  ? 5.229   -13.606 2.529   1.00 21.08 ? 27   ILE A C   1 
ATOM   192  O  O   . ILE A 1 27  ? 6.306   -13.460 3.119   1.00 20.32 ? 27   ILE A O   1 
ATOM   193  C  CB  . ILE A 1 27  ? 3.869   -11.642 3.292   1.00 21.61 ? 27   ILE A CB  1 
ATOM   194  C  CG1 . ILE A 1 27  ? 2.514   -11.179 3.898   1.00 19.56 ? 27   ILE A CG1 1 
ATOM   195  C  CG2 . ILE A 1 27  ? 4.246   -11.013 1.916   1.00 17.92 ? 27   ILE A CG2 1 
ATOM   196  C  CD1 . ILE A 1 27  ? 2.386   -9.637  4.264   1.00 15.23 ? 27   ILE A CD1 1 
ATOM   197  N  N   . THR A 1 28  ? 5.140   -14.131 1.311   1.00 19.40 ? 28   THR A N   1 
ATOM   198  C  CA  . THR A 1 28  ? 6.333   -14.589 0.640   1.00 19.36 ? 28   THR A CA  1 
ATOM   199  C  C   . THR A 1 28  ? 6.734   -13.583 -0.425  1.00 19.19 ? 28   THR A C   1 
ATOM   200  O  O   . THR A 1 28  ? 5.987   -12.619 -0.685  1.00 18.96 ? 28   THR A O   1 
ATOM   201  C  CB  . THR A 1 28  ? 6.054   -15.875 -0.095  1.00 19.45 ? 28   THR A CB  1 
ATOM   202  O  OG1 . THR A 1 28  ? 5.050   -15.590 -1.084  1.00 20.58 ? 28   THR A OG1 1 
ATOM   203  C  CG2 . THR A 1 28  ? 5.552   -16.956 0.891   1.00 18.35 ? 28   THR A CG2 1 
ATOM   204  N  N   . THR A 1 29  ? 7.901   -13.803 -1.045  1.00 18.68 ? 29   THR A N   1 
ATOM   205  C  CA  . THR A 1 29  ? 8.277   -13.004 -2.215  1.00 17.67 ? 29   THR A CA  1 
ATOM   206  C  C   . THR A 1 29  ? 7.245   -13.086 -3.339  1.00 18.93 ? 29   THR A C   1 
ATOM   207  O  O   . THR A 1 29  ? 6.980   -12.097 -4.024  1.00 19.66 ? 29   THR A O   1 
ATOM   208  C  CB  . THR A 1 29  ? 9.617   -13.441 -2.811  1.00 17.79 ? 29   THR A CB  1 
ATOM   209  O  OG1 . THR A 1 29  ? 9.575   -14.846 -3.128  1.00 15.12 ? 29   THR A OG1 1 
ATOM   210  C  CG2 . THR A 1 29  ? 10.821  -13.076 -1.863  1.00 14.36 ? 29   THR A CG2 1 
ATOM   211  N  N   . LYS A 1 30  ? 6.658   -14.266 -3.550  1.00 19.48 ? 30   LYS A N   1 
ATOM   212  C  CA  . LYS A 1 30  ? 5.647   -14.426 -4.587  1.00 19.74 ? 30   LYS A CA  1 
ATOM   213  C  C   . LYS A 1 30  ? 4.442   -13.515 -4.318  1.00 20.45 ? 30   LYS A C   1 
ATOM   214  O  O   . LYS A 1 30  ? 3.884   -12.868 -5.229  1.00 20.67 ? 30   LYS A O   1 
ATOM   215  C  CB  . LYS A 1 30  ? 5.181   -15.881 -4.634  1.00 19.68 ? 30   LYS A CB  1 
ATOM   216  C  CG  . LYS A 1 30  ? 6.227   -16.827 -5.155  1.00 20.46 ? 30   LYS A CG  1 
ATOM   217  C  CD  . LYS A 1 30  ? 5.683   -18.271 -5.142  1.00 22.68 ? 30   LYS A CD  1 
ATOM   218  C  CE  . LYS A 1 30  ? 5.870   -18.960 -3.793  1.00 20.85 ? 30   LYS A CE  1 
ATOM   219  N  NZ  . LYS A 1 30  ? 7.318   -19.167 -3.489  1.00 20.53 ? 30   LYS A NZ  1 
ATOM   220  N  N   . GLU A 1 31  ? 4.031   -13.470 -3.055  1.00 20.44 ? 31   GLU A N   1 
ATOM   221  C  CA  . GLU A 1 31  ? 2.904   -12.663 -2.682  1.00 20.15 ? 31   GLU A CA  1 
ATOM   222  C  C   . GLU A 1 31  ? 3.247   -11.200 -2.785  1.00 20.45 ? 31   GLU A C   1 
ATOM   223  O  O   . GLU A 1 31  ? 2.415   -10.412 -3.201  1.00 20.44 ? 31   GLU A O   1 
ATOM   224  C  CB  . GLU A 1 31  ? 2.423   -13.051 -1.298  1.00 19.30 ? 31   GLU A CB  1 
ATOM   225  C  CG  . GLU A 1 31  ? 1.731   -14.427 -1.343  1.00 19.37 ? 31   GLU A CG  1 
ATOM   226  C  CD  . GLU A 1 31  ? 1.350   -14.901 0.040   1.00 20.78 ? 31   GLU A CD  1 
ATOM   227  O  OE1 . GLU A 1 31  ? 2.112   -14.611 0.983   1.00 22.02 ? 31   GLU A OE1 1 
ATOM   228  O  OE2 . GLU A 1 31  ? 0.286   -15.530 0.212   1.00 21.63 ? 31   GLU A OE2 1 
ATOM   229  N  N   . LEU A 1 32  ? 4.482   -10.832 -2.444  1.00 21.62 ? 32   LEU A N   1 
ATOM   230  C  CA  . LEU A 1 32  ? 4.920   -9.434  -2.640  1.00 22.02 ? 32   LEU A CA  1 
ATOM   231  C  C   . LEU A 1 32  ? 4.950   -9.080  -4.122  1.00 21.54 ? 32   LEU A C   1 
ATOM   232  O  O   . LEU A 1 32  ? 4.462   -8.034  -4.539  1.00 21.54 ? 32   LEU A O   1 
ATOM   233  C  CB  . LEU A 1 32  ? 6.296   -9.170  -2.051  1.00 22.61 ? 32   LEU A CB  1 
ATOM   234  C  CG  . LEU A 1 32  ? 6.555   -9.301  -0.549  1.00 24.47 ? 32   LEU A CG  1 
ATOM   235  C  CD1 . LEU A 1 32  ? 8.101   -9.183  -0.217  1.00 25.02 ? 32   LEU A CD1 1 
ATOM   236  C  CD2 . LEU A 1 32  ? 5.744   -8.244  0.206   1.00 24.32 ? 32   LEU A CD2 1 
ATOM   237  N  N   . GLY A 1 33  ? 5.529   -9.964  -4.920  1.00 20.74 ? 33   GLY A N   1 
ATOM   238  C  CA  . GLY A 1 33  ? 5.617   -9.711  -6.337  1.00 19.85 ? 33   GLY A CA  1 
ATOM   239  C  C   . GLY A 1 33  ? 4.248   -9.477  -6.913  1.00 19.96 ? 33   GLY A C   1 
ATOM   240  O  O   . GLY A 1 33  ? 4.037   -8.566  -7.697  1.00 20.56 ? 33   GLY A O   1 
ATOM   241  N  N   . THR A 1 34  ? 3.315   -10.326 -6.526  1.00 19.45 ? 34   THR A N   1 
ATOM   242  C  CA  . THR A 1 34  ? 1.973   -10.282 -7.044  1.00 18.81 ? 34   THR A CA  1 
ATOM   243  C  C   . THR A 1 34  ? 1.275   -8.963  -6.733  1.00 19.08 ? 34   THR A C   1 
ATOM   244  O  O   . THR A 1 34  ? 0.666   -8.352  -7.636  1.00 19.14 ? 34   THR A O   1 
ATOM   245  C  CB  . THR A 1 34  ? 1.180   -11.506 -6.534  1.00 19.40 ? 34   THR A CB  1 
ATOM   246  O  OG1 . THR A 1 34  ? 1.569   -12.633 -7.335  1.00 19.10 ? 34   THR A OG1 1 
ATOM   247  C  CG2 . THR A 1 34  ? -0.356  -11.285 -6.577  1.00 14.89 ? 34   THR A CG2 1 
ATOM   248  N  N   . VAL A 1 35  ? 1.374   -8.509  -5.486  1.00 18.13 ? 35   VAL A N   1 
ATOM   249  C  CA  . VAL A 1 35  ? 0.823   -7.206  -5.152  1.00 18.18 ? 35   VAL A CA  1 
ATOM   250  C  C   . VAL A 1 35  ? 1.567   -6.080  -5.888  1.00 18.96 ? 35   VAL A C   1 
ATOM   251  O  O   . VAL A 1 35  ? 0.924   -5.190  -6.445  1.00 19.70 ? 35   VAL A O   1 
ATOM   252  C  CB  . VAL A 1 35  ? 0.832   -6.937  -3.648  1.00 17.94 ? 35   VAL A CB  1 
ATOM   253  C  CG1 . VAL A 1 35  ? 0.349   -5.525  -3.381  1.00 16.04 ? 35   VAL A CG1 1 
ATOM   254  C  CG2 . VAL A 1 35  ? -0.050  -7.939  -2.934  1.00 16.69 ? 35   VAL A CG2 1 
ATOM   255  N  N   . MET A 1 36  ? 2.904   -6.110  -5.913  1.00 19.32 ? 36   MET A N   1 
ATOM   256  C  CA  . MET A 1 36  ? 3.659   -5.065  -6.611  1.00 19.87 ? 36   MET A CA  1 
ATOM   257  C  C   . MET A 1 36  ? 3.227   -4.976  -8.060  1.00 19.31 ? 36   MET A C   1 
ATOM   258  O  O   . MET A 1 36  ? 3.186   -3.900  -8.605  1.00 20.07 ? 36   MET A O   1 
ATOM   259  C  CB  . MET A 1 36  ? 5.168   -5.300  -6.619  1.00 19.76 ? 36   MET A CB  1 
ATOM   260  C  CG  . MET A 1 36  ? 5.901   -5.115  -5.312  1.00 26.44 ? 36   MET A CG  1 
ATOM   261  S  SD  . MET A 1 36  ? 5.258   -3.759  -4.329  1.00 33.10 ? 36   MET A SD  1 
ATOM   262  C  CE  . MET A 1 36  ? 5.273   -4.552  -2.718  1.00 36.43 ? 36   MET A CE  1 
ATOM   263  N  N   . ARG A 1 37  ? 2.962   -6.100  -8.703  1.00 18.08 ? 37   ARG A N   1 
ATOM   264  C  CA  . ARG A 1 37  ? 2.607   -6.053  -10.107 1.00 18.09 ? 37   ARG A CA  1 
ATOM   265  C  C   . ARG A 1 37  ? 1.198   -5.527  -10.315 1.00 18.99 ? 37   ARG A C   1 
ATOM   266  O  O   . ARG A 1 37  ? 0.922   -4.853  -11.320 1.00 18.64 ? 37   ARG A O   1 
ATOM   267  C  CB  . ARG A 1 37  ? 2.731   -7.430  -10.746 1.00 17.31 ? 37   ARG A CB  1 
ATOM   268  C  CG  . ARG A 1 37  ? 4.104   -7.773  -11.188 1.00 14.82 ? 37   ARG A CG  1 
ATOM   269  C  CD  . ARG A 1 37  ? 4.119   -9.108  -11.965 1.00 13.64 ? 37   ARG A CD  1 
ATOM   270  N  NE  . ARG A 1 37  ? 3.695   -10.263 -11.158 1.00 15.57 ? 37   ARG A NE  1 
ATOM   271  C  CZ  . ARG A 1 37  ? 4.498   -10.961 -10.343 1.00 17.13 ? 37   ARG A CZ  1 
ATOM   272  N  NH1 . ARG A 1 37  ? 5.780   -10.608 -10.207 1.00 16.99 ? 37   ARG A NH1 1 
ATOM   273  N  NH2 . ARG A 1 37  ? 4.030   -12.017 -9.672  1.00 13.15 ? 37   ARG A NH2 1 
ATOM   274  N  N   . SER A 1 38  ? 0.293   -5.871  -9.388  1.00 19.94 ? 38   SER A N   1 
ATOM   275  C  CA  . SER A 1 38  ? -1.078  -5.386  -9.467  1.00 20.54 ? 38   SER A CA  1 
ATOM   276  C  C   . SER A 1 38  ? -1.104  -3.868  -9.296  1.00 20.47 ? 38   SER A C   1 
ATOM   277  O  O   . SER A 1 38  ? -2.067  -3.235  -9.713  1.00 21.40 ? 38   SER A O   1 
ATOM   278  C  CB  . SER A 1 38  ? -2.001  -6.106  -8.479  1.00 20.36 ? 38   SER A CB  1 
ATOM   279  O  OG  . SER A 1 38  ? -1.848  -5.632  -7.138  1.00 24.98 ? 38   SER A OG  1 
ATOM   280  N  N   . LEU A 1 39  ? -0.028  -3.288  -8.749  1.00 20.33 ? 39   LEU A N   1 
ATOM   281  C  CA  . LEU A 1 39  ? 0.117   -1.814  -8.608  1.00 20.45 ? 39   LEU A CA  1 
ATOM   282  C  C   . LEU A 1 39  ? 1.000   -1.186  -9.675  1.00 21.28 ? 39   LEU A C   1 
ATOM   283  O  O   . LEU A 1 39  ? 1.469   -0.049  -9.511  1.00 21.76 ? 39   LEU A O   1 
ATOM   284  C  CB  . LEU A 1 39  ? 0.686   -1.422  -7.239  1.00 19.29 ? 39   LEU A CB  1 
ATOM   285  C  CG  . LEU A 1 39  ? -0.178  -1.772  -6.030  1.00 20.47 ? 39   LEU A CG  1 
ATOM   286  C  CD1 . LEU A 1 39  ? 0.587   -1.694  -4.687  1.00 19.83 ? 39   LEU A CD1 1 
ATOM   287  C  CD2 . LEU A 1 39  ? -1.418  -0.881  -6.001  1.00 21.24 ? 39   LEU A CD2 1 
ATOM   288  N  N   . GLY A 1 40  ? 1.250   -1.926  -10.749 1.00 21.79 ? 40   GLY A N   1 
ATOM   289  C  CA  . GLY A 1 40  ? 1.899   -1.377  -11.934 1.00 21.82 ? 40   GLY A CA  1 
ATOM   290  C  C   . GLY A 1 40  ? 3.387   -1.650  -11.958 1.00 23.02 ? 40   GLY A C   1 
ATOM   291  O  O   . GLY A 1 40  ? 4.067   -1.325  -12.955 1.00 23.54 ? 40   GLY A O   1 
ATOM   292  N  N   . GLN A 1 41  ? 3.924   -2.218  -10.877 1.00 22.51 ? 41   GLN A N   1 
ATOM   293  C  CA  . GLN A 1 41  ? 5.381   -2.368  -10.770 1.00 22.68 ? 41   GLN A CA  1 
ATOM   294  C  C   . GLN A 1 41  ? 5.780   -3.683  -11.366 1.00 23.00 ? 41   GLN A C   1 
ATOM   295  O  O   . GLN A 1 41  ? 4.925   -4.475  -11.679 1.00 22.63 ? 41   GLN A O   1 
ATOM   296  C  CB  . GLN A 1 41  ? 5.853   -2.256  -9.315  1.00 22.24 ? 41   GLN A CB  1 
ATOM   297  C  CG  . GLN A 1 41  ? 5.799   -0.813  -8.787  1.00 24.37 ? 41   GLN A CG  1 
ATOM   298  C  CD  . GLN A 1 41  ? 6.822   0.092   -9.510  1.00 27.71 ? 41   GLN A CD  1 
ATOM   299  O  OE1 . GLN A 1 41  ? 8.052   -0.174  -9.519  1.00 27.93 ? 41   GLN A OE1 1 
ATOM   300  N  NE2 . GLN A 1 41  ? 6.313   1.143   -10.144 1.00 26.14 ? 41   GLN A NE2 1 
ATOM   301  N  N   . ASN A 1 42  ? 7.087   -3.900  -11.522 1.00 24.53 ? 42   ASN A N   1 
ATOM   302  C  CA  . ASN A 1 42  ? 7.650   -5.130  -12.065 1.00 25.27 ? 42   ASN A CA  1 
ATOM   303  C  C   . ASN A 1 42  ? 8.930   -5.537  -11.324 1.00 25.02 ? 42   ASN A C   1 
ATOM   304  O  O   . ASN A 1 42  ? 10.019  -5.465  -11.857 1.00 24.55 ? 42   ASN A O   1 
ATOM   305  C  CB  . ASN A 1 42  ? 7.900   -4.999  -13.576 1.00 26.10 ? 42   ASN A CB  1 
ATOM   306  C  CG  . ASN A 1 42  ? 8.184   -6.368  -14.256 1.00 30.88 ? 42   ASN A CG  1 
ATOM   307  O  OD1 . ASN A 1 42  ? 7.800   -7.441  -13.748 1.00 33.50 ? 42   ASN A OD1 1 
ATOM   308  N  ND2 . ASN A 1 42  ? 8.871   -6.327  -15.401 1.00 33.20 ? 42   ASN A ND2 1 
ATOM   309  N  N   . PRO A 1 43  ? 8.788   -5.996  -10.079 1.00 24.92 ? 43   PRO A N   1 
ATOM   310  C  CA  . PRO A 1 43  ? 9.953   -6.293  -9.261  1.00 24.21 ? 43   PRO A CA  1 
ATOM   311  C  C   . PRO A 1 43  ? 10.672  -7.530  -9.747  1.00 23.96 ? 43   PRO A C   1 
ATOM   312  O  O   . PRO A 1 43  ? 10.036  -8.425  -10.317 1.00 24.45 ? 43   PRO A O   1 
ATOM   313  C  CB  . PRO A 1 43  ? 9.344   -6.592  -7.891  1.00 24.31 ? 43   PRO A CB  1 
ATOM   314  C  CG  . PRO A 1 43  ? 7.980   -7.077  -8.209  1.00 25.32 ? 43   PRO A CG  1 
ATOM   315  C  CD  . PRO A 1 43  ? 7.530   -6.175  -9.336  1.00 24.76 ? 43   PRO A CD  1 
ATOM   316  N  N   . THR A 1 44  ? 11.981  -7.607  -9.499  1.00 21.63 ? 44   THR A N   1 
ATOM   317  C  CA  . THR A 1 44  ? 12.720  -8.799  -9.874  1.00 20.14 ? 44   THR A CA  1 
ATOM   318  C  C   . THR A 1 44  ? 12.771  -9.734  -8.662  1.00 18.93 ? 44   THR A C   1 
ATOM   319  O  O   . THR A 1 44  ? 12.516  -9.332  -7.532  1.00 18.30 ? 44   THR A O   1 
ATOM   320  C  CB  . THR A 1 44  ? 14.177  -8.474  -10.300 1.00 19.15 ? 44   THR A CB  1 
ATOM   321  O  OG1 . THR A 1 44  ? 14.856  -7.885  -9.194  1.00 18.56 ? 44   THR A OG1 1 
ATOM   322  C  CG2 . THR A 1 44  ? 14.224  -7.477  -11.468 1.00 20.32 ? 44   THR A CG2 1 
ATOM   323  N  N   . GLU A 1 45  ? 13.162  -10.966 -8.886  1.00 17.57 ? 45   GLU A N   1 
ATOM   324  C  CA  . GLU A 1 45  ? 13.290  -11.901 -7.784  1.00 18.00 ? 45   GLU A CA  1 
ATOM   325  C  C   . GLU A 1 45  ? 14.211  -11.277 -6.694  1.00 19.05 ? 45   GLU A C   1 
ATOM   326  O  O   . GLU A 1 45  ? 13.865  -11.262 -5.510  1.00 19.65 ? 45   GLU A O   1 
ATOM   327  C  CB  . GLU A 1 45  ? 13.832  -13.263 -8.291  1.00 17.14 ? 45   GLU A CB  1 
ATOM   328  N  N   . ALA A 1 46  ? 15.373  -10.775 -7.114  1.00 18.63 ? 46   ALA A N   1 
ATOM   329  C  CA  . ALA A 1 46  ? 16.360  -10.214 -6.216  1.00 19.82 ? 46   ALA A CA  1 
ATOM   330  C  C   . ALA A 1 46  ? 15.832  -9.022  -5.404  1.00 20.26 ? 46   ALA A C   1 
ATOM   331  O  O   . ALA A 1 46  ? 16.135  -8.906  -4.213  1.00 20.33 ? 46   ALA A O   1 
ATOM   332  C  CB  . ALA A 1 46  ? 17.648  -9.820  -6.998  1.00 18.61 ? 46   ALA A CB  1 
ATOM   333  N  N   . GLU A 1 47  ? 15.074  -8.131  -6.052  1.00 20.83 ? 47   GLU A N   1 
ATOM   334  C  CA  . GLU A 1 47  ? 14.491  -7.001  -5.351  1.00 21.45 ? 47   GLU A CA  1 
ATOM   335  C  C   . GLU A 1 47  ? 13.571  -7.497  -4.267  1.00 22.14 ? 47   GLU A C   1 
ATOM   336  O  O   . GLU A 1 47  ? 13.661  -7.027  -3.139  1.00 23.20 ? 47   GLU A O   1 
ATOM   337  C  CB  . GLU A 1 47  ? 13.759  -6.061  -6.318  1.00 21.85 ? 47   GLU A CB  1 
ATOM   338  C  CG  . GLU A 1 47  ? 14.705  -5.132  -7.067  1.00 20.46 ? 47   GLU A CG  1 
ATOM   339  C  CD  . GLU A 1 47  ? 14.053  -4.453  -8.261  1.00 25.07 ? 47   GLU A CD  1 
ATOM   340  O  OE1 . GLU A 1 47  ? 12.947  -4.899  -8.671  1.00 24.03 ? 47   GLU A OE1 1 
ATOM   341  O  OE2 . GLU A 1 47  ? 14.660  -3.475  -8.804  1.00 22.54 ? 47   GLU A OE2 1 
ATOM   342  N  N   . LEU A 1 48  ? 12.698  -8.454  -4.588  1.00 22.13 ? 48   LEU A N   1 
ATOM   343  C  CA  . LEU A 1 48  ? 11.777  -9.024  -3.583  1.00 23.06 ? 48   LEU A CA  1 
ATOM   344  C  C   . LEU A 1 48  ? 12.502  -9.644  -2.388  1.00 23.58 ? 48   LEU A C   1 
ATOM   345  O  O   . LEU A 1 48  ? 12.084  -9.482  -1.229  1.00 23.75 ? 48   LEU A O   1 
ATOM   346  C  CB  . LEU A 1 48  ? 10.815  -10.061 -4.223  1.00 22.74 ? 48   LEU A CB  1 
ATOM   347  C  CG  . LEU A 1 48  ? 9.921   -9.423  -5.292  1.00 22.35 ? 48   LEU A CG  1 
ATOM   348  C  CD1 . LEU A 1 48  ? 9.316   -10.434 -6.221  1.00 20.14 ? 48   LEU A CD1 1 
ATOM   349  C  CD2 . LEU A 1 48  ? 8.843   -8.510  -4.684  1.00 19.63 ? 48   LEU A CD2 1 
ATOM   350  N  N   . GLN A 1 49  ? 13.593  -10.345 -2.674  1.00 24.18 ? 49   GLN A N   1 
ATOM   351  C  CA  . GLN A 1 49  ? 14.397  -10.952 -1.636  1.00 25.59 ? 49   GLN A CA  1 
ATOM   352  C  C   . GLN A 1 49  ? 15.104  -9.919  -0.767  1.00 26.40 ? 49   GLN A C   1 
ATOM   353  O  O   . GLN A 1 49  ? 15.167  -10.059 0.466   1.00 26.20 ? 49   GLN A O   1 
ATOM   354  C  CB  . GLN A 1 49  ? 15.421  -11.876 -2.256  1.00 25.46 ? 49   GLN A CB  1 
ATOM   355  C  CG  . GLN A 1 49  ? 14.867  -13.209 -2.619  1.00 26.40 ? 49   GLN A CG  1 
ATOM   356  C  CD  . GLN A 1 49  ? 15.943  -14.115 -3.169  1.00 27.92 ? 49   GLN A CD  1 
ATOM   357  O  OE1 . GLN A 1 49  ? 16.623  -13.751 -4.120  1.00 31.71 ? 49   GLN A OE1 1 
ATOM   358  N  NE2 . GLN A 1 49  ? 16.113  -15.292 -2.575  1.00 26.44 ? 49   GLN A NE2 1 
ATOM   359  N  N   . ASP A 1 50  ? 15.657  -8.888  -1.400  1.00 27.22 ? 50   ASP A N   1 
ATOM   360  C  CA  . ASP A 1 50  ? 16.232  -7.793  -0.614  1.00 28.53 ? 50   ASP A CA  1 
ATOM   361  C  C   . ASP A 1 50  ? 15.226  -7.196  0.367   1.00 28.71 ? 50   ASP A C   1 
ATOM   362  O  O   . ASP A 1 50  ? 15.516  -7.100  1.546   1.00 28.62 ? 50   ASP A O   1 
ATOM   363  C  CB  . ASP A 1 50  ? 16.810  -6.709  -1.510  1.00 28.07 ? 50   ASP A CB  1 
ATOM   364  C  CG  . ASP A 1 50  ? 18.086  -7.146  -2.185  1.00 31.08 ? 50   ASP A CG  1 
ATOM   365  O  OD1 . ASP A 1 50  ? 18.672  -8.158  -1.737  1.00 33.86 ? 50   ASP A OD1 1 
ATOM   366  O  OD2 . ASP A 1 50  ? 18.518  -6.481  -3.154  1.00 32.81 ? 50   ASP A OD2 1 
ATOM   367  N  N   . MET A 1 51  ? 14.062  -6.767  -0.124  1.00 29.69 ? 51   MET A N   1 
ATOM   368  C  CA  . MET A 1 51  ? 13.041  -6.178  0.746   1.00 30.99 ? 51   MET A CA  1 
ATOM   369  C  C   . MET A 1 51  ? 12.829  -7.018  1.995   1.00 31.23 ? 51   MET A C   1 
ATOM   370  O  O   . MET A 1 51  ? 12.766  -6.481  3.101   1.00 31.59 ? 51   MET A O   1 
ATOM   371  C  CB  . MET A 1 51  ? 11.689  -6.196  0.065   1.00 31.48 ? 51   MET A CB  1 
ATOM   372  C  CG  . MET A 1 51  ? 11.463  -5.143  -0.910  1.00 35.51 ? 51   MET A CG  1 
ATOM   373  S  SD  . MET A 1 51  ? 9.890   -5.622  -1.643  1.00 40.32 ? 51   MET A SD  1 
ATOM   374  C  CE  . MET A 1 51  ? 8.734   -5.040  -0.407  1.00 37.55 ? 51   MET A CE  1 
ATOM   375  N  N   . ILE A 1 52  ? 12.636  -8.325  1.797   1.00 30.62 ? 52   ILE A N   1 
ATOM   376  C  CA  . ILE A 1 52  ? 12.349  -9.239  2.911   1.00 30.89 ? 52   ILE A CA  1 
ATOM   377  C  C   . ILE A 1 52  ? 13.539  -9.339  3.847   1.00 31.24 ? 52   ILE A C   1 
ATOM   378  O  O   . ILE A 1 52  ? 13.404  -9.226  5.056   1.00 30.61 ? 52   ILE A O   1 
ATOM   379  C  CB  . ILE A 1 52  ? 11.886  -10.647 2.426   1.00 30.44 ? 52   ILE A CB  1 
ATOM   380  C  CG1 . ILE A 1 52  ? 10.538  -10.511 1.713   1.00 29.89 ? 52   ILE A CG1 1 
ATOM   381  C  CG2 . ILE A 1 52  ? 11.758  -11.621 3.600   1.00 29.99 ? 52   ILE A CG2 1 
ATOM   382  C  CD1 . ILE A 1 52  ? 9.818   -11.782 1.514   1.00 27.25 ? 52   ILE A CD1 1 
ATOM   383  N  N   . ASN A 1 53  ? 14.702  -9.534  3.254   1.00 31.74 ? 53   ASN A N   1 
ATOM   384  C  CA  . ASN A 1 53  ? 15.923  -9.642  3.980   1.00 32.83 ? 53   ASN A CA  1 
ATOM   385  C  C   . ASN A 1 53  ? 16.138  -8.456  4.912   1.00 33.07 ? 53   ASN A C   1 
ATOM   386  O  O   . ASN A 1 53  ? 16.758  -8.608  5.976   1.00 32.87 ? 53   ASN A O   1 
ATOM   387  C  CB  . ASN A 1 53  ? 17.076  -9.748  3.001   1.00 33.65 ? 53   ASN A CB  1 
ATOM   388  C  CG  . ASN A 1 53  ? 18.412  -9.705  3.678   1.00 36.31 ? 53   ASN A CG  1 
ATOM   389  O  OD1 . ASN A 1 53  ? 18.809  -10.671 4.321   1.00 40.81 ? 53   ASN A OD1 1 
ATOM   390  N  ND2 . ASN A 1 53  ? 19.138  -8.588  3.524   1.00 38.71 ? 53   ASN A ND2 1 
ATOM   391  N  N   . GLU A 1 54  ? 15.626  -7.289  4.539   1.00 32.70 ? 54   GLU A N   1 
ATOM   392  C  CA  . GLU A 1 54  ? 15.893  -6.117  5.354   1.00 33.21 ? 54   GLU A CA  1 
ATOM   393  C  C   . GLU A 1 54  ? 15.246  -6.180  6.742   1.00 32.90 ? 54   GLU A C   1 
ATOM   394  O  O   . GLU A 1 54  ? 15.762  -5.603  7.701   1.00 32.22 ? 54   GLU A O   1 
ATOM   395  C  CB  . GLU A 1 54  ? 15.479  -4.847  4.620   1.00 33.18 ? 54   GLU A CB  1 
ATOM   396  C  CG  . GLU A 1 54  ? 16.451  -4.452  3.505   1.00 36.01 ? 54   GLU A CG  1 
ATOM   397  C  CD  . GLU A 1 54  ? 17.796  -3.962  4.039   1.00 37.48 ? 54   GLU A CD  1 
ATOM   398  O  OE1 . GLU A 1 54  ? 17.796  -2.989  4.813   1.00 38.38 ? 54   GLU A OE1 1 
ATOM   399  O  OE2 . GLU A 1 54  ? 18.845  -4.546  3.686   1.00 37.36 ? 54   GLU A OE2 1 
ATOM   400  N  N   . VAL A 1 55  ? 14.131  -6.893  6.841   1.00 32.64 ? 55   VAL A N   1 
ATOM   401  C  CA  . VAL A 1 55  ? 13.325  -6.917  8.073   1.00 33.01 ? 55   VAL A CA  1 
ATOM   402  C  C   . VAL A 1 55  ? 13.099  -8.344  8.608   1.00 33.35 ? 55   VAL A C   1 
ATOM   403  O  O   . VAL A 1 55  ? 12.452  -8.547  9.634   1.00 34.47 ? 55   VAL A O   1 
ATOM   404  C  CB  . VAL A 1 55  ? 11.980  -6.182  7.866   1.00 32.34 ? 55   VAL A CB  1 
ATOM   405  C  CG1 . VAL A 1 55  ? 12.247  -4.725  7.526   1.00 32.29 ? 55   VAL A CG1 1 
ATOM   406  C  CG2 . VAL A 1 55  ? 11.188  -6.810  6.756   1.00 31.80 ? 55   VAL A CG2 1 
ATOM   407  N  N   . ASP A 1 56  ? 13.691  -9.315  7.927   1.00 33.01 ? 56   ASP A N   1 
ATOM   408  C  CA  . ASP A 1 56  ? 13.621  -10.718 8.294   1.00 32.53 ? 56   ASP A CA  1 
ATOM   409  C  C   . ASP A 1 56  ? 14.400  -10.986 9.582   1.00 32.55 ? 56   ASP A C   1 
ATOM   410  O  O   . ASP A 1 56  ? 15.498  -11.555 9.549   1.00 33.20 ? 56   ASP A O   1 
ATOM   411  C  CB  . ASP A 1 56  ? 14.194  -11.576 7.149   1.00 32.25 ? 56   ASP A CB  1 
ATOM   412  C  CG  . ASP A 1 56  ? 13.728  -13.004 7.198   1.00 30.20 ? 56   ASP A CG  1 
ATOM   413  O  OD1 . ASP A 1 56  ? 14.306  -13.846 6.481   1.00 31.56 ? 56   ASP A OD1 1 
ATOM   414  O  OD2 . ASP A 1 56  ? 12.779  -13.290 7.945   1.00 26.47 ? 56   ASP A OD2 1 
ATOM   415  N  N   . ALA A 1 57  ? 13.836  -10.584 10.719  1.00 32.09 ? 57   ALA A N   1 
ATOM   416  C  CA  . ALA A 1 57  ? 14.508  -10.723 12.012  1.00 31.48 ? 57   ALA A CA  1 
ATOM   417  C  C   . ALA A 1 57  ? 14.918  -12.172 12.316  1.00 31.45 ? 57   ALA A C   1 
ATOM   418  O  O   . ALA A 1 57  ? 15.987  -12.402 12.858  1.00 32.07 ? 57   ALA A O   1 
ATOM   419  C  CB  . ALA A 1 57  ? 13.640  -10.141 13.131  1.00 30.74 ? 57   ALA A CB  1 
ATOM   420  N  N   . ASP A 1 58  ? 14.100  -13.147 11.920  1.00 31.46 ? 58   ASP A N   1 
ATOM   421  C  CA  . ASP A 1 58  ? 14.346  -14.564 12.236  1.00 31.14 ? 58   ASP A CA  1 
ATOM   422  C  C   . ASP A 1 58  ? 14.967  -15.384 11.084  1.00 31.12 ? 58   ASP A C   1 
ATOM   423  O  O   . ASP A 1 58  ? 15.104  -16.615 11.177  1.00 30.48 ? 58   ASP A O   1 
ATOM   424  C  CB  . ASP A 1 58  ? 13.033  -15.222 12.645  1.00 31.06 ? 58   ASP A CB  1 
ATOM   425  C  CG  . ASP A 1 58  ? 12.059  -15.246 11.515  1.00 30.40 ? 58   ASP A CG  1 
ATOM   426  O  OD1 . ASP A 1 58  ? 10.985  -15.851 11.647  1.00 31.69 ? 58   ASP A OD1 1 
ATOM   427  O  OD2 . ASP A 1 58  ? 12.395  -14.661 10.468  1.00 29.62 ? 58   ASP A OD2 1 
ATOM   428  N  N   . GLY A 1 59  ? 15.321  -14.707 9.993   1.00 30.99 ? 59   GLY A N   1 
ATOM   429  C  CA  . GLY A 1 59  ? 15.954  -15.378 8.863   1.00 30.45 ? 59   GLY A CA  1 
ATOM   430  C  C   . GLY A 1 59  ? 15.239  -16.591 8.277   1.00 30.21 ? 59   GLY A C   1 
ATOM   431  O  O   . GLY A 1 59  ? 15.896  -17.501 7.765   1.00 30.07 ? 59   GLY A O   1 
ATOM   432  N  N   . ASN A 1 60  ? 13.902  -16.612 8.336   1.00 29.31 ? 60   ASN A N   1 
ATOM   433  C  CA  . ASN A 1 60  ? 13.142  -17.671 7.665   1.00 28.34 ? 60   ASN A CA  1 
ATOM   434  C  C   . ASN A 1 60  ? 12.722  -17.362 6.219   1.00 28.27 ? 60   ASN A C   1 
ATOM   435  O  O   . ASN A 1 60  ? 12.152  -18.213 5.542   1.00 28.07 ? 60   ASN A O   1 
ATOM   436  C  CB  . ASN A 1 60  ? 11.951  -18.139 8.498   1.00 27.94 ? 60   ASN A CB  1 
ATOM   437  C  CG  . ASN A 1 60  ? 10.813  -17.160 8.514   1.00 28.12 ? 60   ASN A CG  1 
ATOM   438  O  OD1 . ASN A 1 60  ? 10.949  -15.981 8.152   1.00 26.93 ? 60   ASN A OD1 1 
ATOM   439  N  ND2 . ASN A 1 60  ? 9.660   -17.640 8.965   1.00 28.95 ? 60   ASN A ND2 1 
ATOM   440  N  N   . GLY A 1 61  ? 13.011  -16.155 5.742   1.00 28.11 ? 61   GLY A N   1 
ATOM   441  C  CA  . GLY A 1 61  ? 12.815  -15.858 4.332   1.00 27.68 ? 61   GLY A CA  1 
ATOM   442  C  C   . GLY A 1 61  ? 11.412  -15.400 3.992   1.00 27.45 ? 61   GLY A C   1 
ATOM   443  O  O   . GLY A 1 61  ? 11.155  -15.057 2.843   1.00 27.64 ? 61   GLY A O   1 
ATOM   444  N  N   . THR A 1 62  ? 10.506  -15.387 4.980   1.00 26.93 ? 62   THR A N   1 
ATOM   445  C  CA  . THR A 1 62  ? 9.115   -14.929 4.772   1.00 26.39 ? 62   THR A CA  1 
ATOM   446  C  C   . THR A 1 62  ? 8.800   -13.795 5.771   1.00 26.39 ? 62   THR A C   1 
ATOM   447  O  O   . THR A 1 62  ? 9.588   -13.560 6.676   1.00 25.90 ? 62   THR A O   1 
ATOM   448  C  CB  . THR A 1 62  ? 8.119   -16.079 4.925   1.00 26.41 ? 62   THR A CB  1 
ATOM   449  O  OG1 . THR A 1 62  ? 8.184   -16.579 6.269   1.00 28.45 ? 62   THR A OG1 1 
ATOM   450  C  CG2 . THR A 1 62  ? 8.441   -17.229 3.931   1.00 24.78 ? 62   THR A CG2 1 
ATOM   451  N  N   . ILE A 1 63  ? 7.677   -13.091 5.611   1.00 26.51 ? 63   ILE A N   1 
ATOM   452  C  CA  . ILE A 1 63  ? 7.357   -11.945 6.488   1.00 26.43 ? 63   ILE A CA  1 
ATOM   453  C  C   . ILE A 1 63  ? 6.221   -12.322 7.390   1.00 26.60 ? 63   ILE A C   1 
ATOM   454  O  O   . ILE A 1 63  ? 5.171   -12.716 6.903   1.00 26.66 ? 63   ILE A O   1 
ATOM   455  C  CB  . ILE A 1 63  ? 6.957   -10.689 5.683   1.00 26.41 ? 63   ILE A CB  1 
ATOM   456  C  CG1 . ILE A 1 63  ? 8.144   -10.168 4.854   1.00 27.88 ? 63   ILE A CG1 1 
ATOM   457  C  CG2 . ILE A 1 63  ? 6.485   -9.575  6.589   1.00 25.60 ? 63   ILE A CG2 1 
ATOM   458  C  CD1 . ILE A 1 63  ? 9.450   -9.983  5.712   1.00 28.75 ? 63   ILE A CD1 1 
ATOM   459  N  N   . ASP A 1 64  ? 6.435   -12.257 8.702   1.00 27.11 ? 64   ASP A N   1 
ATOM   460  C  CA  . ASP A 1 64  ? 5.334   -12.427 9.659   1.00 28.02 ? 64   ASP A CA  1 
ATOM   461  C  C   . ASP A 1 64  ? 4.745   -11.047 10.082  1.00 28.29 ? 64   ASP A C   1 
ATOM   462  O  O   . ASP A 1 64  ? 5.225   -10.000 9.649   1.00 28.07 ? 64   ASP A O   1 
ATOM   463  C  CB  . ASP A 1 64  ? 5.780   -13.250 10.888  1.00 28.17 ? 64   ASP A CB  1 
ATOM   464  C  CG  . ASP A 1 64  ? 6.840   -12.565 11.692  1.00 28.63 ? 64   ASP A CG  1 
ATOM   465  O  OD1 . ASP A 1 64  ? 7.024   -11.343 11.553  1.00 32.01 ? 64   ASP A OD1 1 
ATOM   466  O  OD2 . ASP A 1 64  ? 7.498   -13.242 12.482  1.00 32.59 ? 64   ASP A OD2 1 
ATOM   467  N  N   . PHE A 1 65  ? 3.718   -11.039 10.924  1.00 28.09 ? 65   PHE A N   1 
ATOM   468  C  CA  . PHE A 1 65  ? 3.057   -9.775  11.236  1.00 28.57 ? 65   PHE A CA  1 
ATOM   469  C  C   . PHE A 1 65  ? 3.997   -8.682  11.815  1.00 28.20 ? 65   PHE A C   1 
ATOM   470  O  O   . PHE A 1 65  ? 3.968   -7.545  11.365  1.00 28.77 ? 65   PHE A O   1 
ATOM   471  C  CB  . PHE A 1 65  ? 1.819   -10.003 12.121  1.00 28.83 ? 65   PHE A CB  1 
ATOM   472  C  CG  . PHE A 1 65  ? 0.891   -8.835  12.161  1.00 29.12 ? 65   PHE A CG  1 
ATOM   473  C  CD1 . PHE A 1 65  ? -0.034  -8.640  11.175  1.00 31.26 ? 65   PHE A CD1 1 
ATOM   474  C  CD2 . PHE A 1 65  ? 0.964   -7.913  13.190  1.00 31.58 ? 65   PHE A CD2 1 
ATOM   475  C  CE1 . PHE A 1 65  ? -0.905  -7.532  11.203  1.00 33.96 ? 65   PHE A CE1 1 
ATOM   476  C  CE2 . PHE A 1 65  ? 0.106   -6.806  13.246  1.00 32.92 ? 65   PHE A CE2 1 
ATOM   477  C  CZ  . PHE A 1 65  ? -0.826  -6.612  12.250  1.00 32.71 ? 65   PHE A CZ  1 
ATOM   478  N  N   . PRO A 1 66  ? 4.848   -9.020  12.793  1.00 27.91 ? 66   PRO A N   1 
ATOM   479  C  CA  . PRO A 1 66  ? 5.661   -7.920  13.351  1.00 27.27 ? 66   PRO A CA  1 
ATOM   480  C  C   . PRO A 1 66  ? 6.681   -7.410  12.368  1.00 26.70 ? 66   PRO A C   1 
ATOM   481  O  O   . PRO A 1 66  ? 6.990   -6.233  12.399  1.00 27.32 ? 66   PRO A O   1 
ATOM   482  C  CB  . PRO A 1 66  ? 6.404   -8.545  14.547  1.00 26.49 ? 66   PRO A CB  1 
ATOM   483  C  CG  . PRO A 1 66  ? 6.062   -9.966  14.552  1.00 27.33 ? 66   PRO A CG  1 
ATOM   484  C  CD  . PRO A 1 66  ? 4.965   -10.268 13.567  1.00 27.78 ? 66   PRO A CD  1 
ATOM   485  N  N   . GLU A 1 67  ? 7.230   -8.298  11.551  1.00 25.72 ? 67   GLU A N   1 
ATOM   486  C  CA  . GLU A 1 67  ? 8.178   -7.907  10.527  1.00 25.71 ? 67   GLU A CA  1 
ATOM   487  C  C   . GLU A 1 67  ? 7.511   -6.997  9.495   1.00 26.25 ? 67   GLU A C   1 
ATOM   488  O  O   . GLU A 1 67  ? 8.112   -6.021  9.044   1.00 26.35 ? 67   GLU A O   1 
ATOM   489  C  CB  . GLU A 1 67  ? 8.744   -9.130  9.840   1.00 24.84 ? 67   GLU A CB  1 
ATOM   490  C  CG  . GLU A 1 67  ? 9.698   -9.932  10.682  1.00 26.10 ? 67   GLU A CG  1 
ATOM   491  C  CD  . GLU A 1 67  ? 10.144  -11.216 9.999   1.00 28.43 ? 67   GLU A CD  1 
ATOM   492  O  OE1 . GLU A 1 67  ? 9.463   -11.720 9.086   1.00 28.32 ? 67   GLU A OE1 1 
ATOM   493  O  OE2 . GLU A 1 67  ? 11.189  -11.753 10.382  1.00 31.51 ? 67   GLU A OE2 1 
ATOM   494  N  N   . PHE A 1 68  ? 6.269   -7.320  9.142   1.00 26.19 ? 68   PHE A N   1 
ATOM   495  C  CA  . PHE A 1 68  ? 5.456   -6.485  8.264   1.00 27.91 ? 68   PHE A CA  1 
ATOM   496  C  C   . PHE A 1 68  ? 5.268   -5.056  8.808   1.00 28.88 ? 68   PHE A C   1 
ATOM   497  O  O   . PHE A 1 68  ? 5.372   -4.088  8.062   1.00 29.10 ? 68   PHE A O   1 
ATOM   498  C  CB  . PHE A 1 68  ? 4.128   -7.181  8.003   1.00 26.83 ? 68   PHE A CB  1 
ATOM   499  C  CG  . PHE A 1 68  ? 3.163   -6.386  7.173   1.00 28.16 ? 68   PHE A CG  1 
ATOM   500  C  CD1 . PHE A 1 68  ? 3.229   -6.411  5.780   1.00 27.08 ? 68   PHE A CD1 1 
ATOM   501  C  CD2 . PHE A 1 68  ? 2.124   -5.656  7.783   1.00 27.69 ? 68   PHE A CD2 1 
ATOM   502  C  CE1 . PHE A 1 68  ? 2.298   -5.725  5.023   1.00 25.04 ? 68   PHE A CE1 1 
ATOM   503  C  CE2 . PHE A 1 68  ? 1.196   -4.936  7.021   1.00 25.82 ? 68   PHE A CE2 1 
ATOM   504  C  CZ  . PHE A 1 68  ? 1.278   -4.976  5.651   1.00 26.68 ? 68   PHE A CZ  1 
ATOM   505  N  N   . LEU A 1 69  ? 5.010   -4.925  10.110  1.00 30.29 ? 69   LEU A N   1 
ATOM   506  C  CA  . LEU A 1 69  ? 4.945   -3.607  10.747  1.00 31.79 ? 69   LEU A CA  1 
ATOM   507  C  C   . LEU A 1 69  ? 6.304   -2.904  10.696  1.00 32.74 ? 69   LEU A C   1 
ATOM   508  O  O   . LEU A 1 69  ? 6.413   -1.679  10.583  1.00 31.89 ? 69   LEU A O   1 
ATOM   509  C  CB  . LEU A 1 69  ? 4.554   -3.767  12.211  1.00 32.11 ? 69   LEU A CB  1 
ATOM   510  C  CG  . LEU A 1 69  ? 3.153   -4.269  12.534  1.00 32.81 ? 69   LEU A CG  1 
ATOM   511  C  CD1 . LEU A 1 69  ? 2.987   -4.498  14.021  1.00 33.18 ? 69   LEU A CD1 1 
ATOM   512  C  CD2 . LEU A 1 69  ? 2.166   -3.259  12.021  1.00 32.88 ? 69   LEU A CD2 1 
ATOM   513  N  N   . THR A 1 70  ? 7.353   -3.703  10.792  1.00 34.50 ? 70   THR A N   1 
ATOM   514  C  CA  . THR A 1 70  ? 8.707   -3.178  10.806  1.00 36.00 ? 70   THR A CA  1 
ATOM   515  C  C   . THR A 1 70  ? 9.100   -2.627  9.447   1.00 37.29 ? 70   THR A C   1 
ATOM   516  O  O   . THR A 1 70  ? 9.797   -1.628  9.368   1.00 36.92 ? 70   THR A O   1 
ATOM   517  C  CB  . THR A 1 70  ? 9.696   -4.249  11.250  1.00 36.35 ? 70   THR A CB  1 
ATOM   518  O  OG1 . THR A 1 70  ? 9.514   -4.491  12.663  1.00 34.90 ? 70   THR A OG1 1 
ATOM   519  C  CG2 . THR A 1 70  ? 11.138  -3.808  10.950  1.00 34.10 ? 70   THR A CG2 1 
ATOM   520  N  N   . MET A 1 71  ? 8.635   -3.276  8.384   1.00 38.98 ? 71   MET A N   1 
ATOM   521  C  CA  . MET A 1 71  ? 8.755   -2.704  7.051   1.00 41.15 ? 71   MET A CA  1 
ATOM   522  C  C   . MET A 1 71  ? 8.156   -1.312  6.966   1.00 42.14 ? 71   MET A C   1 
ATOM   523  O  O   . MET A 1 71  ? 8.735   -0.404  6.365   1.00 42.06 ? 71   MET A O   1 
ATOM   524  C  CB  . MET A 1 71  ? 8.070   -3.588  6.044   1.00 41.10 ? 71   MET A CB  1 
ATOM   525  C  CG  . MET A 1 71  ? 8.871   -4.814  5.721   1.00 44.19 ? 71   MET A CG  1 
ATOM   526  S  SD  . MET A 1 71  ? 8.116   -5.725  4.347   1.00 50.20 ? 71   MET A SD  1 
ATOM   527  C  CE  . MET A 1 71  ? 8.388   -4.654  2.989   1.00 47.76 ? 71   MET A CE  1 
ATOM   528  N  N   . MET A 1 72  ? 6.982   -1.152  7.560   1.00 43.53 ? 72   MET A N   1 
ATOM   529  C  CA  . MET A 1 72  ? 6.270   0.098   7.513   1.00 44.95 ? 72   MET A CA  1 
ATOM   530  C  C   . MET A 1 72  ? 6.998   1.146   8.347   1.00 45.85 ? 72   MET A C   1 
ATOM   531  O  O   . MET A 1 72  ? 7.156   2.286   7.923   1.00 45.95 ? 72   MET A O   1 
ATOM   532  C  CB  . MET A 1 72  ? 4.846   -0.094  8.006   1.00 45.11 ? 72   MET A CB  1 
ATOM   533  C  CG  . MET A 1 72  ? 4.018   -0.963  7.102   1.00 47.44 ? 72   MET A CG  1 
ATOM   534  S  SD  . MET A 1 72  ? 2.310   -1.037  7.585   1.00 53.39 ? 72   MET A SD  1 
ATOM   535  C  CE  . MET A 1 72  ? 2.382   -2.076  9.011   1.00 54.98 ? 72   MET A CE  1 
ATOM   536  N  N   . ALA A 1 73  ? 7.450   0.747   9.531   1.00 46.83 ? 73   ALA A N   1 
ATOM   537  C  CA  . ALA A 1 73  ? 8.207   1.624   10.411  1.00 47.79 ? 73   ALA A CA  1 
ATOM   538  C  C   . ALA A 1 73  ? 9.479   2.183   9.750   1.00 48.42 ? 73   ALA A C   1 
ATOM   539  O  O   . ALA A 1 73  ? 9.838   3.340   9.961   1.00 48.29 ? 73   ALA A O   1 
ATOM   540  C  CB  . ALA A 1 73  ? 8.558   0.883   11.696  1.00 47.56 ? 73   ALA A CB  1 
ATOM   541  N  N   . ARG A 1 74  ? 10.145  1.354   8.950   1.00 49.43 ? 74   ARG A N   1 
ATOM   542  C  CA  . ARG A 1 74  ? 11.376  1.745   8.287   1.00 50.50 ? 74   ARG A CA  1 
ATOM   543  C  C   . ARG A 1 74  ? 11.142  2.768   7.217   1.00 51.59 ? 74   ARG A C   1 
ATOM   544  O  O   . ARG A 1 74  ? 11.824  3.789   7.171   1.00 51.58 ? 74   ARG A O   1 
ATOM   545  C  CB  . ARG A 1 74  ? 12.083  0.544   7.690   1.00 50.27 ? 74   ARG A CB  1 
ATOM   546  C  CG  . ARG A 1 74  ? 13.202  0.118   8.566   1.00 50.49 ? 74   ARG A CG  1 
ATOM   547  C  CD  . ARG A 1 74  ? 14.027  -0.964  7.984   1.00 49.60 ? 74   ARG A CD  1 
ATOM   548  N  NE  . ARG A 1 74  ? 14.494  -1.787  9.082   1.00 49.05 ? 74   ARG A NE  1 
ATOM   549  C  CZ  . ARG A 1 74  ? 15.353  -2.778  8.942   1.00 49.13 ? 74   ARG A CZ  1 
ATOM   550  N  NH1 . ARG A 1 74  ? 15.840  -3.055  7.738   1.00 49.33 ? 74   ARG A NH1 1 
ATOM   551  N  NH2 . ARG A 1 74  ? 15.710  -3.486  10.003  1.00 48.22 ? 74   ARG A NH2 1 
ATOM   552  N  N   . LYS A 1 75  ? 10.169  2.504   6.358   1.00 53.07 ? 75   LYS A N   1 
ATOM   553  C  CA  . LYS A 1 75  ? 9.845   3.460   5.318   1.00 54.87 ? 75   LYS A CA  1 
ATOM   554  C  C   . LYS A 1 75  ? 9.416   4.791   5.960   1.00 56.39 ? 75   LYS A C   1 
ATOM   555  O  O   . LYS A 1 75  ? 9.720   5.860   5.429   1.00 56.72 ? 75   LYS A O   1 
ATOM   556  C  CB  . LYS A 1 75  ? 8.793   2.891   4.352   1.00 54.55 ? 75   LYS A CB  1 
ATOM   557  C  CG  . LYS A 1 75  ? 8.538   3.742   3.097   1.00 54.49 ? 75   LYS A CG  1 
ATOM   558  C  CD  . LYS A 1 75  ? 9.823   4.081   2.357   1.00 53.41 ? 75   LYS A CD  1 
ATOM   559  C  CE  . LYS A 1 75  ? 9.764   5.473   1.793   1.00 52.97 ? 75   LYS A CE  1 
ATOM   560  N  NZ  . LYS A 1 75  ? 11.128  6.081   1.792   1.00 54.25 ? 75   LYS A NZ  1 
ATOM   561  N  N   . MET A 1 76  ? 8.763   4.719   7.125   1.00 58.20 ? 76   MET A N   1 
ATOM   562  C  CA  . MET A 1 76  ? 8.327   5.928   7.865   1.00 60.10 ? 76   MET A CA  1 
ATOM   563  C  C   . MET A 1 76  ? 9.517   6.781   8.337   1.00 60.61 ? 76   MET A C   1 
ATOM   564  O  O   . MET A 1 76  ? 9.416   8.004   8.417   1.00 60.74 ? 76   MET A O   1 
ATOM   565  C  CB  . MET A 1 76  ? 7.415   5.578   9.063   1.00 60.29 ? 76   MET A CB  1 
ATOM   566  C  CG  . MET A 1 76  ? 5.999   5.072   8.707   1.00 62.20 ? 76   MET A CG  1 
ATOM   567  S  SD  . MET A 1 76  ? 5.034   4.445   10.119  1.00 66.58 ? 76   MET A SD  1 
ATOM   568  C  CE  . MET A 1 76  ? 4.199   3.027   9.404   1.00 66.11 ? 76   MET A CE  1 
ATOM   569  N  N   . LYS A 1 77  ? 10.635  6.130   8.658   1.00 61.47 ? 77   LYS A N   1 
ATOM   570  C  CA  . LYS A 1 77  ? 11.881  6.822   8.998   1.00 61.84 ? 77   LYS A CA  1 
ATOM   571  C  C   . LYS A 1 77  ? 12.499  7.357   7.702   1.00 62.17 ? 77   LYS A C   1 
ATOM   572  O  O   . LYS A 1 77  ? 13.699  7.613   7.624   1.00 62.83 ? 77   LYS A O   1 
ATOM   573  C  CB  . LYS A 1 77  ? 12.858  5.875   9.733   1.00 61.50 ? 77   LYS A CB  1 
ATOM   574  N  N   . GLU A 1 82  ? 9.545   11.798  -1.741  1.00 40.24 ? 82   GLU A N   1 
ATOM   575  C  CA  . GLU A 1 82  ? 8.499   12.550  -2.451  1.00 39.91 ? 82   GLU A CA  1 
ATOM   576  C  C   . GLU A 1 82  ? 8.242   11.983  -3.850  1.00 39.37 ? 82   GLU A C   1 
ATOM   577  O  O   . GLU A 1 82  ? 7.154   11.483  -4.151  1.00 39.97 ? 82   GLU A O   1 
ATOM   578  C  CB  . GLU A 1 82  ? 8.891   14.027  -2.564  1.00 39.96 ? 82   GLU A CB  1 
ATOM   579  N  N   . GLU A 1 83  ? 9.242   12.070  -4.716  1.00 38.72 ? 83   GLU A N   1 
ATOM   580  C  CA  . GLU A 1 83  ? 9.127   11.429  -6.023  1.00 37.76 ? 83   GLU A CA  1 
ATOM   581  C  C   . GLU A 1 83  ? 8.428   10.081  -5.927  1.00 36.87 ? 83   GLU A C   1 
ATOM   582  O  O   . GLU A 1 83  ? 7.719   9.672   -6.848  1.00 36.53 ? 83   GLU A O   1 
ATOM   583  C  CB  . GLU A 1 83  ? 10.488  11.237  -6.703  1.00 38.19 ? 83   GLU A CB  1 
ATOM   584  C  CG  . GLU A 1 83  ? 10.402  10.401  -8.011  1.00 39.37 ? 83   GLU A CG  1 
ATOM   585  C  CD  . GLU A 1 83  ? 9.369   10.947  -9.036  1.00 41.03 ? 83   GLU A CD  1 
ATOM   586  O  OE1 . GLU A 1 83  ? 9.115   12.178  -9.065  1.00 42.27 ? 83   GLU A OE1 1 
ATOM   587  O  OE2 . GLU A 1 83  ? 8.810   10.146  -9.813  1.00 40.68 ? 83   GLU A OE2 1 
ATOM   588  N  N   . GLU A 1 84  ? 8.627   9.367   -4.827  1.00 36.08 ? 84   GLU A N   1 
ATOM   589  C  CA  . GLU A 1 84  ? 7.897   8.100   -4.656  1.00 35.54 ? 84   GLU A CA  1 
ATOM   590  C  C   . GLU A 1 84  ? 6.394   8.338   -4.457  1.00 34.24 ? 84   GLU A C   1 
ATOM   591  O  O   . GLU A 1 84  ? 5.583   7.450   -4.766  1.00 33.61 ? 84   GLU A O   1 
ATOM   592  C  CB  . GLU A 1 84  ? 8.450   7.286   -3.487  1.00 35.91 ? 84   GLU A CB  1 
ATOM   593  C  CG  . GLU A 1 84  ? 9.900   6.853   -3.667  1.00 40.03 ? 84   GLU A CG  1 
ATOM   594  C  CD  . GLU A 1 84  ? 10.443  6.098   -2.459  1.00 44.42 ? 84   GLU A CD  1 
ATOM   595  O  OE1 . GLU A 1 84  ? 9.691   5.971   -1.456  1.00 46.31 ? 84   GLU A OE1 1 
ATOM   596  O  OE2 . GLU A 1 84  ? 11.617  5.639   -2.513  1.00 46.14 ? 84   GLU A OE2 1 
ATOM   597  N  N   . ILE A 1 85  ? 6.031   9.520   -3.944  1.00 32.97 ? 85   ILE A N   1 
ATOM   598  C  CA  . ILE A 1 85  ? 4.649   9.848   -3.587  1.00 32.27 ? 85   ILE A CA  1 
ATOM   599  C  C   . ILE A 1 85  ? 3.868   10.255  -4.820  1.00 31.24 ? 85   ILE A C   1 
ATOM   600  O  O   . ILE A 1 85  ? 2.688   9.922   -4.967  1.00 30.96 ? 85   ILE A O   1 
ATOM   601  C  CB  . ILE A 1 85  ? 4.583   10.962  -2.524  1.00 32.94 ? 85   ILE A CB  1 
ATOM   602  C  CG1 . ILE A 1 85  ? 5.243   10.481  -1.225  1.00 33.37 ? 85   ILE A CG1 1 
ATOM   603  C  CG2 . ILE A 1 85  ? 3.113   11.368  -2.262  1.00 33.06 ? 85   ILE A CG2 1 
ATOM   604  C  CD1 . ILE A 1 85  ? 5.411   11.570  -0.180  1.00 35.56 ? 85   ILE A CD1 1 
ATOM   605  N  N   . ARG A 1 86  ? 4.549   10.967  -5.706  1.00 30.50 ? 86   ARG A N   1 
ATOM   606  C  CA  A ARG A 1 86  ? 4.005   11.304  -7.005  0.80 30.62 ? 86   ARG A CA  1 
ATOM   607  C  CA  B ARG A 1 86  ? 4.000   11.304  -7.005  0.20 30.05 ? 86   ARG A CA  1 
ATOM   608  C  C   . ARG A 1 86  ? 3.673   10.032  -7.791  1.00 30.14 ? 86   ARG A C   1 
ATOM   609  O  O   . ARG A 1 86  ? 2.672   9.975   -8.500  1.00 30.04 ? 86   ARG A O   1 
ATOM   610  C  CB  A ARG A 1 86  ? 4.991   12.187  -7.783  0.80 30.62 ? 86   ARG A CB  1 
ATOM   611  C  CB  B ARG A 1 86  ? 4.979   12.189  -7.789  0.20 29.75 ? 86   ARG A CB  1 
ATOM   612  C  CG  A ARG A 1 86  ? 4.357   12.944  -8.933  0.80 33.11 ? 86   ARG A CG  1 
ATOM   613  C  CG  B ARG A 1 86  ? 4.341   12.922  -8.953  0.20 28.63 ? 86   ARG A CG  1 
ATOM   614  C  CD  A ARG A 1 86  ? 3.677   14.239  -8.457  0.80 35.61 ? 86   ARG A CD  1 
ATOM   615  C  CD  B ARG A 1 86  ? 3.440   14.047  -8.463  0.20 25.69 ? 86   ARG A CD  1 
ATOM   616  N  NE  A ARG A 1 86  ? 4.661   15.163  -7.887  0.80 38.15 ? 86   ARG A NE  1 
ATOM   617  N  NE  B ARG A 1 86  ? 2.258   14.211  -9.297  0.20 23.29 ? 86   ARG A NE  1 
ATOM   618  C  CZ  A ARG A 1 86  ? 4.430   16.447  -7.649  0.80 39.26 ? 86   ARG A CZ  1 
ATOM   619  C  CZ  B ARG A 1 86  ? 1.409   15.224  -9.202  0.20 20.60 ? 86   ARG A CZ  1 
ATOM   620  N  NH1 A ARG A 1 86  ? 3.232   16.967  -7.934  0.80 39.51 ? 86   ARG A NH1 1 
ATOM   621  N  NH1 B ARG A 1 86  ? 1.594   16.178  -8.305  0.20 19.86 ? 86   ARG A NH1 1 
ATOM   622  N  NH2 A ARG A 1 86  ? 5.394   17.206  -7.127  0.80 39.09 ? 86   ARG A NH2 1 
ATOM   623  N  NH2 B ARG A 1 86  ? 0.372   15.278  -10.011 0.20 19.70 ? 86   ARG A NH2 1 
ATOM   624  N  N   . GLU A 1 87  ? 4.498   8.998   -7.631  1.00 30.09 ? 87   GLU A N   1 
ATOM   625  C  CA  . GLU A 1 87  ? 4.314   7.724   -8.345  1.00 29.96 ? 87   GLU A CA  1 
ATOM   626  C  C   . GLU A 1 87  ? 3.177   6.883   -7.782  1.00 29.51 ? 87   GLU A C   1 
ATOM   627  O  O   . GLU A 1 87  ? 2.321   6.368   -8.535  1.00 29.58 ? 87   GLU A O   1 
ATOM   628  C  CB  . GLU A 1 87  ? 5.611   6.912   -8.324  1.00 30.59 ? 87   GLU A CB  1 
ATOM   629  C  CG  . GLU A 1 87  ? 6.723   7.556   -9.108  1.00 32.80 ? 87   GLU A CG  1 
ATOM   630  C  CD  . GLU A 1 87  ? 8.023   6.794   -9.015  1.00 37.18 ? 87   GLU A CD  1 
ATOM   631  O  OE1 . GLU A 1 87  ? 8.119   5.847   -8.194  1.00 39.40 ? 87   GLU A OE1 1 
ATOM   632  O  OE2 . GLU A 1 87  ? 8.954   7.148   -9.766  1.00 37.29 ? 87   GLU A OE2 1 
ATOM   633  N  N   . ALA A 1 88  ? 3.196   6.706   -6.462  1.00 28.89 ? 88   ALA A N   1 
ATOM   634  C  CA  . ALA A 1 88  ? 2.038   6.184   -5.754  1.00 28.28 ? 88   ALA A CA  1 
ATOM   635  C  C   . ALA A 1 88  ? 0.784   6.889   -6.288  1.00 28.33 ? 88   ALA A C   1 
ATOM   636  O  O   . ALA A 1 88  ? -0.203  6.240   -6.669  1.00 28.66 ? 88   ALA A O   1 
ATOM   637  C  CB  . ALA A 1 88  ? 2.168   6.433   -4.235  1.00 27.96 ? 88   ALA A CB  1 
ATOM   638  N  N   . PHE A 1 89  ? 0.808   8.228   -6.290  1.00 28.10 ? 89   PHE A N   1 
ATOM   639  C  CA  . PHE A 1 89  ? -0.360  9.022   -6.690  1.00 27.37 ? 89   PHE A CA  1 
ATOM   640  C  C   . PHE A 1 89  ? -0.871  8.608   -8.076  1.00 27.58 ? 89   PHE A C   1 
ATOM   641  O  O   . PHE A 1 89  ? -2.076  8.410   -8.277  1.00 26.59 ? 89   PHE A O   1 
ATOM   642  C  CB  . PHE A 1 89  ? -0.031  10.511  -6.686  1.00 26.70 ? 89   PHE A CB  1 
ATOM   643  C  CG  . PHE A 1 89  ? -1.230  11.389  -6.927  1.00 25.34 ? 89   PHE A CG  1 
ATOM   644  C  CD1 . PHE A 1 89  ? -2.207  11.538  -5.944  1.00 23.45 ? 89   PHE A CD1 1 
ATOM   645  C  CD2 . PHE A 1 89  ? -1.397  12.056  -8.132  1.00 23.48 ? 89   PHE A CD2 1 
ATOM   646  C  CE1 . PHE A 1 89  ? -3.308  12.336  -6.147  1.00 20.87 ? 89   PHE A CE1 1 
ATOM   647  C  CE2 . PHE A 1 89  ? -2.515  12.860  -8.349  1.00 24.70 ? 89   PHE A CE2 1 
ATOM   648  C  CZ  . PHE A 1 89  ? -3.473  12.995  -7.351  1.00 23.49 ? 89   PHE A CZ  1 
ATOM   649  N  N   . ARG A 1 90  ? 0.050   8.496   -9.026  1.00 28.04 ? 90   ARG A N   1 
ATOM   650  C  CA  . ARG A 1 90  ? -0.296  8.150   -10.404 1.00 29.03 ? 90   ARG A CA  1 
ATOM   651  C  C   . ARG A 1 90  ? -0.931  6.769   -10.507 1.00 29.04 ? 90   ARG A C   1 
ATOM   652  O  O   . ARG A 1 90  ? -1.723  6.510   -11.435 1.00 29.41 ? 90   ARG A O   1 
ATOM   653  C  CB  . ARG A 1 90  ? 0.905   8.296   -11.347 1.00 28.80 ? 90   ARG A CB  1 
ATOM   654  C  CG  . ARG A 1 90  ? 1.268   9.745   -11.626 1.00 32.37 ? 90   ARG A CG  1 
ATOM   655  C  CD  . ARG A 1 90  ? 2.234   9.885   -12.808 1.00 39.27 ? 90   ARG A CD  1 
ATOM   656  N  NE  . ARG A 1 90  ? 3.482   9.144   -12.597 1.00 41.04 ? 90   ARG A NE  1 
ATOM   657  C  CZ  . ARG A 1 90  ? 4.554   9.644   -11.985 1.00 41.58 ? 90   ARG A CZ  1 
ATOM   658  N  NH1 . ARG A 1 90  ? 4.537   10.882  -11.507 1.00 40.56 ? 90   ARG A NH1 1 
ATOM   659  N  NH2 . ARG A 1 90  ? 5.641   8.893   -11.837 1.00 41.77 ? 90   ARG A NH2 1 
ATOM   660  N  N   . VAL A 1 91  ? -0.590  5.882   -9.578  1.00 28.52 ? 91   VAL A N   1 
ATOM   661  C  CA  . VAL A 1 91  ? -1.216  4.559   -9.578  1.00 28.52 ? 91   VAL A CA  1 
ATOM   662  C  C   . VAL A 1 91  ? -2.732  4.665   -9.415  1.00 28.18 ? 91   VAL A C   1 
ATOM   663  O  O   . VAL A 1 91  ? -3.508  3.921   -10.040 1.00 27.60 ? 91   VAL A O   1 
ATOM   664  C  CB  . VAL A 1 91  ? -0.655  3.651   -8.478  1.00 29.26 ? 91   VAL A CB  1 
ATOM   665  C  CG1 . VAL A 1 91  ? -1.392  2.299   -8.467  1.00 29.28 ? 91   VAL A CG1 1 
ATOM   666  C  CG2 . VAL A 1 91  ? 0.886   3.486   -8.643  1.00 28.06 ? 91   VAL A CG2 1 
ATOM   667  N  N   . PHE A 1 92  ? -3.151  5.603   -8.566  1.00 27.50 ? 92   PHE A N   1 
ATOM   668  C  CA  . PHE A 1 92  ? -4.563  5.847   -8.350  1.00 26.43 ? 92   PHE A CA  1 
ATOM   669  C  C   . PHE A 1 92  ? -5.169  6.794   -9.368  1.00 25.98 ? 92   PHE A C   1 
ATOM   670  O  O   . PHE A 1 92  ? -6.240  6.508   -9.918  1.00 26.43 ? 92   PHE A O   1 
ATOM   671  C  CB  . PHE A 1 92  ? -4.804  6.403   -6.986  1.00 26.11 ? 92   PHE A CB  1 
ATOM   672  C  CG  . PHE A 1 92  ? -4.400  5.483   -5.885  1.00 27.48 ? 92   PHE A CG  1 
ATOM   673  C  CD1 . PHE A 1 92  ? -3.069  5.388   -5.500  1.00 26.46 ? 92   PHE A CD1 1 
ATOM   674  C  CD2 . PHE A 1 92  ? -5.364  4.730   -5.198  1.00 26.46 ? 92   PHE A CD2 1 
ATOM   675  C  CE1 . PHE A 1 92  ? -2.701  4.560   -4.443  1.00 26.84 ? 92   PHE A CE1 1 
ATOM   676  C  CE2 . PHE A 1 92  ? -4.997  3.909   -4.138  1.00 27.63 ? 92   PHE A CE2 1 
ATOM   677  C  CZ  . PHE A 1 92  ? -3.655  3.812   -3.771  1.00 27.24 ? 92   PHE A CZ  1 
ATOM   678  N  N   . ASP A 1 93  ? -4.510  7.917   -9.611  1.00 24.98 ? 93   ASP A N   1 
ATOM   679  C  CA  . ASP A 1 93  ? -5.080  8.903   -10.496 1.00 24.71 ? 93   ASP A CA  1 
ATOM   680  C  C   . ASP A 1 93  ? -4.942  8.492   -11.961 1.00 25.18 ? 93   ASP A C   1 
ATOM   681  O  O   . ASP A 1 93  ? -4.129  9.043   -12.700 1.00 25.44 ? 93   ASP A O   1 
ATOM   682  C  CB  . ASP A 1 93  ? -4.476  10.269  -10.250 1.00 23.88 ? 93   ASP A CB  1 
ATOM   683  C  CG  . ASP A 1 93  ? -5.122  11.346  -11.115 1.00 24.72 ? 93   ASP A CG  1 
ATOM   684  O  OD1 . ASP A 1 93  ? -4.455  12.377  -11.401 1.00 24.12 ? 93   ASP A OD1 1 
ATOM   685  O  OD2 . ASP A 1 93  ? -6.299  11.149  -11.514 1.00 21.86 ? 93   ASP A OD2 1 
ATOM   686  N  N   . LYS A 1 94  ? -5.777  7.567   -12.403 1.00 25.45 ? 94   LYS A N   1 
ATOM   687  C  CA  . LYS A 1 94  ? -5.527  6.894   -13.668 1.00 26.21 ? 94   LYS A CA  1 
ATOM   688  C  C   . LYS A 1 94  ? -5.826  7.722   -14.911 1.00 25.31 ? 94   LYS A C   1 
ATOM   689  O  O   . LYS A 1 94  ? -5.177  7.537   -15.944 1.00 25.03 ? 94   LYS A O   1 
ATOM   690  C  CB  . LYS A 1 94  ? -6.233  5.533   -13.722 1.00 28.15 ? 94   LYS A CB  1 
ATOM   691  C  CG  . LYS A 1 94  ? -5.519  4.392   -12.894 1.00 33.31 ? 94   LYS A CG  1 
ATOM   692  C  CD  . LYS A 1 94  ? -4.247  3.842   -13.592 1.00 41.30 ? 94   LYS A CD  1 
ATOM   693  C  CE  . LYS A 1 94  ? -3.553  2.788   -12.707 1.00 47.26 ? 94   LYS A CE  1 
ATOM   694  N  NZ  . LYS A 1 94  ? -2.248  2.354   -13.323 1.00 49.97 ? 94   LYS A NZ  1 
ATOM   695  N  N   . ASP A 1 95  ? -6.750  8.674   -14.821 1.00 23.49 ? 95   ASP A N   1 
ATOM   696  C  CA  . ASP A 1 95  ? -6.957  9.553   -15.965 1.00 22.53 ? 95   ASP A CA  1 
ATOM   697  C  C   . ASP A 1 95  ? -6.024  10.771  -15.928 1.00 22.19 ? 95   ASP A C   1 
ATOM   698  O  O   . ASP A 1 95  ? -6.150  11.665  -16.745 1.00 21.99 ? 95   ASP A O   1 
ATOM   699  C  CB  . ASP A 1 95  ? -8.424  9.979   -16.101 1.00 22.42 ? 95   ASP A CB  1 
ATOM   700  C  CG  . ASP A 1 95  ? -8.894  10.770  -14.929 1.00 22.06 ? 95   ASP A CG  1 
ATOM   701  O  OD1 . ASP A 1 95  ? -8.078  11.051  -14.040 1.00 22.25 ? 95   ASP A OD1 1 
ATOM   702  O  OD2 . ASP A 1 95  ? -10.074 11.118  -14.898 1.00 22.77 ? 95   ASP A OD2 1 
ATOM   703  N  N   . GLY A 1 96  ? -5.080  10.796  -14.985 1.00 21.44 ? 96   GLY A N   1 
ATOM   704  C  CA  . GLY A 1 96  ? -4.098  11.876  -14.895 1.00 20.88 ? 96   GLY A CA  1 
ATOM   705  C  C   . GLY A 1 96  ? -4.637  13.266  -14.530 1.00 20.85 ? 96   GLY A C   1 
ATOM   706  O  O   . GLY A 1 96  ? -3.907  14.264  -14.665 1.00 21.02 ? 96   GLY A O   1 
ATOM   707  N  N   . ASN A 1 97  ? -5.897  13.355  -14.085 1.00 19.30 ? 97   ASN A N   1 
ATOM   708  C  CA  . ASN A 1 97  ? -6.537  14.673  -13.972 1.00 19.21 ? 97   ASN A CA  1 
ATOM   709  C  C   . ASN A 1 97  ? -6.174  15.403  -12.688 1.00 18.99 ? 97   ASN A C   1 
ATOM   710  O  O   . ASN A 1 97  ? -6.596  16.534  -12.503 1.00 19.49 ? 97   ASN A O   1 
ATOM   711  C  CB  . ASN A 1 97  ? -8.086  14.649  -14.181 1.00 18.72 ? 97   ASN A CB  1 
ATOM   712  C  CG  . ASN A 1 97  ? -8.871  14.196  -12.918 1.00 19.04 ? 97   ASN A CG  1 
ATOM   713  O  OD1 . ASN A 1 97  ? -8.335  13.503  -12.052 1.00 17.81 ? 97   ASN A OD1 1 
ATOM   714  N  ND2 . ASN A 1 97  ? -10.140 14.563  -12.842 1.00 15.90 ? 97   ASN A ND2 1 
ATOM   715  N  N   . GLY A 1 98  ? -5.409  14.755  -11.813 1.00 18.91 ? 98   GLY A N   1 
ATOM   716  C  CA  . GLY A 1 98  ? -4.954  15.367  -10.573 1.00 17.94 ? 98   GLY A CA  1 
ATOM   717  C  C   . GLY A 1 98  ? -5.849  15.079  -9.382  1.00 18.52 ? 98   GLY A C   1 
ATOM   718  O  O   . GLY A 1 98  ? -5.608  15.578  -8.277  1.00 18.11 ? 98   GLY A O   1 
ATOM   719  N  N   . TYR A 1 99  ? -6.897  14.280  -9.587  1.00 18.43 ? 99   TYR A N   1 
ATOM   720  C  CA  . TYR A 1 99  ? -7.822  13.973  -8.496  1.00 17.70 ? 99   TYR A CA  1 
ATOM   721  C  C   . TYR A 1 99  ? -8.118  12.492  -8.485  1.00 19.18 ? 99   TYR A C   1 
ATOM   722  O  O   . TYR A 1 99  ? -8.476  11.923  -9.529  1.00 18.77 ? 99   TYR A O   1 
ATOM   723  C  CB  . TYR A 1 99  ? -9.126  14.769  -8.630  1.00 17.37 ? 99   TYR A CB  1 
ATOM   724  C  CG  . TYR A 1 99  ? -8.889  16.251  -8.532  1.00 15.33 ? 99   TYR A CG  1 
ATOM   725  C  CD1 . TYR A 1 99  ? -8.656  17.020  -9.675  1.00 13.51 ? 99   TYR A CD1 1 
ATOM   726  C  CD2 . TYR A 1 99  ? -8.802  16.864  -7.296  1.00 14.75 ? 99   TYR A CD2 1 
ATOM   727  C  CE1 . TYR A 1 99  ? -8.365  18.384  -9.584  1.00 13.53 ? 99   TYR A CE1 1 
ATOM   728  C  CE2 . TYR A 1 99  ? -8.536  18.225  -7.186  1.00 14.36 ? 99   TYR A CE2 1 
ATOM   729  C  CZ  . TYR A 1 99  ? -8.303  18.971  -8.331  1.00 13.54 ? 99   TYR A CZ  1 
ATOM   730  O  OH  . TYR A 1 99  ? -8.018  20.301  -8.202  1.00 14.51 ? 99   TYR A OH  1 
ATOM   731  N  N   . ILE A 1 100 ? -7.980  11.854  -7.312  1.00 19.56 ? 100  ILE A N   1 
ATOM   732  C  CA  . ILE A 1 100 ? -8.399  10.475  -7.191  1.00 19.53 ? 100  ILE A CA  1 
ATOM   733  C  C   . ILE A 1 100 ? -9.885  10.493  -6.894  1.00 20.56 ? 100  ILE A C   1 
ATOM   734  O  O   . ILE A 1 100 ? -10.305 11.037  -5.878  1.00 21.65 ? 100  ILE A O   1 
ATOM   735  C  CB  . ILE A 1 100 ? -7.648  9.728   -6.060  1.00 19.52 ? 100  ILE A CB  1 
ATOM   736  C  CG1 . ILE A 1 100 ? -6.158  9.698   -6.364  1.00 17.63 ? 100  ILE A CG1 1 
ATOM   737  C  CG2 . ILE A 1 100 ? -8.223  8.298   -5.882  1.00 17.99 ? 100  ILE A CG2 1 
ATOM   738  C  CD1 . ILE A 1 100 ? -5.271  9.519   -5.174  1.00 18.55 ? 100  ILE A CD1 1 
ATOM   739  N  N   . SER A 1 101 ? -10.693 9.916   -7.774  1.00 20.98 ? 101  SER A N   1 
ATOM   740  C  CA  . SER A 1 101 ? -12.106 9.780   -7.475  1.00 21.36 ? 101  SER A CA  1 
ATOM   741  C  C   . SER A 1 101 ? -12.349 8.519   -6.657  1.00 21.26 ? 101  SER A C   1 
ATOM   742  O  O   . SER A 1 101 ? -11.449 7.698   -6.471  1.00 21.10 ? 101  SER A O   1 
ATOM   743  C  CB  . SER A 1 101 ? -12.907 9.699   -8.763  1.00 21.39 ? 101  SER A CB  1 
ATOM   744  O  OG  . SER A 1 101 ? -12.509 8.561   -9.511  1.00 24.17 ? 101  SER A OG  1 
ATOM   745  N  N   . ALA A 1 102 ? -13.575 8.376   -6.162  1.00 21.20 ? 102  ALA A N   1 
ATOM   746  C  CA  . ALA A 1 102 ? -14.009 7.145   -5.528  1.00 21.20 ? 102  ALA A CA  1 
ATOM   747  C  C   . ALA A 1 102 ? -13.912 5.942   -6.490  1.00 21.18 ? 102  ALA A C   1 
ATOM   748  O  O   . ALA A 1 102 ? -13.491 4.864   -6.090  1.00 21.04 ? 102  ALA A O   1 
ATOM   749  C  CB  . ALA A 1 102 ? -15.461 7.304   -5.015  1.00 20.91 ? 102  ALA A CB  1 
ATOM   750  N  N   . ALA A 1 103 ? -14.335 6.114   -7.744  1.00 21.36 ? 103  ALA A N   1 
ATOM   751  C  CA  . ALA A 1 103 ? -14.272 5.012   -8.736  1.00 21.27 ? 103  ALA A CA  1 
ATOM   752  C  C   . ALA A 1 103 ? -12.823 4.585   -8.974  1.00 21.85 ? 103  ALA A C   1 
ATOM   753  O  O   . ALA A 1 103 ? -12.501 3.382   -9.066  1.00 22.04 ? 103  ALA A O   1 
ATOM   754  C  CB  . ALA A 1 103 ? -14.923 5.434   -10.037 1.00 20.56 ? 103  ALA A CB  1 
ATOM   755  N  N   . GLU A 1 104 ? -11.934 5.577   -9.054  1.00 22.24 ? 104  GLU A N   1 
ATOM   756  C  CA  . GLU A 1 104 ? -10.507 5.306   -9.188  1.00 22.37 ? 104  GLU A CA  1 
ATOM   757  C  C   . GLU A 1 104 ? -9.977  4.546   -7.979  1.00 23.04 ? 104  GLU A C   1 
ATOM   758  O  O   . GLU A 1 104 ? -9.212  3.578   -8.141  1.00 23.24 ? 104  GLU A O   1 
ATOM   759  C  CB  . GLU A 1 104 ? -9.736  6.603   -9.383  1.00 21.73 ? 104  GLU A CB  1 
ATOM   760  C  CG  . GLU A 1 104 ? -9.720  7.053   -10.803 1.00 22.03 ? 104  GLU A CG  1 
ATOM   761  C  CD  . GLU A 1 104 ? -9.126  8.421   -10.962 1.00 25.01 ? 104  GLU A CD  1 
ATOM   762  O  OE1 . GLU A 1 104 ? -8.681  8.741   -12.069 1.00 25.05 ? 104  GLU A OE1 1 
ATOM   763  O  OE2 . GLU A 1 104 ? -9.105  9.201   -9.984  1.00 26.76 ? 104  GLU A OE2 1 
ATOM   764  N  N   . LEU A 1 105 ? -10.386 4.957   -6.777  1.00 24.00 ? 105  LEU A N   1 
ATOM   765  C  CA  . LEU A 1 105 ? -9.966  4.254   -5.547  1.00 25.21 ? 105  LEU A CA  1 
ATOM   766  C  C   . LEU A 1 105 ? -10.483 2.806   -5.631  1.00 26.07 ? 105  LEU A C   1 
ATOM   767  O  O   . LEU A 1 105 ? -9.725  1.826   -5.435  1.00 26.34 ? 105  LEU A O   1 
ATOM   768  C  CB  . LEU A 1 105 ? -10.460 4.965   -4.280  1.00 24.40 ? 105  LEU A CB  1 
ATOM   769  C  CG  . LEU A 1 105 ? -10.097 4.275   -2.938  1.00 25.38 ? 105  LEU A CG  1 
ATOM   770  C  CD1 . LEU A 1 105 ? -8.603  3.859   -2.797  1.00 22.13 ? 105  LEU A CD1 1 
ATOM   771  C  CD2 . LEU A 1 105 ? -10.474 5.157   -1.742  1.00 24.33 ? 105  LEU A CD2 1 
ATOM   772  N  N   . ARG A 1 106 ? -11.749 2.669   -6.015  1.00 25.99 ? 106  ARG A N   1 
ATOM   773  C  CA  . ARG A 1 106 ? -12.340 1.349   -6.147  1.00 26.63 ? 106  ARG A CA  1 
ATOM   774  C  C   . ARG A 1 106 ? -11.571 0.499   -7.147  1.00 26.81 ? 106  ARG A C   1 
ATOM   775  O  O   . ARG A 1 106 ? -11.347 -0.665  -6.881  1.00 26.58 ? 106  ARG A O   1 
ATOM   776  C  CB  . ARG A 1 106 ? -13.801 1.444   -6.590  1.00 27.28 ? 106  ARG A CB  1 
ATOM   777  C  CG  . ARG A 1 106 ? -14.551 0.106   -6.578  1.00 31.19 ? 106  ARG A CG  1 
ATOM   778  C  CD  . ARG A 1 106 ? -15.979 0.244   -7.088  1.00 36.92 ? 106  ARG A CD  1 
ATOM   779  N  NE  . ARG A 1 106 ? -17.018 0.351   -6.041  1.00 43.63 ? 106  ARG A NE  1 
ATOM   780  C  CZ  . ARG A 1 106 ? -17.286 -0.583  -5.108  1.00 45.63 ? 106  ARG A CZ  1 
ATOM   781  N  NH1 . ARG A 1 106 ? -16.532 -1.691  -5.011  1.00 46.88 ? 106  ARG A NH1 1 
ATOM   782  N  NH2 . ARG A 1 106 ? -18.297 -0.401  -4.253  1.00 42.68 ? 106  ARG A NH2 1 
ATOM   783  N  N   . HIS A 1 107 ? -11.185 1.072   -8.292  1.00 26.43 ? 107  HIS A N   1 
ATOM   784  C  CA  . HIS A 1 107 ? -10.506 0.291   -9.309  1.00 27.28 ? 107  HIS A CA  1 
ATOM   785  C  C   . HIS A 1 107 ? -9.203  -0.287  -8.781  1.00 26.64 ? 107  HIS A C   1 
ATOM   786  O  O   . HIS A 1 107 ? -8.833  -1.392  -9.123  1.00 25.90 ? 107  HIS A O   1 
ATOM   787  C  CB  . HIS A 1 107 ? -10.221 1.094   -10.595 1.00 27.31 ? 107  HIS A CB  1 
ATOM   788  C  CG  . HIS A 1 107 ? -11.450 1.588   -11.293 1.00 31.92 ? 107  HIS A CG  1 
ATOM   789  N  ND1 . HIS A 1 107 ? -12.689 0.987   -11.146 1.00 35.93 ? 107  HIS A ND1 1 
ATOM   790  C  CD2 . HIS A 1 107 ? -11.632 2.618   -12.161 1.00 34.42 ? 107  HIS A CD2 1 
ATOM   791  C  CE1 . HIS A 1 107 ? -13.579 1.628   -11.886 1.00 36.07 ? 107  HIS A CE1 1 
ATOM   792  N  NE2 . HIS A 1 107 ? -12.960 2.609   -12.524 1.00 37.39 ? 107  HIS A NE2 1 
ATOM   793  N  N   . VAL A 1 108 ? -8.502  0.471   -7.948  1.00 26.63 ? 108  VAL A N   1 
ATOM   794  C  CA  . VAL A 1 108 ? -7.232  0.003   -7.447  1.00 26.38 ? 108  VAL A CA  1 
ATOM   795  C  C   . VAL A 1 108 ? -7.501  -1.062  -6.431  1.00 26.44 ? 108  VAL A C   1 
ATOM   796  O  O   . VAL A 1 108 ? -6.786  -2.044  -6.391  1.00 26.84 ? 108  VAL A O   1 
ATOM   797  C  CB  . VAL A 1 108 ? -6.387  1.126   -6.773  1.00 26.70 ? 108  VAL A CB  1 
ATOM   798  C  CG1 . VAL A 1 108 ? -5.177  0.518   -6.017  1.00 26.06 ? 108  VAL A CG1 1 
ATOM   799  C  CG2 . VAL A 1 108 ? -5.945  2.167   -7.802  1.00 25.99 ? 108  VAL A CG2 1 
ATOM   800  N  N   . MET A 1 109 ? -8.519  -0.868  -5.602  1.00 26.72 ? 109  MET A N   1 
ATOM   801  C  CA  . MET A 1 109 ? -8.792  -1.827  -4.530  1.00 27.77 ? 109  MET A CA  1 
ATOM   802  C  C   . MET A 1 109 ? -9.199  -3.177  -5.100  1.00 27.63 ? 109  MET A C   1 
ATOM   803  O  O   . MET A 1 109 ? -8.843  -4.222  -4.564  1.00 27.32 ? 109  MET A O   1 
ATOM   804  C  CB  . MET A 1 109 ? -9.879  -1.287  -3.606  1.00 28.09 ? 109  MET A CB  1 
ATOM   805  C  CG  . MET A 1 109 ? -9.437  -0.052  -2.868  1.00 29.74 ? 109  MET A CG  1 
ATOM   806  S  SD  . MET A 1 109 ? -8.134  -0.526  -1.747  1.00 34.14 ? 109  MET A SD  1 
ATOM   807  C  CE  . MET A 1 109 ? -6.655  -0.056  -2.596  1.00 34.70 ? 109  MET A CE  1 
ATOM   808  N  N   . THR A 1 110 ? -9.938  -3.128  -6.207  1.00 27.68 ? 110  THR A N   1 
ATOM   809  C  CA  . THR A 1 110 ? -10.371 -4.325  -6.898  1.00 28.05 ? 110  THR A CA  1 
ATOM   810  C  C   . THR A 1 110 ? -9.184  -5.048  -7.525  1.00 28.58 ? 110  THR A C   1 
ATOM   811  O  O   . THR A 1 110 ? -9.126  -6.276  -7.533  1.00 28.68 ? 110  THR A O   1 
ATOM   812  C  CB  . THR A 1 110 ? -11.358 -3.985  -8.036  1.00 27.80 ? 110  THR A CB  1 
ATOM   813  O  OG1 . THR A 1 110 ? -12.534 -3.416  -7.475  1.00 26.02 ? 110  THR A OG1 1 
ATOM   814  C  CG2 . THR A 1 110 ? -11.736 -5.259  -8.850  1.00 28.35 ? 110  THR A CG2 1 
ATOM   815  N  N   . ASN A 1 111 ? -8.254  -4.284  -8.088  1.00 29.26 ? 111  ASN A N   1 
ATOM   816  C  CA  . ASN A 1 111 ? -7.084  -4.883  -8.716  1.00 29.50 ? 111  ASN A CA  1 
ATOM   817  C  C   . ASN A 1 111 ? -6.180  -5.504  -7.647  1.00 28.96 ? 111  ASN A C   1 
ATOM   818  O  O   . ASN A 1 111 ? -5.481  -6.452  -7.916  1.00 27.62 ? 111  ASN A O   1 
ATOM   819  C  CB  . ASN A 1 111 ? -6.352  -3.854  -9.584  1.00 30.32 ? 111  ASN A CB  1 
ATOM   820  C  CG  . ASN A 1 111 ? -5.750  -4.472  -10.847 1.00 34.40 ? 111  ASN A CG  1 
ATOM   821  O  OD1 . ASN A 1 111 ? -6.361  -5.330  -11.506 1.00 38.73 ? 111  ASN A OD1 1 
ATOM   822  N  ND2 . ASN A 1 111 ? -4.536  -4.052  -11.183 1.00 39.78 ? 111  ASN A ND2 1 
ATOM   823  N  N   . LEU A 1 112 ? -6.248  -4.990  -6.418  1.00 29.05 ? 112  LEU A N   1 
ATOM   824  C  CA  . LEU A 1 112 ? -5.641  -5.648  -5.260  1.00 30.06 ? 112  LEU A CA  1 
ATOM   825  C  C   . LEU A 1 112 ? -6.476  -6.790  -4.662  1.00 31.01 ? 112  LEU A C   1 
ATOM   826  O  O   . LEU A 1 112 ? -6.110  -7.347  -3.639  1.00 29.91 ? 112  LEU A O   1 
ATOM   827  C  CB  . LEU A 1 112 ? -5.421  -4.623  -4.153  1.00 30.22 ? 112  LEU A CB  1 
ATOM   828  C  CG  . LEU A 1 112 ? -4.366  -3.601  -4.525  1.00 30.03 ? 112  LEU A CG  1 
ATOM   829  C  CD1 . LEU A 1 112 ? -4.318  -2.465  -3.506  1.00 29.45 ? 112  LEU A CD1 1 
ATOM   830  C  CD2 . LEU A 1 112 ? -3.070  -4.373  -4.575  1.00 30.67 ? 112  LEU A CD2 1 
ATOM   831  N  N   . GLY A 1 113 ? -7.610  -7.106  -5.279  1.00 32.75 ? 113  GLY A N   1 
ATOM   832  C  CA  . GLY A 1 113 ? -8.447  -8.201  -4.823  1.00 35.56 ? 113  GLY A CA  1 
ATOM   833  C  C   . GLY A 1 113 ? -9.420  -7.864  -3.707  1.00 37.59 ? 113  GLY A C   1 
ATOM   834  O  O   . GLY A 1 113 ? -10.169 -8.727  -3.295  1.00 37.82 ? 113  GLY A O   1 
ATOM   835  N  N   . GLU A 1 114 ? -9.411  -6.616  -3.216  1.00 39.65 ? 114  GLU A N   1 
ATOM   836  C  CA  . GLU A 1 114 ? -10.349 -6.156  -2.146  1.00 41.66 ? 114  GLU A CA  1 
ATOM   837  C  C   . GLU A 1 114 ? -11.798 -5.906  -2.590  1.00 41.34 ? 114  GLU A C   1 
ATOM   838  O  O   . GLU A 1 114 ? -12.045 -5.119  -3.512  1.00 41.45 ? 114  GLU A O   1 
ATOM   839  C  CB  . GLU A 1 114 ? -9.821  -4.874  -1.501  1.00 42.30 ? 114  GLU A CB  1 
ATOM   840  C  CG  . GLU A 1 114 ? -8.566  -5.117  -0.712  1.00 47.54 ? 114  GLU A CG  1 
ATOM   841  C  CD  . GLU A 1 114 ? -8.838  -6.019  0.478   1.00 54.80 ? 114  GLU A CD  1 
ATOM   842  O  OE1 . GLU A 1 114 ? -9.657  -5.613  1.368   1.00 54.84 ? 114  GLU A OE1 1 
ATOM   843  O  OE2 . GLU A 1 114 ? -8.221  -7.123  0.507   1.00 58.30 ? 114  GLU A OE2 1 
ATOM   844  N  N   . LYS A 1 115 ? -12.754 -6.548  -1.914  1.00 41.03 ? 115  LYS A N   1 
ATOM   845  C  CA  . LYS A 1 115 ? -14.201 -6.304  -2.178  1.00 40.34 ? 115  LYS A CA  1 
ATOM   846  C  C   . LYS A 1 115 ? -14.800 -5.204  -1.269  1.00 39.18 ? 115  LYS A C   1 
ATOM   847  O  O   . LYS A 1 115 ? -14.838 -5.348  -0.037  1.00 39.68 ? 115  LYS A O   1 
ATOM   848  N  N   . LEU A 1 116 ? -15.272 -4.105  -1.861  1.00 38.04 ? 116  LEU A N   1 
ATOM   849  C  CA  . LEU A 1 116 ? -15.692 -2.941  -1.037  1.00 35.78 ? 116  LEU A CA  1 
ATOM   850  C  C   . LEU A 1 116 ? -17.104 -2.492  -1.374  1.00 33.70 ? 116  LEU A C   1 
ATOM   851  O  O   . LEU A 1 116 ? -17.449 -2.419  -2.561  1.00 32.77 ? 116  LEU A O   1 
ATOM   852  C  CB  . LEU A 1 116 ? -14.728 -1.747  -1.215  1.00 35.85 ? 116  LEU A CB  1 
ATOM   853  C  CG  . LEU A 1 116 ? -13.260 -1.899  -0.790  1.00 37.08 ? 116  LEU A CG  1 
ATOM   854  C  CD1 . LEU A 1 116 ? -12.488 -0.644  -1.140  1.00 38.85 ? 116  LEU A CD1 1 
ATOM   855  C  CD2 . LEU A 1 116 ? -13.124 -2.186  0.702   1.00 39.01 ? 116  LEU A CD2 1 
ATOM   856  N  N   . THR A 1 117 ? -17.903 -2.169  -0.347  1.00 31.06 ? 117  THR A N   1 
ATOM   857  C  CA  . THR A 1 117 ? -19.218 -1.609  -0.608  1.00 29.37 ? 117  THR A CA  1 
ATOM   858  C  C   . THR A 1 117 ? -19.036 -0.196  -1.108  1.00 28.66 ? 117  THR A C   1 
ATOM   859  O  O   . THR A 1 117 ? -17.972 0.406   -0.927  1.00 28.25 ? 117  THR A O   1 
ATOM   860  C  CB  . THR A 1 117 ? -20.144 -1.606  0.615   1.00 29.28 ? 117  THR A CB  1 
ATOM   861  O  OG1 . THR A 1 117 ? -19.563 -0.805  1.639   1.00 30.05 ? 117  THR A OG1 1 
ATOM   862  C  CG2 . THR A 1 117 ? -20.359 -3.020  1.146   1.00 28.12 ? 117  THR A CG2 1 
ATOM   863  N  N   . ASP A 1 118 ? -20.056 0.330   -1.769  1.00 27.49 ? 118  ASP A N   1 
ATOM   864  C  CA  . ASP A 1 118 ? -19.993 1.692   -2.238  1.00 26.90 ? 118  ASP A CA  1 
ATOM   865  C  C   . ASP A 1 118 ? -19.692 2.618   -1.059  1.00 26.10 ? 118  ASP A C   1 
ATOM   866  O  O   . ASP A 1 118 ? -18.874 3.528   -1.173  1.00 25.21 ? 118  ASP A O   1 
ATOM   867  C  CB  . ASP A 1 118 ? -21.304 2.087   -2.927  1.00 27.19 ? 118  ASP A CB  1 
ATOM   868  C  CG  . ASP A 1 118 ? -21.476 1.405   -4.293  1.00 28.50 ? 118  ASP A CG  1 
ATOM   869  O  OD1 . ASP A 1 118 ? -22.629 1.352   -4.775  1.00 30.45 ? 118  ASP A OD1 1 
ATOM   870  O  OD2 . ASP A 1 118 ? -20.464 0.900   -4.860  1.00 29.54 ? 118  ASP A OD2 1 
ATOM   871  N  N   . GLU A 1 119 ? -20.343 2.343   0.070   1.00 25.28 ? 119  GLU A N   1 
ATOM   872  C  CA  . GLU A 1 119 ? -20.223 3.173   1.281   1.00 25.23 ? 119  GLU A CA  1 
ATOM   873  C  C   . GLU A 1 119 ? -18.793 3.155   1.843   1.00 24.84 ? 119  GLU A C   1 
ATOM   874  O  O   . GLU A 1 119 ? -18.283 4.204   2.258   1.00 25.07 ? 119  GLU A O   1 
ATOM   875  C  CB  . GLU A 1 119 ? -21.258 2.773   2.360   1.00 23.68 ? 119  GLU A CB  1 
ATOM   876  N  N   . GLU A 1 120 ? -18.164 1.976   1.835   1.00 24.28 ? 120  GLU A N   1 
ATOM   877  C  CA  . GLU A 1 120 ? -16.780 1.821   2.271   1.00 24.45 ? 120  GLU A CA  1 
ATOM   878  C  C   . GLU A 1 120 ? -15.821 2.639   1.460   1.00 23.93 ? 120  GLU A C   1 
ATOM   879  O  O   . GLU A 1 120 ? -14.906 3.224   2.015   1.00 24.75 ? 120  GLU A O   1 
ATOM   880  C  CB  . GLU A 1 120 ? -16.354 0.358   2.203   1.00 24.69 ? 120  GLU A CB  1 
ATOM   881  C  CG  . GLU A 1 120 ? -16.723 -0.363  3.458   1.00 26.92 ? 120  GLU A CG  1 
ATOM   882  C  CD  . GLU A 1 120 ? -16.966 -1.855  3.290   1.00 27.73 ? 120  GLU A CD  1 
ATOM   883  O  OE1 . GLU A 1 120 ? -17.441 -2.456  4.286   1.00 27.44 ? 120  GLU A OE1 1 
ATOM   884  O  OE2 . GLU A 1 120 ? -16.706 -2.410  2.196   1.00 27.16 ? 120  GLU A OE2 1 
ATOM   885  N  N   . VAL A 1 121 ? -16.024 2.680   0.153   1.00 23.30 ? 121  VAL A N   1 
ATOM   886  C  CA  . VAL A 1 121 ? -15.139 3.410   -0.727  1.00 22.91 ? 121  VAL A CA  1 
ATOM   887  C  C   . VAL A 1 121 ? -15.298 4.913   -0.468  1.00 23.89 ? 121  VAL A C   1 
ATOM   888  O  O   . VAL A 1 121 ? -14.314 5.678   -0.409  1.00 23.37 ? 121  VAL A O   1 
ATOM   889  C  CB  . VAL A 1 121 ? -15.427 3.106   -2.206  1.00 22.72 ? 121  VAL A CB  1 
ATOM   890  C  CG1 . VAL A 1 121 ? -14.527 3.927   -3.059  1.00 22.69 ? 121  VAL A CG1 1 
ATOM   891  C  CG2 . VAL A 1 121 ? -15.223 1.620   -2.493  1.00 21.75 ? 121  VAL A CG2 1 
ATOM   892  N  N   . ASP A 1 122 ? -16.541 5.340   -0.286  1.00 24.14 ? 122  ASP A N   1 
ATOM   893  C  CA  . ASP A 1 122 ? -16.774 6.728   -0.015  1.00 25.34 ? 122  ASP A CA  1 
ATOM   894  C  C   . ASP A 1 122 ? -16.193 7.136   1.331   1.00 24.98 ? 122  ASP A C   1 
ATOM   895  O  O   . ASP A 1 122 ? -15.679 8.230   1.472   1.00 25.09 ? 122  ASP A O   1 
ATOM   896  C  CB  . ASP A 1 122 ? -18.256 7.018   -0.021  1.00 25.63 ? 122  ASP A CB  1 
ATOM   897  C  CG  . ASP A 1 122 ? -18.822 7.088   -1.410  1.00 29.66 ? 122  ASP A CG  1 
ATOM   898  O  OD1 . ASP A 1 122 ? -18.052 7.283   -2.383  1.00 31.87 ? 122  ASP A OD1 1 
ATOM   899  O  OD2 . ASP A 1 122 ? -20.065 6.950   -1.535  1.00 36.03 ? 122  ASP A OD2 1 
ATOM   900  N  N   . GLU A 1 123 ? -16.320 6.264   2.325   1.00 25.00 ? 123  GLU A N   1 
ATOM   901  C  CA  . GLU A 1 123 ? -15.735 6.490   3.655   1.00 25.01 ? 123  GLU A CA  1 
ATOM   902  C  C   . GLU A 1 123 ? -14.233 6.730   3.502   1.00 23.93 ? 123  GLU A C   1 
ATOM   903  O  O   . GLU A 1 123 ? -13.677 7.606   4.140   1.00 23.82 ? 123  GLU A O   1 
ATOM   904  C  CB  . GLU A 1 123 ? -15.963 5.260   4.523   1.00 25.42 ? 123  GLU A CB  1 
ATOM   905  C  CG  . GLU A 1 123 ? -16.300 5.468   5.984   1.00 30.53 ? 123  GLU A CG  1 
ATOM   906  C  CD  . GLU A 1 123 ? -16.918 4.186   6.614   1.00 37.55 ? 123  GLU A CD  1 
ATOM   907  O  OE1 . GLU A 1 123 ? -17.648 3.445   5.906   1.00 39.71 ? 123  GLU A OE1 1 
ATOM   908  O  OE2 . GLU A 1 123 ? -16.692 3.912   7.824   1.00 41.18 ? 123  GLU A OE2 1 
ATOM   909  N  N   . MET A 1 124 ? -13.588 5.951   2.641   1.00 22.98 ? 124  MET A N   1 
ATOM   910  C  CA  . MET A 1 124 ? -12.164 6.023   2.466   1.00 22.10 ? 124  MET A CA  1 
ATOM   911  C  C   . MET A 1 124 ? -11.774 7.347   1.815   1.00 22.06 ? 124  MET A C   1 
ATOM   912  O  O   . MET A 1 124 ? -10.863 8.048   2.312   1.00 21.37 ? 124  MET A O   1 
ATOM   913  C  CB  . MET A 1 124 ? -11.653 4.835   1.645   1.00 22.52 ? 124  MET A CB  1 
ATOM   914  C  CG  . MET A 1 124 ? -11.843 3.471   2.339   1.00 21.36 ? 124  MET A CG  1 
ATOM   915  S  SD  . MET A 1 124 ? -11.569 2.091   1.178   1.00 26.28 ? 124  MET A SD  1 
ATOM   916  C  CE  . MET A 1 124 ? -9.825  2.305   0.735   1.00 22.19 ? 124  MET A CE  1 
ATOM   917  N  N   . ILE A 1 125 ? -12.418 7.695   0.699   1.00 21.54 ? 125  ILE A N   1 
ATOM   918  C  CA  A ILE A 1 125 ? -12.183 9.008   0.108   0.50 21.12 ? 125  ILE A CA  1 
ATOM   919  C  CA  B ILE A 1 125 ? -12.189 9.016   0.110   0.50 21.66 ? 125  ILE A CA  1 
ATOM   920  C  C   . ILE A 1 125 ? -12.392 10.090  1.166   1.00 21.66 ? 125  ILE A C   1 
ATOM   921  O  O   . ILE A 1 125 ? -11.621 11.013  1.272   1.00 21.54 ? 125  ILE A O   1 
ATOM   922  C  CB  A ILE A 1 125 ? -13.117 9.269   -1.095  0.50 21.12 ? 125  ILE A CB  1 
ATOM   923  C  CB  B ILE A 1 125 ? -13.129 9.310   -1.085  0.50 22.11 ? 125  ILE A CB  1 
ATOM   924  C  CG1 A ILE A 1 125 ? -12.762 8.344   -2.279  0.50 19.17 ? 125  ILE A CG1 1 
ATOM   925  C  CG1 B ILE A 1 125 ? -12.521 8.793   -2.399  0.50 22.48 ? 125  ILE A CG1 1 
ATOM   926  C  CG2 A ILE A 1 125 ? -13.083 10.778  -1.503  0.50 21.11 ? 125  ILE A CG2 1 
ATOM   927  C  CG2 B ILE A 1 125 ? -13.422 10.838  -1.203  0.50 21.61 ? 125  ILE A CG2 1 
ATOM   928  C  CD1 A ILE A 1 125 ? -11.384 8.613   -2.915  0.50 12.58 ? 125  ILE A CD1 1 
ATOM   929  C  CD1 B ILE A 1 125 ? -12.713 7.347   -2.602  0.50 23.43 ? 125  ILE A CD1 1 
ATOM   930  N  N   . ARG A 1 126 ? -13.442 9.957   1.961   1.00 22.02 ? 126  ARG A N   1 
ATOM   931  C  CA  . ARG A 1 126 ? -13.779 10.974  2.924   1.00 23.54 ? 126  ARG A CA  1 
ATOM   932  C  C   . ARG A 1 126 ? -12.706 11.156  3.996   1.00 23.49 ? 126  ARG A C   1 
ATOM   933  O  O   . ARG A 1 126 ? -12.480 12.261  4.471   1.00 23.43 ? 126  ARG A O   1 
ATOM   934  C  CB  . ARG A 1 126 ? -15.117 10.630  3.542   1.00 24.16 ? 126  ARG A CB  1 
ATOM   935  C  CG  . ARG A 1 126 ? -15.933 11.773  4.077   1.00 28.30 ? 126  ARG A CG  1 
ATOM   936  C  CD  . ARG A 1 126 ? -17.410 11.493  3.738   1.00 33.68 ? 126  ARG A CD  1 
ATOM   937  N  NE  . ARG A 1 126 ? -17.871 10.212  4.284   1.00 36.57 ? 126  ARG A NE  1 
ATOM   938  C  CZ  . ARG A 1 126 ? -18.712 9.385   3.658   1.00 38.95 ? 126  ARG A CZ  1 
ATOM   939  N  NH1 . ARG A 1 126 ? -19.195 9.691   2.447   1.00 38.07 ? 126  ARG A NH1 1 
ATOM   940  N  NH2 . ARG A 1 126 ? -19.070 8.249   4.246   1.00 39.07 ? 126  ARG A NH2 1 
ATOM   941  N  N   . GLU A 1 127 ? -12.043 10.084  4.394   1.00 24.05 ? 127  GLU A N   1 
ATOM   942  C  CA  A GLU A 1 127 ? -10.967 10.194  5.364   0.80 25.05 ? 127  GLU A CA  1 
ATOM   943  C  CA  B GLU A 1 127 ? -10.959 10.206  5.371   0.20 23.60 ? 127  GLU A CA  1 
ATOM   944  C  C   . GLU A 1 127 ? -9.756  10.975  4.817   1.00 23.79 ? 127  GLU A C   1 
ATOM   945  O  O   . GLU A 1 127 ? -9.143  11.757  5.541   1.00 24.33 ? 127  GLU A O   1 
ATOM   946  C  CB  A GLU A 1 127 ? -10.500 8.803   5.801   0.80 25.71 ? 127  GLU A CB  1 
ATOM   947  C  CB  B GLU A 1 127 ? -10.497 8.844   5.927   0.20 23.57 ? 127  GLU A CB  1 
ATOM   948  C  CG  A GLU A 1 127 ? -11.510 8.022   6.575   0.80 31.17 ? 127  GLU A CG  1 
ATOM   949  C  CG  B GLU A 1 127 ? -9.301  8.962   6.900   0.20 22.49 ? 127  GLU A CG  1 
ATOM   950  C  CD  A GLU A 1 127 ? -11.000 6.624   6.856   0.80 36.30 ? 127  GLU A CD  1 
ATOM   951  C  CD  B GLU A 1 127 ? -8.847  7.636   7.470   0.20 21.66 ? 127  GLU A CD  1 
ATOM   952  O  OE1 A GLU A 1 127 ? -9.751  6.490   6.900   0.80 38.33 ? 127  GLU A OE1 1 
ATOM   953  O  OE1 B GLU A 1 127 ? -9.471  6.610   7.156   0.20 22.26 ? 127  GLU A OE1 1 
ATOM   954  O  OE2 A GLU A 1 127 ? -11.829 5.689   7.032   0.80 38.54 ? 127  GLU A OE2 1 
ATOM   955  O  OE2 B GLU A 1 127 ? -7.866  7.613   8.238   0.20 20.82 ? 127  GLU A OE2 1 
ATOM   956  N  N   . ALA A 1 128 ? -9.400  10.754  3.553   1.00 22.59 ? 128  ALA A N   1 
ATOM   957  C  CA  . ALA A 1 128 ? -8.195  11.410  3.016   1.00 22.43 ? 128  ALA A CA  1 
ATOM   958  C  C   . ALA A 1 128 ? -8.475  12.831  2.498   1.00 21.99 ? 128  ALA A C   1 
ATOM   959  O  O   . ALA A 1 128 ? -7.587  13.692  2.484   1.00 23.23 ? 128  ALA A O   1 
ATOM   960  C  CB  . ALA A 1 128 ? -7.573  10.561  1.933   1.00 21.73 ? 128  ALA A CB  1 
ATOM   961  N  N   . ASP A 1 129 ? -9.715  13.059  2.087   1.00 20.88 ? 129  ASP A N   1 
ATOM   962  C  CA  . ASP A 1 129 ? -10.187 14.361  1.624   1.00 20.87 ? 129  ASP A CA  1 
ATOM   963  C  C   . ASP A 1 129 ? -10.034 15.396  2.734   1.00 20.76 ? 129  ASP A C   1 
ATOM   964  O  O   . ASP A 1 129 ? -10.448 15.201  3.892   1.00 21.32 ? 129  ASP A O   1 
ATOM   965  C  CB  . ASP A 1 129 ? -11.666 14.232  1.234   1.00 20.24 ? 129  ASP A CB  1 
ATOM   966  C  CG  . ASP A 1 129 ? -12.234 15.483  0.581   1.00 21.69 ? 129  ASP A CG  1 
ATOM   967  O  OD1 . ASP A 1 129 ? -13.495 15.566  0.447   1.00 22.55 ? 129  ASP A OD1 1 
ATOM   968  O  OD2 . ASP A 1 129 ? -11.452 16.390  0.203   1.00 19.40 ? 129  ASP A OD2 1 
ATOM   969  N  N   . ILE A 1 130 ? -9.434  16.511  2.383   1.00 20.66 ? 130  ILE A N   1 
ATOM   970  C  CA  . ILE A 1 130 ? -9.183  17.564  3.359   1.00 19.92 ? 130  ILE A CA  1 
ATOM   971  C  C   . ILE A 1 130 ? -9.993  18.794  3.033   1.00 19.42 ? 130  ILE A C   1 
ATOM   972  O  O   . ILE A 1 130 ? -10.670 19.315  3.917   1.00 19.10 ? 130  ILE A O   1 
ATOM   973  C  CB  . ILE A 1 130 ? -7.667  17.872  3.511   1.00 20.22 ? 130  ILE A CB  1 
ATOM   974  C  CG1 . ILE A 1 130 ? -7.004  16.677  4.244   1.00 20.51 ? 130  ILE A CG1 1 
ATOM   975  C  CG2 . ILE A 1 130 ? -7.432  19.197  4.283   1.00 18.80 ? 130  ILE A CG2 1 
ATOM   976  C  CD1 . ILE A 1 130 ? -5.469  16.618  4.123   1.00 22.38 ? 130  ILE A CD1 1 
ATOM   977  N  N   . ASP A 1 131 ? -9.996  19.219  1.770   1.00 18.32 ? 131  ASP A N   1 
ATOM   978  C  CA  . ASP A 1 131 ? -10.795 20.398  1.411   1.00 18.23 ? 131  ASP A CA  1 
ATOM   979  C  C   . ASP A 1 131 ? -12.315 20.146  1.328   1.00 18.27 ? 131  ASP A C   1 
ATOM   980  O  O   . ASP A 1 131 ? -13.124 21.104  1.282   1.00 19.37 ? 131  ASP A O   1 
ATOM   981  C  CB  . ASP A 1 131 ? -10.257 21.097  0.151   1.00 17.11 ? 131  ASP A CB  1 
ATOM   982  C  CG  . ASP A 1 131 ? -10.153 20.169  -1.017  1.00 17.86 ? 131  ASP A CG  1 
ATOM   983  O  OD1 . ASP A 1 131 ? -10.849 19.144  -1.021  1.00 18.23 ? 131  ASP A OD1 1 
ATOM   984  O  OD2 . ASP A 1 131 ? -9.365  20.437  -1.935  1.00 17.19 ? 131  ASP A OD2 1 
ATOM   985  N  N   . GLY A 1 132 ? -12.712 18.874  1.306   1.00 18.73 ? 132  GLY A N   1 
ATOM   986  C  CA  . GLY A 1 132 ? -14.131 18.502  1.199   1.00 18.35 ? 132  GLY A CA  1 
ATOM   987  C  C   . GLY A 1 132 ? -14.732 18.482  -0.211  1.00 18.05 ? 132  GLY A C   1 
ATOM   988  O  O   . GLY A 1 132 ? -15.968 18.412  -0.368  1.00 17.92 ? 132  GLY A O   1 
ATOM   989  N  N   . ASP A 1 133 ? -13.891 18.531  -1.247  1.00 18.05 ? 133  ASP A N   1 
ATOM   990  C  CA  . ASP A 1 133 ? -14.413 18.493  -2.633  1.00 17.51 ? 133  ASP A CA  1 
ATOM   991  C  C   . ASP A 1 133 ? -14.848 17.077  -3.072  1.00 17.25 ? 133  ASP A C   1 
ATOM   992  O  O   . ASP A 1 133 ? -15.413 16.874  -4.166  1.00 18.21 ? 133  ASP A O   1 
ATOM   993  C  CB  . ASP A 1 133 ? -13.442 19.162  -3.613  1.00 16.74 ? 133  ASP A CB  1 
ATOM   994  C  CG  . ASP A 1 133 ? -12.243 18.319  -3.909  1.00 19.32 ? 133  ASP A CG  1 
ATOM   995  O  OD1 . ASP A 1 133 ? -11.522 18.643  -4.894  1.00 20.63 ? 133  ASP A OD1 1 
ATOM   996  O  OD2 . ASP A 1 133 ? -12.023 17.318  -3.182  1.00 19.09 ? 133  ASP A OD2 1 
ATOM   997  N  N   . GLY A 1 134 ? -14.632 16.104  -2.194  1.00 16.53 ? 134  GLY A N   1 
ATOM   998  C  CA  . GLY A 1 134 ? -15.104 14.739  -2.428  1.00 16.79 ? 134  GLY A CA  1 
ATOM   999  C  C   . GLY A 1 134 ? -14.135 13.891  -3.270  1.00 17.99 ? 134  GLY A C   1 
ATOM   1000 O  O   . GLY A 1 134 ? -14.535 12.829  -3.759  1.00 18.25 ? 134  GLY A O   1 
ATOM   1001 N  N   . GLN A 1 135 ? -12.871 14.346  -3.446  1.00 17.85 ? 135  GLN A N   1 
ATOM   1002 C  CA  . GLN A 1 135 ? -11.805 13.613  -4.177  1.00 17.17 ? 135  GLN A CA  1 
ATOM   1003 C  C   . GLN A 1 135 ? -10.500 13.802  -3.433  1.00 17.59 ? 135  GLN A C   1 
ATOM   1004 O  O   . GLN A 1 135 ? -10.382 14.695  -2.581  1.00 17.50 ? 135  GLN A O   1 
ATOM   1005 C  CB  . GLN A 1 135 ? -11.618 14.193  -5.592  1.00 17.03 ? 135  GLN A CB  1 
ATOM   1006 C  CG  . GLN A 1 135 ? -12.897 14.421  -6.390  1.00 16.57 ? 135  GLN A CG  1 
ATOM   1007 C  CD  . GLN A 1 135 ? -12.670 14.445  -7.894  1.00 17.02 ? 135  GLN A CD  1 
ATOM   1008 O  OE1 . GLN A 1 135 ? -12.722 13.405  -8.558  1.00 20.56 ? 135  GLN A OE1 1 
ATOM   1009 N  NE2 . GLN A 1 135 ? -12.451 15.634  -8.449  1.00 17.54 ? 135  GLN A NE2 1 
ATOM   1010 N  N   . VAL A 1 136 ? -9.475  13.022  -3.761  1.00 17.91 ? 136  VAL A N   1 
ATOM   1011 C  CA  . VAL A 1 136 ? -8.170  13.288  -3.140  1.00 17.72 ? 136  VAL A CA  1 
ATOM   1012 C  C   . VAL A 1 136 ? -7.210  13.909  -4.153  1.00 18.55 ? 136  VAL A C   1 
ATOM   1013 O  O   . VAL A 1 136 ? -6.936  13.293  -5.177  1.00 18.98 ? 136  VAL A O   1 
ATOM   1014 C  CB  . VAL A 1 136 ? -7.592  11.995  -2.527  1.00 18.36 ? 136  VAL A CB  1 
ATOM   1015 C  CG1 . VAL A 1 136 ? -6.373  12.291  -1.664  1.00 16.60 ? 136  VAL A CG1 1 
ATOM   1016 C  CG2 . VAL A 1 136 ? -8.685  11.329  -1.658  1.00 14.70 ? 136  VAL A CG2 1 
ATOM   1017 N  N   . ASN A 1 137 ? -6.747  15.144  -3.915  1.00 18.54 ? 137  ASN A N   1 
ATOM   1018 C  CA  . ASN A 1 137 ? -5.766  15.725  -4.808  1.00 18.56 ? 137  ASN A CA  1 
ATOM   1019 C  C   . ASN A 1 137 ? -4.384  15.342  -4.346  1.00 18.74 ? 137  ASN A C   1 
ATOM   1020 O  O   . ASN A 1 137 ? -4.210  14.626  -3.379  1.00 19.64 ? 137  ASN A O   1 
ATOM   1021 C  CB  . ASN A 1 137 ? -5.900  17.251  -4.941  1.00 18.41 ? 137  ASN A CB  1 
ATOM   1022 C  CG  . ASN A 1 137 ? -5.639  17.984  -3.634  1.00 19.37 ? 137  ASN A CG  1 
ATOM   1023 O  OD1 . ASN A 1 137 ? -5.118  17.417  -2.659  1.00 19.14 ? 137  ASN A OD1 1 
ATOM   1024 N  ND2 . ASN A 1 137 ? -5.991  19.254  -3.610  1.00 17.71 ? 137  ASN A ND2 1 
ATOM   1025 N  N   . TYR A 1 138 ? -3.389  15.854  -5.023  1.00 18.89 ? 138  TYR A N   1 
ATOM   1026 C  CA  . TYR A 1 138 ? -2.028  15.442  -4.751  1.00 19.03 ? 138  TYR A CA  1 
ATOM   1027 C  C   . TYR A 1 138 ? -1.539  15.810  -3.343  1.00 19.74 ? 138  TYR A C   1 
ATOM   1028 O  O   . TYR A 1 138 ? -0.935  14.999  -2.632  1.00 19.45 ? 138  TYR A O   1 
ATOM   1029 C  CB  . TYR A 1 138 ? -1.091  16.046  -5.809  1.00 18.49 ? 138  TYR A CB  1 
ATOM   1030 C  CG  . TYR A 1 138 ? 0.309   15.653  -5.504  1.00 19.76 ? 138  TYR A CG  1 
ATOM   1031 C  CD1 . TYR A 1 138 ? 1.238   16.582  -5.033  1.00 20.92 ? 138  TYR A CD1 1 
ATOM   1032 C  CD2 . TYR A 1 138 ? 0.689   14.335  -5.598  1.00 20.03 ? 138  TYR A CD2 1 
ATOM   1033 C  CE1 . TYR A 1 138 ? 2.531   16.204  -4.724  1.00 18.31 ? 138  TYR A CE1 1 
ATOM   1034 C  CE2 . TYR A 1 138 ? 1.937   13.949  -5.250  1.00 20.38 ? 138  TYR A CE2 1 
ATOM   1035 C  CZ  . TYR A 1 138 ? 2.857   14.880  -4.823  1.00 18.96 ? 138  TYR A CZ  1 
ATOM   1036 O  OH  . TYR A 1 138 ? 4.112   14.439  -4.505  1.00 22.83 ? 138  TYR A OH  1 
ATOM   1037 N  N   . GLU A 1 139 ? -1.739  17.060  -2.933  1.00 20.34 ? 139  GLU A N   1 
ATOM   1038 C  CA  A GLU A 1 139 ? -1.312  17.459  -1.604  0.80 20.77 ? 139  GLU A CA  1 
ATOM   1039 C  CA  B GLU A 1 139 ? -1.286  17.455  -1.612  0.20 19.56 ? 139  GLU A CA  1 
ATOM   1040 C  C   . GLU A 1 139 ? -2.036  16.675  -0.521  1.00 20.12 ? 139  GLU A C   1 
ATOM   1041 O  O   . GLU A 1 139 ? -1.529  16.518  0.576   1.00 20.12 ? 139  GLU A O   1 
ATOM   1042 C  CB  A GLU A 1 139 ? -1.508  18.953  -1.378  0.80 20.90 ? 139  GLU A CB  1 
ATOM   1043 C  CB  B GLU A 1 139 ? -1.397  18.975  -1.404  0.20 19.16 ? 139  GLU A CB  1 
ATOM   1044 C  CG  A GLU A 1 139 ? -1.367  19.355  0.109   0.80 25.66 ? 139  GLU A CG  1 
ATOM   1045 C  CG  B GLU A 1 139 ? -0.642  19.853  -2.433  0.20 16.71 ? 139  GLU A CG  1 
ATOM   1046 C  CD  A GLU A 1 139 ? 0.064   19.229  0.632   0.80 30.00 ? 139  GLU A CD  1 
ATOM   1047 C  CD  B GLU A 1 139 ? 0.879   19.753  -2.341  0.20 13.03 ? 139  GLU A CD  1 
ATOM   1048 O  OE1 A GLU A 1 139 ? 0.998   19.193  -0.208  0.80 31.21 ? 139  GLU A OE1 1 
ATOM   1049 O  OE1 B GLU A 1 139 ? 1.388   19.370  -1.277  0.20 11.90 ? 139  GLU A OE1 1 
ATOM   1050 O  OE2 A GLU A 1 139 ? 0.250   19.186  1.873   0.80 31.23 ? 139  GLU A OE2 1 
ATOM   1051 O  OE2 B GLU A 1 139 ? 1.570   20.065  -3.331  0.20 9.89  ? 139  GLU A OE2 1 
ATOM   1052 N  N   . GLU A 1 140 ? -3.237  16.186  -0.817  1.00 20.23 ? 140  GLU A N   1 
ATOM   1053 C  CA  . GLU A 1 140 ? -3.990  15.443  0.203   1.00 20.17 ? 140  GLU A CA  1 
ATOM   1054 C  C   . GLU A 1 140 ? -3.437  14.006  0.306   1.00 21.19 ? 140  GLU A C   1 
ATOM   1055 O  O   . GLU A 1 140 ? -3.374  13.377  1.389   1.00 21.07 ? 140  GLU A O   1 
ATOM   1056 C  CB  . GLU A 1 140 ? -5.496  15.445  -0.112  1.00 19.05 ? 140  GLU A CB  1 
ATOM   1057 C  CG  . GLU A 1 140 ? -6.191  16.801  0.058   1.00 18.11 ? 140  GLU A CG  1 
ATOM   1058 C  CD  . GLU A 1 140 ? -7.592  16.841  -0.573  1.00 19.71 ? 140  GLU A CD  1 
ATOM   1059 O  OE1 . GLU A 1 140 ? -7.819  16.164  -1.623  1.00 19.98 ? 140  GLU A OE1 1 
ATOM   1060 O  OE2 . GLU A 1 140 ? -8.471  17.572  -0.060  1.00 19.07 ? 140  GLU A OE2 1 
ATOM   1061 N  N   . PHE A 1 141 ? -3.015  13.500  -0.843  1.00 21.97 ? 141  PHE A N   1 
ATOM   1062 C  CA  . PHE A 1 141 ? -2.348  12.195  -0.918  1.00 23.29 ? 141  PHE A CA  1 
ATOM   1063 C  C   . PHE A 1 141 ? -1.008  12.245  -0.177  1.00 23.49 ? 141  PHE A C   1 
ATOM   1064 O  O   . PHE A 1 141 ? -0.658  11.316  0.529   1.00 23.94 ? 141  PHE A O   1 
ATOM   1065 C  CB  . PHE A 1 141 ? -2.142  11.804  -2.392  1.00 22.95 ? 141  PHE A CB  1 
ATOM   1066 C  CG  . PHE A 1 141 ? -1.689  10.386  -2.600  1.00 21.47 ? 141  PHE A CG  1 
ATOM   1067 C  CD1 . PHE A 1 141 ? -0.350  10.098  -2.856  1.00 20.26 ? 141  PHE A CD1 1 
ATOM   1068 C  CD2 . PHE A 1 141 ? -2.607  9.336   -2.573  1.00 21.23 ? 141  PHE A CD2 1 
ATOM   1069 C  CE1 . PHE A 1 141 ? 0.083   8.775   -3.077  1.00 17.79 ? 141  PHE A CE1 1 
ATOM   1070 C  CE2 . PHE A 1 141 ? -2.184  8.041   -2.791  1.00 18.14 ? 141  PHE A CE2 1 
ATOM   1071 C  CZ  . PHE A 1 141 ? -0.834  7.769   -3.052  1.00 18.79 ? 141  PHE A CZ  1 
ATOM   1072 N  N   . VAL A 1 142 ? -0.260  13.330  -0.341  1.00 24.15 ? 142  VAL A N   1 
ATOM   1073 C  CA  . VAL A 1 142 ? 0.996   13.531  0.410   1.00 24.45 ? 142  VAL A CA  1 
ATOM   1074 C  C   . VAL A 1 142 ? 0.815   13.484  1.957   1.00 25.68 ? 142  VAL A C   1 
ATOM   1075 O  O   . VAL A 1 142 ? 1.624   12.890  2.688   1.00 25.12 ? 142  VAL A O   1 
ATOM   1076 C  CB  . VAL A 1 142 ? 1.694   14.888  -0.011  1.00 24.64 ? 142  VAL A CB  1 
ATOM   1077 C  CG1 . VAL A 1 142 ? 2.811   15.313  1.010   1.00 22.31 ? 142  VAL A CG1 1 
ATOM   1078 C  CG2 . VAL A 1 142 ? 2.225   14.836  -1.453  1.00 22.58 ? 142  VAL A CG2 1 
ATOM   1079 N  N   . GLN A 1 143 ? -0.218  14.168  2.446   1.00 27.38 ? 143  GLN A N   1 
ATOM   1080 C  CA  . GLN A 1 143 ? -0.523  14.266  3.880   1.00 29.39 ? 143  GLN A CA  1 
ATOM   1081 C  C   . GLN A 1 143 ? -0.811  12.887  4.401   1.00 30.07 ? 143  GLN A C   1 
ATOM   1082 O  O   . GLN A 1 143 ? -0.382  12.543  5.499   1.00 29.54 ? 143  GLN A O   1 
ATOM   1083 C  CB  . GLN A 1 143 ? -1.776  15.086  4.127   1.00 29.77 ? 143  GLN A CB  1 
ATOM   1084 C  CG  . GLN A 1 143 ? -1.691  16.477  3.672   1.00 35.15 ? 143  GLN A CG  1 
ATOM   1085 C  CD  . GLN A 1 143 ? -0.939  17.275  4.629   1.00 44.13 ? 143  GLN A CD  1 
ATOM   1086 O  OE1 . GLN A 1 143 ? 0.121   16.858  5.113   1.00 45.58 ? 143  GLN A OE1 1 
ATOM   1087 N  NE2 . GLN A 1 143 ? -1.473  18.444  4.947   1.00 47.87 ? 143  GLN A NE2 1 
ATOM   1088 N  N   . MET A 1 144 ? -1.558  12.109  3.612   1.00 31.08 ? 144  MET A N   1 
ATOM   1089 C  CA  . MET A 1 144 ? -1.884  10.752  3.990   1.00 32.73 ? 144  MET A CA  1 
ATOM   1090 C  C   . MET A 1 144 ? -0.629  9.898   4.031   1.00 33.51 ? 144  MET A C   1 
ATOM   1091 O  O   . MET A 1 144 ? -0.436  9.132   4.963   1.00 34.16 ? 144  MET A O   1 
ATOM   1092 C  CB  . MET A 1 144 ? -2.881  10.136  3.026   1.00 33.16 ? 144  MET A CB  1 
ATOM   1093 C  CG  . MET A 1 144 ? -3.059  8.638   3.258   1.00 35.23 ? 144  MET A CG  1 
ATOM   1094 S  SD  . MET A 1 144 ? -4.169  8.000   2.005   1.00 40.60 ? 144  MET A SD  1 
ATOM   1095 C  CE  . MET A 1 144 ? -2.963  7.204   0.959   1.00 40.21 ? 144  MET A CE  1 
ATOM   1096 N  N   . MET A 1 145 ? 0.240   10.044  3.044   1.00 34.14 ? 145  MET A N   1 
ATOM   1097 C  CA  . MET A 1 145 ? 1.494   9.300   3.044   1.00 35.42 ? 145  MET A CA  1 
ATOM   1098 C  C   . MET A 1 145 ? 2.504   9.798   4.085   1.00 36.37 ? 145  MET A C   1 
ATOM   1099 O  O   . MET A 1 145 ? 3.596   9.300   4.176   1.00 36.49 ? 145  MET A O   1 
ATOM   1100 C  CB  . MET A 1 145 ? 2.121   9.317   1.648   1.00 35.12 ? 145  MET A CB  1 
ATOM   1101 C  CG  . MET A 1 145 ? 1.427   8.361   0.685   1.00 36.52 ? 145  MET A CG  1 
ATOM   1102 S  SD  . MET A 1 145 ? 0.683   6.940   1.568   1.00 41.19 ? 145  MET A SD  1 
ATOM   1103 C  CE  . MET A 1 145 ? 2.143   6.068   2.170   1.00 38.93 ? 145  MET A CE  1 
ATOM   1104 N  N   . THR A 1 146 ? 2.103   10.759  4.896   1.00 37.97 ? 146  THR A N   1 
ATOM   1105 C  CA  . THR A 1 146 ? 3.023   11.522  5.704   1.00 39.18 ? 146  THR A CA  1 
ATOM   1106 C  C   . THR A 1 146 ? 2.559   11.478  7.149   1.00 39.73 ? 146  THR A C   1 
ATOM   1107 O  O   . THR A 1 146 ? 3.367   11.661  8.059   1.00 41.22 ? 146  THR A O   1 
ATOM   1108 C  CB  . THR A 1 146 ? 3.015   12.985  5.218   1.00 39.33 ? 146  THR A CB  1 
ATOM   1109 O  OG1 . THR A 1 146 ? 3.521   13.034  3.881   1.00 40.80 ? 146  THR A OG1 1 
ATOM   1110 C  CG2 . THR A 1 146 ? 3.849   13.861  6.120   1.00 39.51 ? 146  THR A CG2 1 
ATOM   1111 N  N   . HIS B 2 1   ? -10.020 3.263   7.995   1.00 36.53 ? 1853 HIS B N   1 
ATOM   1112 C  CA  . HIS B 2 1   ? -10.597 2.529   6.804   1.00 37.23 ? 1853 HIS B CA  1 
ATOM   1113 C  C   . HIS B 2 1   ? -9.692  2.713   5.572   1.00 37.27 ? 1853 HIS B C   1 
ATOM   1114 O  O   . HIS B 2 1   ? -9.483  1.794   4.759   1.00 36.79 ? 1853 HIS B O   1 
ATOM   1115 C  CB  . HIS B 2 1   ? -12.025 2.991   6.511   1.00 36.73 ? 1853 HIS B CB  1 
ATOM   1116 N  N   . MET B 2 2   ? -9.154  3.920   5.464   1.00 37.59 ? 1854 MET B N   1 
ATOM   1117 C  CA  . MET B 2 2   ? -8.198  4.245   4.436   1.00 38.10 ? 1854 MET B CA  1 
ATOM   1118 C  C   . MET B 2 2   ? -6.819  3.751   4.956   1.00 38.29 ? 1854 MET B C   1 
ATOM   1119 O  O   . MET B 2 2   ? -5.836  3.634   4.220   1.00 37.58 ? 1854 MET B O   1 
ATOM   1120 C  CB  . MET B 2 2   ? -8.273  5.749   4.173   1.00 37.46 ? 1854 MET B CB  1 
ATOM   1121 C  CG  . MET B 2 2   ? -7.275  6.277   3.220   1.00 38.48 ? 1854 MET B CG  1 
ATOM   1122 S  SD  . MET B 2 2   ? -7.550  5.690   1.533   1.00 39.32 ? 1854 MET B SD  1 
ATOM   1123 C  CE  . MET B 2 2   ? -8.162  7.163   0.718   1.00 40.80 ? 1854 MET B CE  1 
ATOM   1124 N  N   . GLY B 2 3   ? -6.783  3.415   6.243   1.00 38.93 ? 1855 GLY B N   1 
ATOM   1125 C  CA  . GLY B 2 3   ? -5.552  2.875   6.872   1.00 38.98 ? 1855 GLY B CA  1 
ATOM   1126 C  C   . GLY B 2 3   ? -4.858  1.766   6.083   1.00 39.15 ? 1855 GLY B C   1 
ATOM   1127 O  O   . GLY B 2 3   ? -3.618  1.838   5.877   1.00 39.32 ? 1855 GLY B O   1 
ATOM   1128 N  N   . LYS B 2 4   ? -5.626  0.745   5.674   1.00 38.09 ? 1856 LYS B N   1 
ATOM   1129 C  CA  . LYS B 2 4   ? -5.072  -0.373  4.915   1.00 38.19 ? 1856 LYS B CA  1 
ATOM   1130 C  C   . LYS B 2 4   ? -4.334  0.061   3.660   1.00 37.72 ? 1856 LYS B C   1 
ATOM   1131 O  O   . LYS B 2 4   ? -3.295  -0.513  3.354   1.00 37.67 ? 1856 LYS B O   1 
ATOM   1132 C  CB  . LYS B 2 4   ? -6.134  -1.363  4.531   1.00 38.07 ? 1856 LYS B CB  1 
ATOM   1133 C  CG  . LYS B 2 4   ? -7.172  -0.845  3.591   1.00 41.55 ? 1856 LYS B CG  1 
ATOM   1134 C  CD  . LYS B 2 4   ? -8.459  -1.691  3.767   1.00 47.64 ? 1856 LYS B CD  1 
ATOM   1135 C  CE  . LYS B 2 4   ? -9.364  -1.650  2.535   1.00 52.39 ? 1856 LYS B CE  1 
ATOM   1136 N  NZ  . LYS B 2 4   ? -9.909  -3.019  2.150   1.00 55.13 ? 1856 LYS B NZ  1 
ATOM   1137 N  N   . VAL B 2 5   ? -4.866  1.039   2.913   1.00 36.85 ? 1857 VAL B N   1 
ATOM   1138 C  CA  . VAL B 2 5   ? -4.166  1.571   1.717   1.00 36.03 ? 1857 VAL B CA  1 
ATOM   1139 C  C   . VAL B 2 5   ? -2.830  2.188   2.103   1.00 35.75 ? 1857 VAL B C   1 
ATOM   1140 O  O   . VAL B 2 5   ? -1.800  2.015   1.437   1.00 35.49 ? 1857 VAL B O   1 
ATOM   1141 C  CB  . VAL B 2 5   ? -5.019  2.665   0.996   1.00 35.86 ? 1857 VAL B CB  1 
ATOM   1142 C  CG1 . VAL B 2 5   ? -4.288  3.278   -0.188  1.00 35.15 ? 1857 VAL B CG1 1 
ATOM   1143 C  CG2 . VAL B 2 5   ? -6.312  2.084   0.540   1.00 36.13 ? 1857 VAL B CG2 1 
ATOM   1144 N  N   . TYR B 2 6   ? -2.879  2.964   3.170   1.00 36.26 ? 1858 TYR B N   1 
ATOM   1145 C  CA  . TYR B 2 6   ? -1.707  3.634   3.703   1.00 37.12 ? 1858 TYR B CA  1 
ATOM   1146 C  C   . TYR B 2 6   ? -0.593  2.610   3.935   1.00 37.60 ? 1858 TYR B C   1 
ATOM   1147 O  O   . TYR B 2 6   ? 0.592   2.821   3.538   1.00 38.41 ? 1858 TYR B O   1 
ATOM   1148 C  CB  . TYR B 2 6   ? -2.054  4.378   5.014   1.00 37.44 ? 1858 TYR B CB  1 
ATOM   1149 C  CG  . TYR B 2 6   ? -0.834  4.810   5.828   1.00 38.64 ? 1858 TYR B CG  1 
ATOM   1150 C  CD1 . TYR B 2 6   ? -0.129  5.972   5.516   1.00 39.35 ? 1858 TYR B CD1 1 
ATOM   1151 C  CD2 . TYR B 2 6   ? -0.379  4.044   6.911   1.00 40.71 ? 1858 TYR B CD2 1 
ATOM   1152 C  CE1 . TYR B 2 6   ? 1.004   6.371   6.264   1.00 40.85 ? 1858 TYR B CE1 1 
ATOM   1153 C  CE2 . TYR B 2 6   ? 0.744   4.428   7.664   1.00 40.83 ? 1858 TYR B CE2 1 
ATOM   1154 C  CZ  . TYR B 2 6   ? 1.433   5.593   7.341   1.00 42.12 ? 1858 TYR B CZ  1 
ATOM   1155 O  OH  . TYR B 2 6   ? 2.548   5.976   8.088   1.00 41.35 ? 1858 TYR B OH  1 
ATOM   1156 N  N   . ALA B 2 7   ? -0.963  1.508   4.590   1.00 36.79 ? 1859 ALA B N   1 
ATOM   1157 C  CA  . ALA B 2 7   ? -0.002  0.456   4.905   1.00 36.80 ? 1859 ALA B CA  1 
ATOM   1158 C  C   . ALA B 2 7   ? 0.489   -0.263  3.647   1.00 36.79 ? 1859 ALA B C   1 
ATOM   1159 O  O   . ALA B 2 7   ? 1.701   -0.461  3.505   1.00 36.92 ? 1859 ALA B O   1 
ATOM   1160 C  CB  . ALA B 2 7   ? -0.562  -0.545  5.925   1.00 36.36 ? 1859 ALA B CB  1 
ATOM   1161 N  N   . ALA B 2 8   ? -0.410  -0.663  2.750   1.00 36.31 ? 1860 ALA B N   1 
ATOM   1162 C  CA  . ALA B 2 8   ? 0.044   -1.281  1.510   1.00 37.13 ? 1860 ALA B CA  1 
ATOM   1163 C  C   . ALA B 2 8   ? 1.089   -0.379  0.825   1.00 38.05 ? 1860 ALA B C   1 
ATOM   1164 O  O   . ALA B 2 8   ? 2.092   -0.866  0.285   1.00 38.78 ? 1860 ALA B O   1 
ATOM   1165 C  CB  . ALA B 2 8   ? -1.114  -1.557  0.571   1.00 36.45 ? 1860 ALA B CB  1 
ATOM   1166 N  N   . LEU B 2 9   ? 0.868   0.937   0.880   1.00 38.42 ? 1861 LEU B N   1 
ATOM   1167 C  CA  . LEU B 2 9   ? 1.697   1.889   0.153   1.00 37.89 ? 1861 LEU B CA  1 
ATOM   1168 C  C   . LEU B 2 9   ? 3.032   2.053   0.802   1.00 37.24 ? 1861 LEU B C   1 
ATOM   1169 O  O   . LEU B 2 9   ? 3.994   2.420   0.152   1.00 37.19 ? 1861 LEU B O   1 
ATOM   1170 C  CB  . LEU B 2 9   ? 0.982   3.255   0.029   1.00 38.27 ? 1861 LEU B CB  1 
ATOM   1171 C  CG  . LEU B 2 9   ? -0.269  3.284   -0.858  1.00 39.55 ? 1861 LEU B CG  1 
ATOM   1172 C  CD1 . LEU B 2 9   ? -0.944  4.684   -0.936  1.00 38.59 ? 1861 LEU B CD1 1 
ATOM   1173 C  CD2 . LEU B 2 9   ? 0.054   2.772   -2.282  1.00 38.07 ? 1861 LEU B CD2 1 
ATOM   1174 N  N   . MET B 2 10  ? 3.077   1.796   2.099   1.00 37.51 ? 1862 MET B N   1 
ATOM   1175 C  CA  . MET B 2 10  ? 4.333   1.806   2.836   1.00 37.81 ? 1862 MET B CA  1 
ATOM   1176 C  C   . MET B 2 10  ? 5.203   0.649   2.405   1.00 37.42 ? 1862 MET B C   1 
ATOM   1177 O  O   . MET B 2 10  ? 6.396   0.829   2.161   1.00 37.30 ? 1862 MET B O   1 
ATOM   1178 C  CB  . MET B 2 10  ? 4.115   1.790   4.357   1.00 37.32 ? 1862 MET B CB  1 
ATOM   1179 C  CG  . MET B 2 10  ? 3.524   3.087   4.911   1.00 40.30 ? 1862 MET B CG  1 
ATOM   1180 S  SD  . MET B 2 10  ? 4.452   4.644   4.536   1.00 44.52 ? 1862 MET B SD  1 
ATOM   1181 C  CE  . MET B 2 10  ? 5.970   4.388   5.412   1.00 46.27 ? 1862 MET B CE  1 
ATOM   1182 N  N   . ILE B 2 11  ? 4.612   -0.538  2.326   1.00 37.03 ? 1863 ILE B N   1 
ATOM   1183 C  CA  . ILE B 2 11  ? 5.315   -1.679  1.759   1.00 36.63 ? 1863 ILE B CA  1 
ATOM   1184 C  C   . ILE B 2 11  ? 5.622   -1.382  0.286   1.00 35.84 ? 1863 ILE B C   1 
ATOM   1185 O  O   . ILE B 2 11  ? 6.718   -1.587  -0.166  1.00 35.36 ? 1863 ILE B O   1 
ATOM   1186 C  CB  . ILE B 2 11  ? 4.540   -3.008  1.935   1.00 36.75 ? 1863 ILE B CB  1 
ATOM   1187 C  CG1 . ILE B 2 11  ? 4.776   -3.556  3.333   1.00 38.37 ? 1863 ILE B CG1 1 
ATOM   1188 C  CG2 . ILE B 2 11  ? 5.059   -4.064  0.997   1.00 37.08 ? 1863 ILE B CG2 1 
ATOM   1189 C  CD1 . ILE B 2 11  ? 3.912   -2.946  4.360   1.00 40.28 ? 1863 ILE B CD1 1 
ATOM   1190 N  N   . PHE B 2 12  ? 4.655   -0.875  -0.454  1.00 35.43 ? 1864 PHE B N   1 
ATOM   1191 C  CA  . PHE B 2 12  ? 4.897   -0.517  -1.839  1.00 35.87 ? 1864 PHE B CA  1 
ATOM   1192 C  C   . PHE B 2 12  ? 6.127   0.358   -1.954  1.00 35.68 ? 1864 PHE B C   1 
ATOM   1193 O  O   . PHE B 2 12  ? 6.950   0.158   -2.839  1.00 35.21 ? 1864 PHE B O   1 
ATOM   1194 C  CB  . PHE B 2 12  ? 3.681   0.211   -2.395  1.00 36.23 ? 1864 PHE B CB  1 
ATOM   1195 C  CG  . PHE B 2 12  ? 3.870   0.809   -3.776  1.00 38.49 ? 1864 PHE B CG  1 
ATOM   1196 C  CD1 . PHE B 2 12  ? 3.749   0.018   -4.923  1.00 40.26 ? 1864 PHE B CD1 1 
ATOM   1197 C  CD2 . PHE B 2 12  ? 4.089   2.188   -3.932  1.00 39.10 ? 1864 PHE B CD2 1 
ATOM   1198 C  CE1 . PHE B 2 12  ? 3.861   0.596   -6.206  1.00 41.69 ? 1864 PHE B CE1 1 
ATOM   1199 C  CE2 . PHE B 2 12  ? 4.222   2.775   -5.201  1.00 39.89 ? 1864 PHE B CE2 1 
ATOM   1200 C  CZ  . PHE B 2 12  ? 4.094   1.986   -6.341  1.00 39.89 ? 1864 PHE B CZ  1 
ATOM   1201 N  N   . ASP B 2 13  ? 6.255   1.331   -1.053  1.00 35.49 ? 1865 ASP B N   1 
ATOM   1202 C  CA  . ASP B 2 13  ? 7.374   2.266   -1.119  1.00 34.97 ? 1865 ASP B CA  1 
ATOM   1203 C  C   . ASP B 2 13  ? 8.686   1.709   -0.592  1.00 34.01 ? 1865 ASP B C   1 
ATOM   1204 O  O   . ASP B 2 13  ? 9.760   2.081   -1.079  1.00 33.66 ? 1865 ASP B O   1 
ATOM   1205 C  CB  . ASP B 2 13  ? 7.003   3.585   -0.457  1.00 35.59 ? 1865 ASP B CB  1 
ATOM   1206 C  CG  . ASP B 2 13  ? 6.038   4.395   -1.326  1.00 38.49 ? 1865 ASP B CG  1 
ATOM   1207 O  OD1 . ASP B 2 13  ? 5.995   4.104   -2.556  1.00 40.78 ? 1865 ASP B OD1 1 
ATOM   1208 O  OD2 . ASP B 2 13  ? 5.330   5.291   -0.803  1.00 39.89 ? 1865 ASP B OD2 1 
ATOM   1209 N  N   . PHE B 2 14  ? 8.586   0.823   0.392   1.00 32.85 ? 1866 PHE B N   1 
ATOM   1210 C  CA  . PHE B 2 14  ? 9.726   0.069   0.868   1.00 32.76 ? 1866 PHE B CA  1 
ATOM   1211 C  C   . PHE B 2 14  ? 10.333  -0.761  -0.240  1.00 32.25 ? 1866 PHE B C   1 
ATOM   1212 O  O   . PHE B 2 14  ? 11.562  -0.837  -0.367  1.00 30.61 ? 1866 PHE B O   1 
ATOM   1213 C  CB  . PHE B 2 14  ? 9.362   -0.837  2.050   1.00 33.16 ? 1866 PHE B CB  1 
ATOM   1214 C  CG  . PHE B 2 14  ? 10.542  -1.526  2.662   1.00 35.05 ? 1866 PHE B CG  1 
ATOM   1215 C  CD1 . PHE B 2 14  ? 11.450  -0.835  3.491   1.00 39.03 ? 1866 PHE B CD1 1 
ATOM   1216 C  CD2 . PHE B 2 14  ? 10.748  -2.859  2.418   1.00 37.37 ? 1866 PHE B CD2 1 
ATOM   1217 C  CE1 . PHE B 2 14  ? 12.562  -1.488  4.050   1.00 40.01 ? 1866 PHE B CE1 1 
ATOM   1218 C  CE2 . PHE B 2 14  ? 11.824  -3.532  2.976   1.00 39.89 ? 1866 PHE B CE2 1 
ATOM   1219 C  CZ  . PHE B 2 14  ? 12.752  -2.842  3.771   1.00 41.35 ? 1866 PHE B CZ  1 
ATOM   1220 N  N   . TYR B 2 15  ? 9.472   -1.339  -1.073  1.00 32.49 ? 1867 TYR B N   1 
ATOM   1221 C  CA  . TYR B 2 15  ? 9.949   -1.991  -2.284  1.00 33.87 ? 1867 TYR B CA  1 
ATOM   1222 C  C   . TYR B 2 15  ? 10.743  -1.004  -3.132  1.00 34.55 ? 1867 TYR B C   1 
ATOM   1223 O  O   . TYR B 2 15  ? 11.843  -1.309  -3.632  1.00 34.61 ? 1867 TYR B O   1 
ATOM   1224 C  CB  . TYR B 2 15  ? 8.837   -2.603  -3.152  1.00 33.22 ? 1867 TYR B CB  1 
ATOM   1225 C  CG  . TYR B 2 15  ? 9.312   -2.740  -4.596  1.00 33.65 ? 1867 TYR B CG  1 
ATOM   1226 C  CD1 . TYR B 2 15  ? 10.154  -3.796  -4.982  1.00 34.20 ? 1867 TYR B CD1 1 
ATOM   1227 C  CD2 . TYR B 2 15  ? 8.978   -1.781  -5.563  1.00 34.11 ? 1867 TYR B CD2 1 
ATOM   1228 C  CE1 . TYR B 2 15  ? 10.624  -3.897  -6.285  1.00 33.36 ? 1867 TYR B CE1 1 
ATOM   1229 C  CE2 . TYR B 2 15  ? 9.430   -1.892  -6.876  1.00 33.07 ? 1867 TYR B CE2 1 
ATOM   1230 C  CZ  . TYR B 2 15  ? 10.251  -2.945  -7.225  1.00 33.69 ? 1867 TYR B CZ  1 
ATOM   1231 O  OH  . TYR B 2 15  ? 10.702  -3.049  -8.522  1.00 34.93 ? 1867 TYR B OH  1 
ATOM   1232 N  N   . LYS B 2 16  ? 10.191  0.180   -3.331  1.00 35.19 ? 1868 LYS B N   1 
ATOM   1233 C  CA  . LYS B 2 16  ? 10.930  1.151   -4.149  1.00 36.51 ? 1868 LYS B CA  1 
ATOM   1234 C  C   . LYS B 2 16  ? 12.371  1.468   -3.647  1.00 36.97 ? 1868 LYS B C   1 
ATOM   1235 O  O   . LYS B 2 16  ? 13.346  1.483   -4.419  1.00 36.93 ? 1868 LYS B O   1 
ATOM   1236 C  CB  . LYS B 2 16  ? 10.065  2.382   -4.387  1.00 36.46 ? 1868 LYS B CB  1 
ATOM   1237 C  CG  . LYS B 2 16  ? 8.877   2.014   -5.248  1.00 37.01 ? 1868 LYS B CG  1 
ATOM   1238 C  CD  . LYS B 2 16  ? 8.320   3.219   -5.958  1.00 39.47 ? 1868 LYS B CD  1 
ATOM   1239 C  CE  . LYS B 2 16  ? 7.422   2.791   -7.089  1.00 40.38 ? 1868 LYS B CE  1 
ATOM   1240 N  NZ  . LYS B 2 16  ? 6.390   3.834   -7.348  1.00 41.37 ? 1868 LYS B NZ  1 
ATOM   1241 N  N   . GLN B 2 17  ? 12.482  1.673   -2.341  1.00 37.38 ? 1869 GLN B N   1 
ATOM   1242 C  CA  . GLN B 2 17  ? 13.739  1.821   -1.660  1.00 38.18 ? 1869 GLN B CA  1 
ATOM   1243 C  C   . GLN B 2 17  ? 14.731  0.697   -1.958  1.00 38.01 ? 1869 GLN B C   1 
ATOM   1244 O  O   . GLN B 2 17  ? 15.940  0.864   -1.805  1.00 38.38 ? 1869 GLN B O   1 
ATOM   1245 C  CB  . GLN B 2 17  ? 13.449  1.825   -0.164  1.00 38.83 ? 1869 GLN B CB  1 
ATOM   1246 C  CG  . GLN B 2 17  ? 14.606  2.245   0.660   1.00 42.88 ? 1869 GLN B CG  1 
ATOM   1247 C  CD  . GLN B 2 17  ? 14.258  2.265   2.132   1.00 47.76 ? 1869 GLN B CD  1 
ATOM   1248 O  OE1 . GLN B 2 17  ? 13.152  2.697   2.514   1.00 51.03 ? 1869 GLN B OE1 1 
ATOM   1249 N  NE2 . GLN B 2 17  ? 15.186  1.783   2.971   1.00 47.84 ? 1869 GLN B NE2 1 
ATOM   1250 N  N   . ASN B 2 18  ? 14.228  -0.462  -2.352  1.00 37.60 ? 1870 ASN B N   1 
ATOM   1251 C  CA  . ASN B 2 18  ? 15.064  -1.638  -2.492  1.00 37.67 ? 1870 ASN B CA  1 
ATOM   1252 C  C   . ASN B 2 18  ? 15.309  -2.027  -3.944  1.00 37.83 ? 1870 ASN B C   1 
ATOM   1253 O  O   . ASN B 2 18  ? 15.773  -3.111  -4.223  1.00 37.98 ? 1870 ASN B O   1 
ATOM   1254 C  CB  . ASN B 2 18  ? 14.443  -2.803  -1.708  1.00 37.36 ? 1870 ASN B CB  1 
ATOM   1255 C  CG  . ASN B 2 18  ? 14.724  -2.710  -0.178  1.00 37.48 ? 1870 ASN B CG  1 
ATOM   1256 O  OD1 . ASN B 2 18  ? 15.766  -3.201  0.295   1.00 37.59 ? 1870 ASN B OD1 1 
ATOM   1257 N  ND2 . ASN B 2 18  ? 13.782  -2.117  0.597   1.00 33.15 ? 1870 ASN B ND2 1 
ATOM   1258 N  N   . LYS B 2 19  ? 14.982  -1.134  -4.867  1.00 38.49 ? 1871 LYS B N   1 
ATOM   1259 C  CA  . LYS B 2 19  ? 15.176  -1.392  -6.291  1.00 39.31 ? 1871 LYS B CA  1 
ATOM   1260 C  C   . LYS B 2 19  ? 16.661  -1.423  -6.722  1.00 39.26 ? 1871 LYS B C   1 
ATOM   1261 O  O   . LYS B 2 19  ? 17.520  -0.732  -6.167  1.00 38.44 ? 1871 LYS B O   1 
ATOM   1262 C  CB  . LYS B 2 19  ? 14.399  -0.369  -7.140  1.00 39.33 ? 1871 LYS B CB  1 
ATOM   1263 C  CG  . LYS B 2 19  ? 12.931  -0.744  -7.369  1.00 41.57 ? 1871 LYS B CG  1 
ATOM   1264 C  CD  . LYS B 2 19  ? 12.102  0.460   -7.825  1.00 42.26 ? 1871 LYS B CD  1 
ATOM   1265 C  CE  . LYS B 2 19  ? 11.992  0.538   -9.343  1.00 43.57 ? 1871 LYS B CE  1 
ATOM   1266 N  NZ  . LYS B 2 19  ? 10.926  1.513   -9.722  1.00 45.48 ? 1871 LYS B NZ  1 
ATOM   1267 N  N   . THR B 2 20  ? 16.941  -2.240  -7.726  1.00 39.72 ? 1872 THR B N   1 
ATOM   1268 C  CA  . THR B 2 20  ? 18.216  -2.209  -8.400  1.00 41.01 ? 1872 THR B CA  1 
ATOM   1269 C  C   . THR B 2 20  ? 17.940  -2.038  -9.884  1.00 42.91 ? 1872 THR B C   1 
ATOM   1270 O  O   . THR B 2 20  ? 17.238  -2.828  -10.494 1.00 42.54 ? 1872 THR B O   1 
ATOM   1271 C  CB  . THR B 2 20  ? 18.997  -3.499  -8.217  1.00 40.12 ? 1872 THR B CB  1 
ATOM   1272 O  OG1 . THR B 2 20  ? 19.411  -3.625  -6.852  1.00 37.94 ? 1872 THR B OG1 1 
ATOM   1273 C  CG2 . THR B 2 20  ? 20.204  -3.487  -9.156  1.00 40.15 ? 1872 THR B CG2 1 
ATOM   1274 N  N   . SER B 2 21  ? 18.499  -0.992  -10.456 1.00 46.55 ? 1873 SER B N   1 
ATOM   1275 C  CA  . SER B 2 21  ? 18.297  -0.686  -11.877 1.00 49.67 ? 1873 SER B CA  1 
ATOM   1276 C  C   . SER B 2 21  ? 19.008  -1.678  -12.822 1.00 51.32 ? 1873 SER B C   1 
ATOM   1277 O  O   . SER B 2 21  ? 19.595  -2.682  -12.370 1.00 51.52 ? 1873 SER B O   1 
ATOM   1278 C  CB  . SER B 2 21  ? 18.705  0.768   -12.191 1.00 49.22 ? 1873 SER B CB  1 
ATOM   1279 N  N   . ARG B 2 22  ? 18.990  -1.312  -14.107 1.00 53.68 ? 1874 ARG B N   1 
ATOM   1280 C  CA  . ARG B 2 22  ? 19.086  -2.210  -15.279 1.00 55.44 ? 1874 ARG B CA  1 
ATOM   1281 C  C   . ARG B 2 22  ? 20.385  -2.989  -15.530 1.00 56.64 ? 1874 ARG B C   1 
ATOM   1282 O  O   . ARG B 2 22  ? 21.414  -2.419  -15.916 1.00 57.40 ? 1874 ARG B O   1 
ATOM   1283 C  CB  . ARG B 2 22  ? 18.709  -1.435  -16.554 1.00 55.23 ? 1874 ARG B CB  1 
ATOM   1284 N  N   . ASP B 2 23  ? 20.295  -4.305  -15.344 1.00 57.87 ? 1875 ASP B N   1 
ATOM   1285 C  CA  . ASP B 2 23  ? 21.333  -5.252  -15.759 1.00 58.54 ? 1875 ASP B CA  1 
ATOM   1286 C  C   . ASP B 2 23  ? 22.399  -4.556  -16.602 1.00 58.90 ? 1875 ASP B C   1 
ATOM   1287 O  O   . ASP B 2 23  ? 23.436  -4.137  -16.079 1.00 59.55 ? 1875 ASP B O   1 
ATOM   1288 C  CB  . ASP B 2 23  ? 20.710  -6.439  -16.529 1.00 58.34 ? 1875 ASP B CB  1 
HETATM 1289 CA CA  . CA  C 3 .   ? 0.877   -16.310 2.505   1.00 26.09 ? 501  CA  A CA  1 
HETATM 1290 CA CA  . CA  D 3 .   ? 10.806  -13.770 8.870   1.00 30.32 ? 502  CA  A CA  1 
HETATM 1291 CA CA  . CA  E 3 .   ? -8.403  11.136  -11.711 1.00 21.60 ? 503  CA  A CA  1 
HETATM 1292 CA CA  . CA  F 3 .   ? -10.181 16.976  -1.737  1.00 20.71 ? 504  CA  A CA  1 
HETATM 1293 NI NI  . NI  G 4 .   ? -16.925 -0.104  7.958   1.00 81.58 ? 505  NI  A NI  1 
HETATM 1294 O  O   . HOH H 5 .   ? -3.671  17.390  -7.747  1.00 24.74 ? 506  HOH A O   1 
HETATM 1295 O  O   . HOH H 5 .   ? -2.721  -8.095  -5.821  1.00 22.20 ? 507  HOH A O   1 
HETATM 1296 O  O   . HOH H 5 .   ? 3.330   -17.735 -1.423  1.00 23.08 ? 508  HOH A O   1 
HETATM 1297 O  O   . HOH H 5 .   ? -9.050  18.046  -3.571  1.00 17.42 ? 509  HOH A O   1 
HETATM 1298 O  O   . HOH H 5 .   ? -12.908 18.244  -7.074  0.50 8.45  ? 510  HOH A O   1 
HETATM 1299 O  O   . HOH H 5 .   ? -12.062 13.268  -11.314 1.00 20.27 ? 511  HOH A O   1 
HETATM 1300 O  O   . HOH H 5 .   ? 17.434  -6.790  -9.650  1.00 27.44 ? 512  HOH A O   1 
HETATM 1301 O  O   . HOH H 5 .   ? -15.594 14.121  1.453   1.00 27.76 ? 513  HOH A O   1 
HETATM 1302 O  O   . HOH H 5 .   ? 7.315   -15.731 8.688   1.00 26.56 ? 514  HOH A O   1 
HETATM 1303 O  O   . HOH H 5 .   ? -5.040  13.161  3.450   1.00 20.95 ? 515  HOH A O   1 
HETATM 1304 O  O   . HOH H 5 .   ? -22.824 0.770   -0.218  1.00 22.75 ? 516  HOH A O   1 
HETATM 1305 O  O   . HOH H 5 .   ? -7.543  3.846   -10.272 1.00 38.60 ? 517  HOH A O   1 
HETATM 1306 O  O   . HOH H 5 .   ? -15.146 10.852  -5.770  1.00 26.45 ? 518  HOH A O   1 
HETATM 1307 O  O   . HOH H 5 .   ? -0.356  -9.349  -10.044 1.00 16.19 ? 519  HOH A O   1 
HETATM 1308 O  O   . HOH H 5 .   ? 7.624   -8.881  -11.415 1.00 25.29 ? 520  HOH A O   1 
HETATM 1309 O  O   . HOH H 5 .   ? 12.970  -3.625  -11.314 1.00 36.61 ? 521  HOH A O   1 
HETATM 1310 O  O   . HOH H 5 .   ? 9.547   -2.061  -10.978 1.00 43.33 ? 522  HOH A O   1 
HETATM 1311 O  O   . HOH H 5 .   ? -16.336 8.322   -8.536  1.00 24.70 ? 523  HOH A O   1 
HETATM 1312 O  O   . HOH H 5 .   ? 2.204   -17.945 1.348   1.00 21.90 ? 524  HOH A O   1 
HETATM 1313 O  O   . HOH H 5 .   ? 0.227   18.990  -7.670  1.00 34.27 ? 525  HOH A O   1 
HETATM 1314 O  O   . HOH H 5 .   ? -1.325  -7.831  -11.820 1.00 20.87 ? 526  HOH A O   1 
HETATM 1315 O  O   . HOH H 5 .   ? 16.093  -11.815 -13.451 1.00 32.04 ? 527  HOH A O   1 
HETATM 1316 O  O   . HOH H 5 .   ? -13.615 -1.468  -10.153 1.00 50.11 ? 528  HOH A O   1 
HETATM 1317 O  O   . HOH H 5 .   ? -12.971 -2.819  -4.450  1.00 37.56 ? 529  HOH A O   1 
HETATM 1318 O  O   . HOH H 5 .   ? -9.887  7.001   -14.192 1.00 35.19 ? 530  HOH A O   1 
HETATM 1319 O  O   . HOH H 5 .   ? -15.139 12.230  -8.443  1.00 27.66 ? 531  HOH A O   1 
HETATM 1320 O  O   . HOH H 5 .   ? -17.526 17.478  1.775   1.00 34.56 ? 532  HOH A O   1 
HETATM 1321 O  O   . HOH H 5 .   ? -8.166  -6.631  3.652   1.00 44.73 ? 533  HOH A O   1 
HETATM 1322 O  O   . HOH H 5 .   ? -3.340  -13.208 7.013   1.00 32.63 ? 534  HOH A O   1 
HETATM 1323 O  O   . HOH H 5 .   ? -10.839 11.431  -12.242 1.00 26.75 ? 535  HOH A O   1 
HETATM 1324 O  O   . HOH H 5 .   ? 3.410   -4.793  -13.668 1.00 30.58 ? 536  HOH A O   1 
HETATM 1325 O  O   . HOH H 5 .   ? 9.498   -15.652 0.758   1.00 32.69 ? 537  HOH A O   1 
HETATM 1326 O  O   . HOH H 5 .   ? 4.022   -19.269 2.845   1.00 32.02 ? 538  HOH A O   1 
HETATM 1327 O  O   . HOH H 5 .   ? -9.369  -6.120  10.093  1.00 45.19 ? 539  HOH A O   1 
HETATM 1328 O  O   . HOH H 5 .   ? 19.196  -6.359  1.706   1.00 36.40 ? 540  HOH A O   1 
HETATM 1329 O  O   . HOH H 5 .   ? -18.353 6.820   -8.202  1.00 33.83 ? 541  HOH A O   1 
HETATM 1330 O  O   . HOH H 5 .   ? -3.402  -9.766  -7.866  1.00 30.51 ? 542  HOH A O   1 
HETATM 1331 O  O   . HOH H 5 .   ? 9.232   -14.643 10.214  1.00 31.20 ? 543  HOH A O   1 
HETATM 1332 O  O   . HOH H 5 .   ? 7.944   -19.378 6.245   1.00 27.42 ? 544  HOH A O   1 
HETATM 1333 O  O   . HOH H 5 .   ? -4.948  12.344  6.045   1.00 34.58 ? 545  HOH A O   1 
HETATM 1334 O  O   . HOH H 5 .   ? -0.218  -6.740  -14.060 1.00 15.62 ? 546  HOH A O   1 
HETATM 1335 O  O   . HOH H 5 .   ? -4.302  -15.726 9.324   1.00 49.41 ? 547  HOH A O   1 
HETATM 1336 O  O   . HOH H 5 .   ? -2.030  -11.950 11.088  1.00 44.38 ? 548  HOH A O   1 
HETATM 1337 O  O   . HOH H 5 .   ? 9.195   -18.186 0.210   1.00 31.85 ? 549  HOH A O   1 
HETATM 1338 O  O   . HOH H 5 .   ? 3.607   -21.265 7.519   1.00 50.12 ? 550  HOH A O   1 
HETATM 1339 O  O   . HOH H 5 .   ? 8.161   -17.007 -2.324  1.00 39.44 ? 551  HOH A O   1 
HETATM 1340 O  O   . HOH H 5 .   ? 3.596   1.387   -10.290 1.00 28.62 ? 552  HOH A O   1 
HETATM 1341 O  O   . HOH H 5 .   ? 11.824  -6.903  11.552  1.00 27.56 ? 553  HOH A O   1 
HETATM 1342 O  O   . HOH H 5 .   ? -17.105 -0.540  -12.509 1.00 51.50 ? 554  HOH A O   1 
HETATM 1343 O  O   . HOH H 5 .   ? -19.679 -0.868  8.663   1.00 42.38 ? 555  HOH A O   1 
HETATM 1344 O  O   . HOH H 5 .   ? -10.781 21.174  -5.357  1.00 22.69 ? 556  HOH A O   1 
HETATM 1345 O  O   . HOH H 5 .   ? 16.440  -6.670  10.292  1.00 42.58 ? 557  HOH A O   1 
HETATM 1346 O  O   . HOH H 5 .   ? 13.261  -14.614 0.783   1.00 34.08 ? 558  HOH A O   1 
HETATM 1347 O  O   . HOH H 5 .   ? 10.037  -12.488 13.124  1.00 46.50 ? 559  HOH A O   1 
HETATM 1348 O  O   . HOH H 5 .   ? 10.741  -4.386  14.837  1.00 41.36 ? 560  HOH A O   1 
HETATM 1349 O  O   . HOH H 5 .   ? -1.700  12.487  -11.899 1.00 33.86 ? 561  HOH A O   1 
HETATM 1350 O  O   . HOH H 5 .   ? -2.415  19.191  -4.466  1.00 29.57 ? 562  HOH A O   1 
HETATM 1351 O  O   . HOH H 5 .   ? -11.763 22.345  -3.211  1.00 24.69 ? 563  HOH A O   1 
HETATM 1352 O  O   . HOH H 5 .   ? -13.028 4.145   -17.023 1.00 46.39 ? 564  HOH A O   1 
HETATM 1353 O  O   . HOH H 5 .   ? -18.555 18.335  4.477   1.00 44.22 ? 565  HOH A O   1 
HETATM 1354 O  O   . HOH H 5 .   ? 5.971   5.951   -12.170 1.00 53.10 ? 566  HOH A O   1 
HETATM 1355 O  O   . HOH H 5 .   ? -12.540 8.991   -12.103 1.00 26.74 ? 567  HOH A O   1 
HETATM 1356 O  O   . HOH H 5 .   ? -17.190 -5.571  2.666   1.00 42.64 ? 568  HOH A O   1 
HETATM 1357 O  O   . HOH H 5 .   ? -17.362 -8.439  5.180   1.00 55.01 ? 569  HOH A O   1 
HETATM 1358 O  O   . HOH H 5 .   ? -18.682 5.269   -4.095  1.00 53.37 ? 570  HOH A O   1 
HETATM 1359 O  O   . HOH H 5 .   ? -5.352  -13.204 3.613   1.00 45.10 ? 571  HOH A O   1 
HETATM 1360 O  O   . HOH H 5 .   ? -7.341  22.208  -1.689  1.00 26.58 ? 572  HOH A O   1 
HETATM 1361 O  O   . HOH H 5 .   ? -8.193  -10.212 1.637   1.00 44.48 ? 573  HOH A O   1 
HETATM 1362 O  O   . HOH H 5 .   ? 6.954   -20.689 -1.148  1.00 40.25 ? 574  HOH A O   1 
HETATM 1363 O  O   . HOH H 5 .   ? 18.044  -9.827  -10.954 1.00 41.93 ? 575  HOH A O   1 
HETATM 1364 O  O   . HOH H 5 .   ? 16.181  -12.891 4.291   1.00 50.84 ? 576  HOH A O   1 
HETATM 1365 O  O   . HOH H 5 .   ? -8.466  6.268   -16.958 1.00 37.84 ? 577  HOH A O   1 
HETATM 1366 O  O   . HOH H 5 .   ? -4.060  -1.310  -9.639  1.00 51.23 ? 578  HOH A O   1 
HETATM 1367 O  O   . HOH H 5 .   ? -21.363 3.781   -7.220  1.00 42.46 ? 579  HOH A O   1 
HETATM 1368 O  O   . HOH I 5 .   ? 10.957  3.601   -8.127  1.00 53.21 ? 14   HOH B O   1 
HETATM 1369 O  O   . HOH I 5 .   ? 17.508  -4.889  -5.050  1.00 26.20 ? 39   HOH B O   1 
HETATM 1370 O  O   . HOH I 5 .   ? 15.016  -0.894  -14.590 0.50 30.19 ? 44   HOH B O   1 
HETATM 1371 O  O   . HOH I 5 .   ? 21.501  -5.115  -5.661  1.00 34.48 ? 61   HOH B O   1 
# 
